data_6PP1
#
_entry.id   6PP1
#
_cell.length_a   59.585
_cell.length_b   153.030
_cell.length_c   108.781
_cell.angle_alpha   90.00
_cell.angle_beta   90.78
_cell.angle_gamma   90.00
#
_symmetry.space_group_name_H-M   'P 1 21 1'
#
loop_
_entity.id
_entity.type
_entity.pdbx_description
1 polymer 'Nitric oxide synthase, endothelial'
2 non-polymer 'PROTOPORPHYRIN IX CONTAINING FE'
3 non-polymer 5,6,7,8-TETRAHYDROBIOPTERIN
4 non-polymer 7-[3-(aminomethyl)-4-(cyclopropylmethoxy)phenyl]-4-methylquinolin-2-amine
5 non-polymer 2-[BIS-(2-HYDROXY-ETHYL)-AMINO]-2-HYDROXYMETHYL-PROPANE-1,3-DIOL
6 non-polymer GLYCEROL
7 non-polymer 'CHLORIDE ION'
8 non-polymer 'GADOLINIUM ATOM'
9 non-polymer 'ZINC ION'
10 water water
#
_entity_poly.entity_id   1
_entity_poly.type   'polypeptide(L)'
_entity_poly.pdbx_seq_one_letter_code
;APASLLPPAPEHSPPSSPLTQPPEGPKFPRVKNWEVGSITYDTLSAQAQQDGPCTPRRCLGSLVFPRKLQGRPSPGPPAP
EQLLSQARDFINQYYSSIKRSGSQAHEQRLQEVEAEVAATGTYQLRESELVFGAKQAWRNAPRCVGRIQWGKLQVFDARD
CRSAQEMFTYICNHIKYATNRGNLRSAITVFPQRCPGRGDFRIWNSQLVRYAGYRQQDGSVRGDPANVEITELCIQHGWT
PGNGRFDVLPLLLQAPDEPPELFLLPPELVLEVPLEHPTLEWFAALGLRWYALPAVSNMLLEIGGLEFPAAPFSGWYMST
EIGTRNLCDPHRYNILEDVAVCMDLDTRTTSSLWKDKAAVEINVAVLHSYQLAKVTIVDHHAATASFMKHLENEQKARGG
CPADWAWIVPPISGSLTPVFHQEMVNYFLSPAFRYQPDPW
;
_entity_poly.pdbx_strand_id   A,B,C,D
#
loop_
_chem_comp.id
_chem_comp.type
_chem_comp.name
_chem_comp.formula
BTB non-polymer 2-[BIS-(2-HYDROXY-ETHYL)-AMINO]-2-HYDROXYMETHYL-PROPANE-1,3-DIOL 'C8 H19 N O5'
CL non-polymer 'CHLORIDE ION' 'Cl -1'
GD non-polymer 'GADOLINIUM ATOM' Gd
GOL non-polymer GLYCEROL 'C3 H8 O3'
H4B non-polymer 5,6,7,8-TETRAHYDROBIOPTERIN 'C9 H15 N5 O3'
HEM non-polymer 'PROTOPORPHYRIN IX CONTAINING FE' 'C34 H32 Fe N4 O4'
OU1 non-polymer 7-[3-(aminomethyl)-4-(cyclopropylmethoxy)phenyl]-4-methylquinolin-2-amine 'C21 H23 N3 O'
ZN non-polymer 'ZINC ION' 'Zn 2'
#
# COMPACT_ATOMS: atom_id res chain seq x y z
N PHE A 28 47.24 -6.89 17.39
CA PHE A 28 45.92 -7.54 17.32
C PHE A 28 44.78 -6.53 17.09
N PRO A 29 44.29 -6.46 15.86
CA PRO A 29 43.32 -5.41 15.50
C PRO A 29 42.04 -5.51 16.31
N ARG A 30 41.61 -4.36 16.83
CA ARG A 30 40.33 -4.28 17.53
C ARG A 30 39.20 -4.12 16.52
N VAL A 31 38.10 -4.85 16.72
CA VAL A 31 37.02 -4.98 15.75
C VAL A 31 35.71 -4.71 16.47
N LYS A 32 34.95 -3.73 16.00
CA LYS A 32 33.72 -3.30 16.65
C LYS A 32 32.51 -3.59 15.78
N ASN A 33 31.43 -4.05 16.41
CA ASN A 33 30.11 -4.06 15.78
C ASN A 33 29.35 -2.83 16.24
N TRP A 34 28.96 -1.98 15.30
CA TRP A 34 28.39 -0.67 15.61
C TRP A 34 26.90 -0.72 15.87
N GLU A 35 26.23 -1.84 15.59
CA GLU A 35 24.82 -1.98 15.89
C GLU A 35 24.62 -2.34 17.36
N VAL A 36 25.46 -3.22 17.88
CA VAL A 36 25.30 -3.75 19.23
C VAL A 36 26.28 -3.06 20.18
N GLY A 37 27.43 -2.65 19.65
CA GLY A 37 28.50 -2.08 20.46
C GLY A 37 29.55 -3.07 20.94
N SER A 38 29.49 -4.32 20.48
CA SER A 38 30.40 -5.34 20.97
C SER A 38 31.76 -5.23 20.28
N ILE A 39 32.80 -5.67 20.99
CA ILE A 39 34.19 -5.56 20.57
C ILE A 39 34.85 -6.93 20.63
N THR A 40 35.60 -7.27 19.58
CA THR A 40 36.50 -8.44 19.59
C THR A 40 37.87 -8.01 19.09
N TYR A 41 38.85 -8.90 19.24
CA TYR A 41 40.19 -8.76 18.71
C TYR A 41 40.49 -9.91 17.76
N ASP A 42 41.00 -9.59 16.58
CA ASP A 42 41.33 -10.60 15.58
C ASP A 42 42.78 -11.03 15.81
N THR A 43 42.95 -12.11 16.58
CA THR A 43 44.28 -12.67 16.80
C THR A 43 44.70 -13.60 15.67
N LEU A 44 43.74 -14.12 14.90
CA LEU A 44 44.05 -15.02 13.80
C LEU A 44 44.79 -14.31 12.67
N SER A 45 44.59 -12.99 12.55
CA SER A 45 45.29 -12.20 11.55
C SER A 45 46.80 -12.37 11.63
N ALA A 46 47.32 -12.58 12.84
CA ALA A 46 48.77 -12.71 13.04
C ALA A 46 49.38 -13.88 12.28
N GLN A 47 48.58 -14.73 11.64
CA GLN A 47 49.08 -15.88 10.90
C GLN A 47 49.05 -15.71 9.40
N ALA A 48 48.74 -14.51 8.91
CA ALA A 48 48.57 -14.31 7.47
C ALA A 48 49.84 -14.65 6.71
N GLN A 49 49.70 -15.38 5.60
CA GLN A 49 50.83 -15.74 4.76
C GLN A 49 51.03 -14.74 3.63
N GLN A 50 50.35 -14.95 2.51
CA GLN A 50 50.53 -14.10 1.34
C GLN A 50 50.23 -12.64 1.68
N ASP A 51 51.07 -11.75 1.18
CA ASP A 51 50.87 -10.33 1.43
C ASP A 51 49.75 -9.79 0.55
N GLY A 52 48.84 -9.03 1.16
CA GLY A 52 47.79 -8.37 0.43
C GLY A 52 48.29 -7.12 -0.25
N PRO A 53 47.37 -6.39 -0.87
CA PRO A 53 47.76 -5.22 -1.68
C PRO A 53 47.90 -3.91 -0.93
N CYS A 54 47.56 -3.85 0.36
CA CYS A 54 47.48 -2.56 1.06
C CYS A 54 48.82 -2.22 1.70
N THR A 55 49.03 -0.92 1.93
CA THR A 55 50.20 -0.43 2.62
C THR A 55 49.77 0.67 3.59
N PRO A 56 50.60 0.99 4.58
CA PRO A 56 50.29 2.12 5.48
C PRO A 56 49.86 3.38 4.76
N ARG A 57 50.34 3.61 3.54
CA ARG A 57 50.03 4.86 2.87
C ARG A 57 48.81 4.80 1.96
N ARG A 58 48.28 3.62 1.63
CA ARG A 58 47.12 3.55 0.75
C ARG A 58 46.47 2.18 0.83
N CYS A 59 45.14 2.19 0.90
CA CYS A 59 44.35 0.97 0.96
C CYS A 59 43.81 0.63 -0.43
N LEU A 60 43.97 -0.64 -0.82
CA LEU A 60 43.48 -1.15 -2.09
C LEU A 60 42.44 -2.24 -1.89
N GLY A 61 41.68 -2.18 -0.79
CA GLY A 61 40.73 -3.23 -0.49
C GLY A 61 39.62 -3.38 -1.50
N SER A 62 39.31 -2.33 -2.26
CA SER A 62 38.21 -2.41 -3.21
C SER A 62 38.62 -3.00 -4.55
N LEU A 63 39.91 -3.29 -4.76
CA LEU A 63 40.33 -3.84 -6.05
C LEU A 63 39.87 -5.29 -6.16
N VAL A 64 39.32 -5.64 -7.32
CA VAL A 64 38.81 -7.00 -7.51
C VAL A 64 39.97 -7.99 -7.53
N PHE A 65 41.01 -7.70 -8.29
CA PHE A 65 42.21 -8.54 -8.32
C PHE A 65 43.37 -7.80 -7.67
N PRO A 66 43.83 -8.24 -6.50
CA PRO A 66 45.02 -7.62 -5.88
C PRO A 66 46.30 -7.84 -6.69
N ARG A 67 46.62 -6.91 -7.58
CA ARG A 67 47.84 -6.95 -8.39
C ARG A 67 48.11 -8.33 -9.01
N PRO A 80 62.71 -25.86 -5.36
CA PRO A 80 61.97 -25.41 -4.18
C PRO A 80 62.19 -26.25 -2.91
N GLU A 81 62.65 -25.60 -1.85
CA GLU A 81 62.40 -26.04 -0.49
C GLU A 81 61.31 -25.19 0.15
N GLN A 82 60.75 -24.23 -0.60
CA GLN A 82 59.54 -23.53 -0.17
C GLN A 82 58.36 -24.49 -0.07
N LEU A 83 58.39 -25.58 -0.82
CA LEU A 83 57.29 -26.54 -0.79
C LEU A 83 57.19 -27.23 0.57
N LEU A 84 58.35 -27.57 1.15
CA LEU A 84 58.36 -28.26 2.45
C LEU A 84 57.84 -27.35 3.57
N SER A 85 58.17 -26.06 3.52
CA SER A 85 57.66 -25.14 4.53
C SER A 85 56.14 -25.08 4.52
N GLN A 86 55.54 -25.00 3.33
CA GLN A 86 54.09 -24.96 3.24
C GLN A 86 53.46 -26.31 3.54
N ALA A 87 54.11 -27.41 3.18
CA ALA A 87 53.58 -28.73 3.51
C ALA A 87 53.64 -28.99 5.01
N ARG A 88 54.78 -28.70 5.64
CA ARG A 88 54.90 -28.88 7.07
C ARG A 88 53.83 -28.10 7.81
N ASP A 89 53.65 -26.83 7.44
CA ASP A 89 52.62 -25.99 8.07
C ASP A 89 51.24 -26.61 7.90
N PHE A 90 50.92 -27.10 6.70
CA PHE A 90 49.58 -27.65 6.46
C PHE A 90 49.39 -28.96 7.23
N ILE A 91 50.41 -29.81 7.28
CA ILE A 91 50.31 -31.04 8.06
C ILE A 91 50.06 -30.73 9.52
N ASN A 92 50.73 -29.70 10.04
CA ASN A 92 50.49 -29.26 11.41
C ASN A 92 49.05 -28.83 11.60
N GLN A 93 48.49 -28.08 10.63
CA GLN A 93 47.09 -27.67 10.72
C GLN A 93 46.18 -28.89 10.83
N TYR A 94 46.44 -29.89 9.99
CA TYR A 94 45.60 -31.08 9.96
C TYR A 94 45.57 -31.79 11.31
N TYR A 95 46.74 -32.05 11.88
CA TYR A 95 46.79 -32.77 13.15
C TYR A 95 46.35 -31.93 14.33
N SER A 96 46.43 -30.61 14.23
CA SER A 96 45.81 -29.75 15.23
C SER A 96 44.29 -29.92 15.24
N SER A 97 43.68 -29.90 14.05
CA SER A 97 42.23 -29.96 13.93
C SER A 97 41.63 -31.25 14.46
N ILE A 98 42.41 -32.33 14.54
CA ILE A 98 41.92 -33.59 15.08
C ILE A 98 42.51 -33.87 16.46
N LYS A 99 43.04 -32.85 17.13
CA LYS A 99 43.62 -32.99 18.47
C LYS A 99 44.79 -33.96 18.50
N ARG A 100 45.56 -34.03 17.41
CA ARG A 100 46.63 -35.01 17.31
C ARG A 100 47.99 -34.36 17.04
N SER A 101 48.14 -33.11 17.43
CA SER A 101 49.46 -32.51 17.47
C SER A 101 50.28 -33.14 18.59
N GLY A 102 51.57 -33.26 18.37
CA GLY A 102 52.45 -33.76 19.41
C GLY A 102 52.47 -35.26 19.56
N SER A 103 52.75 -35.96 18.46
CA SER A 103 53.22 -37.35 18.35
C SER A 103 52.33 -38.23 17.48
N GLN A 104 52.75 -39.49 17.33
CA GLN A 104 52.06 -40.57 16.63
C GLN A 104 52.12 -40.38 15.11
N ALA A 105 50.97 -40.46 14.44
CA ALA A 105 50.93 -40.30 12.99
C ALA A 105 51.37 -38.91 12.57
N HIS A 106 51.30 -37.93 13.48
CA HIS A 106 51.81 -36.60 13.20
C HIS A 106 53.31 -36.65 12.87
N GLU A 107 54.11 -37.17 13.81
CA GLU A 107 55.54 -37.34 13.57
C GLU A 107 55.79 -38.12 12.28
N GLN A 108 55.07 -39.24 12.11
CA GLN A 108 55.28 -40.12 10.98
C GLN A 108 54.94 -39.43 9.65
N ARG A 109 53.77 -38.77 9.60
CA ARG A 109 53.38 -38.08 8.38
C ARG A 109 54.38 -37.00 7.99
N LEU A 110 55.01 -36.34 8.98
CA LEU A 110 56.03 -35.33 8.70
C LEU A 110 57.21 -35.92 7.93
N GLN A 111 57.65 -37.13 8.29
CA GLN A 111 58.83 -37.68 7.64
C GLN A 111 58.52 -38.14 6.21
N GLU A 112 57.31 -38.65 5.98
CA GLU A 112 57.01 -39.19 4.66
C GLU A 112 56.89 -38.10 3.61
N VAL A 113 56.28 -36.95 3.96
CA VAL A 113 56.31 -35.84 3.02
C VAL A 113 57.75 -35.39 2.80
N GLU A 114 58.54 -35.31 3.87
CA GLU A 114 59.97 -35.02 3.73
C GLU A 114 60.65 -35.98 2.74
N ALA A 115 60.45 -37.28 2.93
CA ALA A 115 61.08 -38.25 2.04
C ALA A 115 60.47 -38.18 0.64
N GLU A 116 59.15 -37.99 0.55
CA GLU A 116 58.50 -37.90 -0.76
C GLU A 116 59.04 -36.73 -1.56
N VAL A 117 59.17 -35.56 -0.92
CA VAL A 117 59.77 -34.42 -1.61
C VAL A 117 61.25 -34.67 -1.89
N ALA A 118 61.98 -35.20 -0.92
CA ALA A 118 63.39 -35.54 -1.14
C ALA A 118 63.53 -36.47 -2.35
N ALA A 119 62.66 -37.48 -2.45
CA ALA A 119 62.75 -38.45 -3.54
C ALA A 119 62.20 -37.89 -4.85
N THR A 120 60.95 -37.42 -4.84
CA THR A 120 60.27 -37.05 -6.08
C THR A 120 60.22 -35.54 -6.33
N GLY A 121 60.42 -34.71 -5.32
CA GLY A 121 60.33 -33.27 -5.48
C GLY A 121 58.97 -32.69 -5.20
N THR A 122 57.92 -33.51 -5.24
CA THR A 122 56.59 -33.08 -4.83
C THR A 122 56.06 -34.07 -3.81
N TYR A 123 54.77 -34.05 -3.51
CA TYR A 123 54.19 -35.04 -2.61
C TYR A 123 52.71 -35.18 -2.91
N GLN A 124 52.15 -36.29 -2.46
CA GLN A 124 50.74 -36.60 -2.62
C GLN A 124 50.03 -36.44 -1.28
N LEU A 125 48.87 -35.80 -1.30
CA LEU A 125 48.03 -35.69 -0.11
C LEU A 125 47.27 -36.99 0.14
N ARG A 126 47.17 -37.39 1.41
CA ARG A 126 46.20 -38.40 1.79
C ARG A 126 44.79 -37.89 1.52
N GLU A 127 43.86 -38.84 1.34
CA GLU A 127 42.49 -38.46 1.02
C GLU A 127 41.87 -37.60 2.10
N SER A 128 42.10 -37.95 3.38
CA SER A 128 41.54 -37.16 4.47
C SER A 128 42.16 -35.78 4.53
N GLU A 129 43.43 -35.64 4.15
CA GLU A 129 44.04 -34.33 4.09
C GLU A 129 43.45 -33.51 2.95
N LEU A 130 43.19 -34.14 1.80
CA LEU A 130 42.57 -33.42 0.70
C LEU A 130 41.20 -32.90 1.12
N VAL A 131 40.44 -33.72 1.85
CA VAL A 131 39.14 -33.32 2.35
C VAL A 131 39.27 -32.16 3.31
N PHE A 132 40.12 -32.30 4.32
CA PHE A 132 40.30 -31.24 5.31
C PHE A 132 40.78 -29.96 4.64
N GLY A 133 41.67 -30.09 3.65
CA GLY A 133 42.21 -28.90 3.00
C GLY A 133 41.19 -28.18 2.15
N ALA A 134 40.28 -28.93 1.52
CA ALA A 134 39.23 -28.30 0.71
C ALA A 134 38.28 -27.50 1.58
N LYS A 135 37.84 -28.08 2.70
CA LYS A 135 37.02 -27.34 3.64
C LYS A 135 37.76 -26.13 4.20
N GLN A 136 39.09 -26.24 4.38
CA GLN A 136 39.83 -25.11 4.93
C GLN A 136 39.91 -23.95 3.96
N ALA A 137 40.21 -24.25 2.69
CA ALA A 137 40.25 -23.20 1.68
C ALA A 137 38.90 -22.51 1.56
N TRP A 138 37.79 -23.27 1.64
CA TRP A 138 36.48 -22.62 1.66
C TRP A 138 36.32 -21.74 2.90
N ARG A 139 36.63 -22.30 4.07
CA ARG A 139 36.56 -21.56 5.33
C ARG A 139 37.40 -20.29 5.29
N ASN A 140 38.51 -20.32 4.57
CA ASN A 140 39.43 -19.19 4.53
C ASN A 140 39.07 -18.15 3.47
N ALA A 141 38.06 -18.40 2.64
CA ALA A 141 37.72 -17.51 1.53
C ALA A 141 37.13 -16.19 2.04
N PRO A 142 37.87 -15.08 2.00
CA PRO A 142 37.36 -13.85 2.65
C PRO A 142 36.10 -13.29 2.00
N ARG A 143 35.88 -13.55 0.72
CA ARG A 143 34.76 -12.93 0.05
C ARG A 143 33.49 -13.78 0.08
N CYS A 144 33.51 -14.94 0.75
CA CYS A 144 32.37 -15.84 0.71
C CYS A 144 31.47 -15.64 1.93
N VAL A 145 30.21 -15.28 1.68
CA VAL A 145 29.25 -15.06 2.76
C VAL A 145 28.56 -16.35 3.20
N GLY A 146 28.79 -17.47 2.52
CA GLY A 146 28.12 -18.72 2.88
C GLY A 146 28.92 -19.67 3.76
N ARG A 147 29.95 -19.15 4.43
CA ARG A 147 30.91 -20.03 5.11
C ARG A 147 30.36 -20.63 6.40
N ILE A 148 29.14 -20.29 6.82
CA ILE A 148 28.52 -21.03 7.90
C ILE A 148 28.45 -22.52 7.54
N GLN A 149 28.45 -22.84 6.24
CA GLN A 149 28.31 -24.19 5.72
C GLN A 149 29.64 -24.91 5.52
N TRP A 150 30.76 -24.31 5.96
CA TRP A 150 32.07 -24.79 5.49
C TRP A 150 32.37 -26.23 5.89
N GLY A 151 31.74 -26.75 6.96
CA GLY A 151 32.01 -28.11 7.39
C GLY A 151 31.28 -29.18 6.58
N LYS A 152 30.24 -28.79 5.86
CA LYS A 152 29.46 -29.70 5.02
C LYS A 152 29.89 -29.49 3.58
N LEU A 153 30.85 -30.31 3.13
CA LEU A 153 31.39 -30.21 1.78
C LEU A 153 31.70 -31.61 1.29
N GLN A 154 31.15 -31.97 0.14
CA GLN A 154 31.41 -33.27 -0.49
C GLN A 154 32.59 -33.14 -1.45
N VAL A 155 33.66 -33.87 -1.17
CA VAL A 155 34.92 -33.77 -1.91
C VAL A 155 35.07 -35.01 -2.79
N PHE A 156 34.99 -34.82 -4.11
CA PHE A 156 35.21 -35.90 -5.08
C PHE A 156 36.66 -35.89 -5.51
N ASP A 157 37.37 -36.98 -5.26
CA ASP A 157 38.81 -37.04 -5.55
C ASP A 157 39.01 -37.54 -6.98
N ALA A 158 39.37 -36.61 -7.87
CA ALA A 158 39.61 -36.93 -9.28
C ALA A 158 41.10 -36.85 -9.63
N ARG A 159 41.97 -37.13 -8.66
CA ARG A 159 43.39 -37.00 -8.89
C ARG A 159 43.97 -38.08 -9.81
N ASP A 160 43.24 -39.18 -10.03
CA ASP A 160 43.67 -40.20 -10.97
C ASP A 160 43.08 -39.99 -12.36
N CYS A 161 42.60 -38.78 -12.66
CA CYS A 161 42.10 -38.43 -13.98
C CYS A 161 43.27 -38.29 -14.96
N ARG A 162 43.00 -38.57 -16.24
CA ARG A 162 44.03 -38.36 -17.26
C ARG A 162 43.52 -38.27 -18.69
N SER A 163 42.36 -37.64 -18.90
CA SER A 163 41.93 -37.26 -20.23
C SER A 163 40.78 -36.28 -20.12
N ALA A 164 40.64 -35.42 -21.12
CA ALA A 164 39.48 -34.53 -21.18
C ALA A 164 38.17 -35.30 -21.23
N GLN A 165 38.22 -36.58 -21.62
CA GLN A 165 37.03 -37.42 -21.57
C GLN A 165 36.68 -37.79 -20.13
N GLU A 166 37.69 -38.20 -19.34
CA GLU A 166 37.46 -38.51 -17.94
C GLU A 166 36.95 -37.29 -17.18
N MET A 167 37.57 -36.12 -17.44
CA MET A 167 37.10 -34.88 -16.83
C MET A 167 35.60 -34.72 -16.99
N PHE A 168 35.11 -34.87 -18.23
CA PHE A 168 33.71 -34.61 -18.51
C PHE A 168 32.81 -35.54 -17.70
N THR A 169 33.22 -36.80 -17.54
CA THR A 169 32.48 -37.73 -16.69
C THR A 169 32.52 -37.28 -15.22
N TYR A 170 33.68 -36.83 -14.75
CA TYR A 170 33.78 -36.28 -13.40
C TYR A 170 32.88 -35.06 -13.23
N ILE A 171 33.01 -34.10 -14.14
CA ILE A 171 32.19 -32.90 -14.06
C ILE A 171 30.72 -33.25 -14.09
N CYS A 172 30.37 -34.27 -14.89
CA CYS A 172 28.98 -34.70 -14.96
C CYS A 172 28.53 -35.36 -13.65
N ASN A 173 29.38 -36.17 -13.03
CA ASN A 173 29.06 -36.74 -11.73
C ASN A 173 28.78 -35.64 -10.72
N HIS A 174 29.66 -34.64 -10.67
CA HIS A 174 29.54 -33.51 -9.75
C HIS A 174 28.21 -32.79 -9.95
N ILE A 175 27.94 -32.36 -11.18
CA ILE A 175 26.72 -31.61 -11.48
C ILE A 175 25.48 -32.39 -11.09
N LYS A 176 25.45 -33.70 -11.39
CA LYS A 176 24.27 -34.46 -10.97
C LYS A 176 24.20 -34.57 -9.45
N TYR A 177 25.33 -34.81 -8.78
CA TYR A 177 25.32 -34.93 -7.33
C TYR A 177 24.96 -33.60 -6.69
N ALA A 178 25.62 -32.53 -7.11
CA ALA A 178 25.38 -31.22 -6.50
C ALA A 178 23.97 -30.73 -6.77
N THR A 179 23.44 -30.99 -7.96
CA THR A 179 22.10 -30.51 -8.28
C THR A 179 21.05 -31.26 -7.49
N ASN A 180 21.07 -32.61 -7.54
CA ASN A 180 20.28 -33.43 -6.63
C ASN A 180 18.80 -33.07 -6.73
N ARG A 181 18.34 -32.84 -7.97
CA ARG A 181 16.93 -32.56 -8.28
C ARG A 181 16.46 -31.25 -7.66
N GLY A 182 17.38 -30.32 -7.43
CA GLY A 182 17.05 -29.05 -6.85
C GLY A 182 17.35 -28.94 -5.37
N ASN A 183 17.67 -30.05 -4.70
CA ASN A 183 18.08 -30.00 -3.29
C ASN A 183 19.60 -29.93 -3.27
N LEU A 184 20.12 -28.73 -3.50
CA LEU A 184 21.53 -28.56 -3.82
C LEU A 184 22.45 -28.97 -2.66
N ARG A 185 23.60 -29.54 -3.01
CA ARG A 185 24.58 -30.00 -2.03
C ARG A 185 25.95 -29.48 -2.40
N SER A 186 26.61 -28.81 -1.46
CA SER A 186 27.94 -28.27 -1.69
C SER A 186 28.90 -29.37 -2.08
N ALA A 187 29.73 -29.10 -3.10
CA ALA A 187 30.58 -30.14 -3.63
C ALA A 187 31.77 -29.50 -4.35
N ILE A 188 32.88 -30.24 -4.36
CA ILE A 188 34.07 -29.87 -5.11
C ILE A 188 34.68 -31.15 -5.68
N THR A 189 35.19 -31.06 -6.90
CA THR A 189 35.90 -32.15 -7.57
C THR A 189 37.32 -31.70 -7.82
N VAL A 190 38.29 -32.54 -7.42
CA VAL A 190 39.69 -32.14 -7.38
C VAL A 190 40.45 -32.98 -8.40
N PHE A 191 40.80 -32.37 -9.53
CA PHE A 191 41.60 -33.00 -10.57
C PHE A 191 43.07 -32.99 -10.15
N PRO A 192 43.98 -33.64 -10.91
CA PRO A 192 45.35 -33.85 -10.43
C PRO A 192 46.12 -32.56 -10.16
N GLN A 193 47.06 -32.65 -9.21
CA GLN A 193 47.88 -31.50 -8.82
C GLN A 193 48.92 -31.21 -9.89
N ARG A 194 49.13 -29.91 -10.14
CA ARG A 194 50.17 -29.46 -11.06
C ARG A 194 51.53 -30.04 -10.68
N CYS A 195 52.30 -30.43 -11.68
CA CYS A 195 53.64 -30.95 -11.47
C CYS A 195 54.56 -30.40 -12.56
N PRO A 196 55.85 -30.19 -12.24
CA PRO A 196 56.76 -29.64 -13.24
C PRO A 196 56.93 -30.56 -14.43
N GLY A 197 57.19 -29.96 -15.59
CA GLY A 197 57.48 -30.69 -16.80
C GLY A 197 56.29 -31.00 -17.68
N ARG A 198 55.09 -31.07 -17.11
CA ARG A 198 53.88 -31.38 -17.86
C ARG A 198 52.88 -30.24 -17.76
N GLY A 199 51.97 -30.19 -18.72
CA GLY A 199 50.90 -29.21 -18.73
C GLY A 199 49.94 -29.44 -17.58
N ASP A 200 48.90 -28.60 -17.55
CA ASP A 200 47.94 -28.61 -16.45
C ASP A 200 46.55 -29.00 -16.93
N PHE A 201 45.82 -29.68 -16.05
CA PHE A 201 44.37 -29.78 -16.18
C PHE A 201 43.74 -28.42 -15.93
N ARG A 202 42.84 -28.00 -16.82
CA ARG A 202 42.16 -26.72 -16.68
C ARG A 202 40.79 -26.79 -17.36
N ILE A 203 39.80 -26.17 -16.72
CA ILE A 203 38.50 -25.90 -17.34
C ILE A 203 38.52 -24.48 -17.86
N TRP A 204 38.21 -24.31 -19.15
CA TRP A 204 38.31 -23.00 -19.78
C TRP A 204 37.13 -22.09 -19.45
N ASN A 205 35.98 -22.65 -19.09
CA ASN A 205 34.84 -21.85 -18.67
C ASN A 205 35.04 -21.39 -17.23
N SER A 206 34.55 -20.19 -16.94
CA SER A 206 34.62 -19.66 -15.58
C SER A 206 33.70 -20.41 -14.65
N GLN A 207 32.55 -20.88 -15.15
CA GLN A 207 31.65 -21.73 -14.40
C GLN A 207 31.25 -22.91 -15.28
N LEU A 208 30.65 -23.92 -14.64
CA LEU A 208 30.23 -25.09 -15.42
C LEU A 208 29.00 -24.77 -16.25
N VAL A 209 28.08 -23.98 -15.70
CA VAL A 209 26.91 -23.49 -16.41
C VAL A 209 27.08 -22.00 -16.67
N ARG A 210 27.08 -21.62 -17.95
CA ARG A 210 27.14 -20.23 -18.38
C ARG A 210 26.25 -20.06 -19.61
N TYR A 211 25.76 -18.84 -19.81
CA TYR A 211 24.93 -18.53 -20.97
C TYR A 211 25.74 -17.83 -22.05
N ALA A 212 25.43 -18.13 -23.31
CA ALA A 212 26.17 -17.56 -24.42
C ALA A 212 25.94 -16.05 -24.53
N GLY A 213 26.90 -15.37 -25.15
CA GLY A 213 26.77 -13.97 -25.52
C GLY A 213 27.25 -13.70 -26.93
N TYR A 214 26.37 -13.17 -27.79
CA TYR A 214 26.63 -13.05 -29.23
C TYR A 214 26.61 -11.58 -29.66
N ARG A 215 27.47 -11.23 -30.63
CA ARG A 215 27.57 -9.88 -31.14
C ARG A 215 26.69 -9.69 -32.38
N GLN A 216 26.76 -8.51 -33.00
CA GLN A 216 26.01 -8.21 -34.23
C GLN A 216 26.87 -7.30 -35.12
N GLN A 217 26.20 -6.56 -36.02
CA GLN A 217 26.86 -5.46 -36.72
C GLN A 217 27.36 -4.39 -35.76
N ASP A 218 26.94 -4.45 -34.50
CA ASP A 218 27.08 -3.37 -33.53
C ASP A 218 27.69 -3.84 -32.23
N GLY A 219 28.44 -4.94 -32.25
CA GLY A 219 29.11 -5.42 -31.06
C GLY A 219 28.20 -5.83 -29.90
N SER A 220 27.23 -4.98 -29.59
CA SER A 220 26.23 -5.21 -28.54
C SER A 220 25.69 -6.63 -28.56
N VAL A 221 25.25 -7.14 -27.41
CA VAL A 221 25.19 -8.57 -27.16
C VAL A 221 23.75 -9.03 -26.97
N ARG A 222 23.40 -10.13 -27.64
CA ARG A 222 22.25 -10.95 -27.29
C ARG A 222 22.78 -12.10 -26.43
N GLY A 223 22.26 -12.22 -25.22
CA GLY A 223 22.80 -13.14 -24.22
C GLY A 223 23.56 -12.43 -23.11
N ASP A 224 24.48 -13.19 -22.49
CA ASP A 224 25.25 -12.69 -21.36
C ASP A 224 26.53 -12.03 -21.85
N PRO A 225 26.70 -10.72 -21.65
CA PRO A 225 27.96 -10.07 -22.08
C PRO A 225 29.18 -10.55 -21.32
N ALA A 226 29.01 -11.07 -20.10
CA ALA A 226 30.16 -11.60 -19.37
C ALA A 226 30.85 -12.73 -20.13
N ASN A 227 30.10 -13.48 -20.94
CA ASN A 227 30.60 -14.68 -21.57
C ASN A 227 30.75 -14.53 -23.09
N VAL A 228 31.04 -13.30 -23.56
CA VAL A 228 31.28 -13.10 -24.97
C VAL A 228 32.60 -13.76 -25.39
N GLU A 229 33.59 -13.71 -24.51
CA GLU A 229 34.91 -14.25 -24.81
C GLU A 229 34.89 -15.76 -24.98
N ILE A 230 34.30 -16.47 -24.00
CA ILE A 230 34.29 -17.92 -24.08
C ILE A 230 33.33 -18.38 -25.17
N THR A 231 32.26 -17.61 -25.42
CA THR A 231 31.36 -17.94 -26.52
C THR A 231 32.10 -17.99 -27.84
N GLU A 232 32.99 -17.03 -28.09
CA GLU A 232 33.70 -17.03 -29.36
C GLU A 232 34.79 -18.10 -29.41
N LEU A 233 35.33 -18.48 -28.24
CA LEU A 233 36.26 -19.61 -28.21
C LEU A 233 35.54 -20.92 -28.52
N CYS A 234 34.36 -21.11 -27.92
CA CYS A 234 33.59 -22.34 -28.18
C CYS A 234 33.22 -22.45 -29.65
N ILE A 235 32.78 -21.35 -30.27
CA ILE A 235 32.44 -21.39 -31.69
C ILE A 235 33.69 -21.64 -32.52
N GLN A 236 34.82 -21.12 -32.07
CA GLN A 236 36.11 -21.31 -32.73
C GLN A 236 36.72 -22.66 -32.33
N HIS A 237 35.85 -23.59 -31.96
CA HIS A 237 36.31 -24.95 -31.68
C HIS A 237 35.30 -26.01 -32.11
N GLY A 238 34.30 -25.68 -32.92
CA GLY A 238 33.34 -26.64 -33.42
C GLY A 238 31.90 -26.34 -33.06
N TRP A 239 31.64 -25.56 -32.01
CA TRP A 239 30.27 -25.38 -31.54
C TRP A 239 29.48 -24.52 -32.51
N THR A 240 28.35 -25.03 -32.95
CA THR A 240 27.44 -24.25 -33.77
C THR A 240 26.62 -23.34 -32.85
N PRO A 241 26.70 -22.02 -33.00
CA PRO A 241 26.06 -21.13 -32.04
C PRO A 241 24.55 -21.28 -32.04
N GLY A 242 23.95 -20.97 -30.89
CA GLY A 242 22.51 -20.87 -30.80
C GLY A 242 22.02 -19.51 -31.23
N ASN A 243 20.72 -19.30 -31.08
CA ASN A 243 20.10 -18.04 -31.45
C ASN A 243 19.67 -17.20 -30.26
N GLY A 244 19.63 -17.78 -29.06
CA GLY A 244 18.85 -17.24 -27.98
C GLY A 244 19.62 -16.38 -26.99
N ARG A 245 18.89 -15.89 -25.99
CA ARG A 245 19.43 -15.07 -24.93
C ARG A 245 19.86 -15.90 -23.72
N PHE A 246 19.56 -17.20 -23.72
CA PHE A 246 19.89 -18.10 -22.62
C PHE A 246 20.29 -19.47 -23.14
N ASP A 247 21.25 -19.51 -24.07
CA ASP A 247 21.81 -20.76 -24.56
C ASP A 247 22.93 -21.19 -23.62
N VAL A 248 22.78 -22.37 -23.01
CA VAL A 248 23.83 -22.91 -22.15
C VAL A 248 25.06 -23.23 -22.98
N LEU A 249 26.19 -22.72 -22.56
CA LEU A 249 27.42 -22.90 -23.32
C LEU A 249 27.96 -24.32 -23.17
N PRO A 250 28.72 -24.79 -24.15
CA PRO A 250 29.44 -26.07 -23.99
C PRO A 250 30.67 -25.89 -23.11
N LEU A 251 31.26 -27.00 -22.73
CA LEU A 251 32.46 -27.01 -21.90
C LEU A 251 33.70 -27.13 -22.78
N LEU A 252 34.74 -26.34 -22.48
CA LEU A 252 36.04 -26.47 -23.12
C LEU A 252 37.00 -27.05 -22.08
N LEU A 253 37.28 -28.34 -22.21
CA LEU A 253 38.05 -29.08 -21.22
C LEU A 253 39.42 -29.43 -21.77
N GLN A 254 40.45 -29.15 -20.96
CA GLN A 254 41.85 -29.19 -21.39
C GLN A 254 42.61 -30.22 -20.56
N ALA A 255 42.91 -31.37 -21.16
CA ALA A 255 43.85 -32.30 -20.57
C ALA A 255 45.27 -31.78 -20.78
N PRO A 256 46.23 -32.23 -19.97
CA PRO A 256 47.59 -31.70 -20.07
C PRO A 256 48.17 -31.78 -21.48
N ASP A 257 48.77 -30.68 -21.92
CA ASP A 257 49.55 -30.63 -23.16
C ASP A 257 48.72 -30.97 -24.39
N GLU A 258 47.43 -30.69 -24.36
CA GLU A 258 46.57 -30.92 -25.49
C GLU A 258 45.65 -29.71 -25.68
N PRO A 259 45.20 -29.45 -26.90
CA PRO A 259 44.19 -28.40 -27.09
C PRO A 259 42.92 -28.75 -26.38
N PRO A 260 42.09 -27.76 -26.01
CA PRO A 260 40.82 -28.06 -25.36
C PRO A 260 39.94 -28.93 -26.24
N GLU A 261 38.97 -29.59 -25.61
CA GLU A 261 37.98 -30.40 -26.31
C GLU A 261 36.58 -29.93 -25.91
N LEU A 262 35.73 -29.68 -26.90
CA LEU A 262 34.34 -29.31 -26.64
C LEU A 262 33.57 -30.48 -26.07
N PHE A 263 32.62 -30.18 -25.19
CA PHE A 263 31.70 -31.19 -24.66
C PHE A 263 30.34 -30.56 -24.44
N LEU A 264 29.32 -31.15 -25.05
CA LEU A 264 27.94 -30.69 -24.88
C LEU A 264 27.40 -31.24 -23.57
N LEU A 265 26.97 -30.36 -22.67
CA LEU A 265 26.39 -30.82 -21.42
C LEU A 265 25.00 -31.40 -21.68
N PRO A 266 24.66 -32.54 -21.08
CA PRO A 266 23.31 -33.10 -21.24
C PRO A 266 22.27 -32.13 -20.72
N PRO A 267 21.33 -31.70 -21.57
CA PRO A 267 20.28 -30.77 -21.11
C PRO A 267 19.55 -31.25 -19.88
N GLU A 268 19.33 -32.56 -19.79
CA GLU A 268 18.72 -33.16 -18.61
C GLU A 268 19.52 -32.88 -17.35
N LEU A 269 20.82 -32.62 -17.49
CA LEU A 269 21.67 -32.43 -16.32
C LEU A 269 21.80 -30.98 -15.88
N VAL A 270 21.34 -30.03 -16.69
CA VAL A 270 21.42 -28.61 -16.37
C VAL A 270 20.04 -28.17 -15.92
N LEU A 271 19.84 -28.09 -14.61
CA LEU A 271 18.57 -27.67 -14.05
C LEU A 271 18.45 -26.16 -14.13
N GLU A 272 17.34 -25.68 -14.71
CA GLU A 272 17.15 -24.24 -14.83
C GLU A 272 15.78 -23.85 -14.28
N VAL A 273 15.65 -22.57 -13.98
CA VAL A 273 14.44 -22.04 -13.37
C VAL A 273 13.89 -20.91 -14.22
N PRO A 274 12.74 -21.08 -14.86
CA PRO A 274 12.10 -19.93 -15.52
C PRO A 274 11.63 -18.95 -14.47
N LEU A 275 11.76 -17.66 -14.78
CA LEU A 275 11.53 -16.61 -13.81
C LEU A 275 10.11 -16.08 -13.96
N GLU A 276 9.37 -16.11 -12.85
CA GLU A 276 8.02 -15.57 -12.77
CA GLU A 276 8.02 -15.58 -12.76
C GLU A 276 7.91 -14.75 -11.49
N HIS A 277 6.90 -13.89 -11.44
CA HIS A 277 6.72 -13.06 -10.27
C HIS A 277 5.41 -13.44 -9.58
N PRO A 278 5.35 -13.42 -8.24
CA PRO A 278 4.13 -13.88 -7.57
C PRO A 278 2.88 -13.08 -7.92
N THR A 279 3.00 -11.78 -8.18
CA THR A 279 1.83 -10.97 -8.47
C THR A 279 1.88 -10.21 -9.78
N LEU A 280 3.06 -10.08 -10.39
CA LEU A 280 3.21 -9.37 -11.67
C LEU A 280 3.11 -10.41 -12.77
N GLU A 281 1.88 -10.60 -13.27
CA GLU A 281 1.60 -11.69 -14.18
C GLU A 281 2.46 -11.63 -15.44
N TRP A 282 2.83 -10.43 -15.89
CA TRP A 282 3.59 -10.27 -17.13
C TRP A 282 5.07 -10.60 -16.99
N PHE A 283 5.59 -10.76 -15.75
CA PHE A 283 7.03 -10.99 -15.59
C PHE A 283 7.48 -12.26 -16.31
N ALA A 284 6.70 -13.34 -16.19
CA ALA A 284 7.00 -14.57 -16.91
C ALA A 284 7.17 -14.31 -18.40
N ALA A 285 6.33 -13.44 -18.97
CA ALA A 285 6.39 -13.16 -20.40
C ALA A 285 7.70 -12.53 -20.82
N LEU A 286 8.46 -11.93 -19.88
CA LEU A 286 9.78 -11.43 -20.23
C LEU A 286 10.74 -12.54 -20.64
N GLY A 287 10.41 -13.81 -20.38
CA GLY A 287 11.22 -14.92 -20.84
C GLY A 287 12.54 -15.11 -20.12
N LEU A 288 12.67 -14.57 -18.91
CA LEU A 288 13.92 -14.69 -18.18
C LEU A 288 14.02 -16.04 -17.50
N ARG A 289 15.25 -16.55 -17.42
CA ARG A 289 15.55 -17.79 -16.72
C ARG A 289 16.92 -17.65 -16.07
N TRP A 290 17.23 -18.52 -15.10
CA TRP A 290 18.59 -18.69 -14.62
C TRP A 290 18.78 -20.14 -14.22
N TYR A 291 20.04 -20.54 -14.06
CA TYR A 291 20.32 -21.94 -13.75
C TYR A 291 20.42 -22.16 -12.24
N ALA A 292 20.30 -23.43 -11.86
CA ALA A 292 20.25 -23.82 -10.46
C ALA A 292 21.62 -23.78 -9.79
N LEU A 293 22.68 -24.20 -10.50
CA LEU A 293 23.94 -24.54 -9.84
C LEU A 293 25.03 -23.51 -10.10
N PRO A 294 25.50 -22.77 -9.08
CA PRO A 294 26.70 -21.95 -9.24
C PRO A 294 27.95 -22.78 -8.99
N ALA A 295 28.69 -23.06 -10.06
CA ALA A 295 29.83 -23.96 -9.98
C ALA A 295 31.02 -23.29 -10.64
N VAL A 296 31.87 -22.67 -9.83
CA VAL A 296 32.99 -21.90 -10.34
C VAL A 296 34.13 -22.85 -10.71
N SER A 297 34.67 -22.68 -11.92
CA SER A 297 35.56 -23.67 -12.50
C SER A 297 36.87 -23.07 -13.01
N ASN A 298 37.17 -21.81 -12.71
CA ASN A 298 38.41 -21.21 -13.17
C ASN A 298 39.35 -20.85 -12.04
N MET A 299 39.11 -21.31 -10.82
CA MET A 299 39.96 -20.93 -9.71
C MET A 299 40.91 -22.06 -9.35
N LEU A 300 42.02 -21.69 -8.72
CA LEU A 300 43.11 -22.60 -8.41
C LEU A 300 43.06 -22.92 -6.92
N LEU A 301 43.00 -24.20 -6.59
CA LEU A 301 43.00 -24.67 -5.22
C LEU A 301 44.43 -24.95 -4.77
N GLU A 302 44.82 -24.34 -3.66
CA GLU A 302 46.17 -24.48 -3.13
C GLU A 302 46.10 -25.10 -1.74
N ILE A 303 46.74 -26.25 -1.57
CA ILE A 303 46.77 -26.96 -0.30
C ILE A 303 48.20 -27.40 -0.03
N GLY A 304 48.76 -26.96 1.10
CA GLY A 304 50.06 -27.41 1.55
C GLY A 304 51.18 -27.24 0.54
N GLY A 305 51.10 -26.20 -0.28
CA GLY A 305 52.08 -25.97 -1.33
C GLY A 305 51.77 -26.64 -2.65
N LEU A 306 50.75 -27.50 -2.70
CA LEU A 306 50.33 -28.13 -3.94
C LEU A 306 49.27 -27.28 -4.62
N GLU A 307 49.20 -27.36 -5.94
CA GLU A 307 48.35 -26.49 -6.73
C GLU A 307 47.45 -27.31 -7.64
N PHE A 308 46.14 -27.06 -7.55
CA PHE A 308 45.15 -27.74 -8.38
C PHE A 308 44.45 -26.70 -9.24
N PRO A 309 44.96 -26.42 -10.45
CA PRO A 309 44.29 -25.45 -11.34
C PRO A 309 42.93 -25.92 -11.84
N ALA A 310 42.57 -27.18 -11.64
CA ALA A 310 41.26 -27.71 -12.02
C ALA A 310 40.64 -28.33 -10.77
N ALA A 311 39.75 -27.59 -10.13
CA ALA A 311 39.09 -28.02 -8.90
C ALA A 311 37.75 -27.28 -8.76
N PRO A 312 36.75 -27.64 -9.58
CA PRO A 312 35.50 -26.89 -9.57
C PRO A 312 34.71 -27.16 -8.29
N PHE A 313 34.21 -26.10 -7.66
CA PHE A 313 33.40 -26.20 -6.46
C PHE A 313 32.04 -25.54 -6.67
N SER A 314 31.03 -26.04 -5.96
CA SER A 314 29.68 -25.55 -6.12
C SER A 314 28.97 -25.49 -4.78
N GLY A 315 28.00 -24.59 -4.70
CA GLY A 315 27.14 -24.47 -3.54
C GLY A 315 25.72 -24.24 -4.00
N TRP A 316 25.07 -23.22 -3.44
CA TRP A 316 23.78 -22.76 -3.97
C TRP A 316 23.83 -21.24 -3.99
N TYR A 317 22.92 -20.65 -4.77
CA TYR A 317 22.94 -19.21 -5.00
C TYR A 317 22.39 -18.45 -3.80
N MET A 318 22.95 -17.26 -3.60
CA MET A 318 22.26 -16.19 -2.88
C MET A 318 21.50 -15.36 -3.91
N SER A 319 20.24 -15.02 -3.59
CA SER A 319 19.36 -14.49 -4.63
C SER A 319 19.87 -13.18 -5.24
N THR A 320 20.56 -12.33 -4.48
CA THR A 320 21.05 -11.09 -5.09
C THR A 320 22.04 -11.35 -6.21
N GLU A 321 22.80 -12.45 -6.14
CA GLU A 321 23.74 -12.74 -7.21
C GLU A 321 23.03 -12.80 -8.55
N ILE A 322 21.86 -13.43 -8.58
CA ILE A 322 21.09 -13.56 -9.81
C ILE A 322 20.31 -12.29 -10.08
N GLY A 323 19.49 -11.88 -9.11
CA GLY A 323 18.52 -10.82 -9.37
C GLY A 323 19.17 -9.45 -9.46
N THR A 324 20.21 -9.21 -8.67
CA THR A 324 20.79 -7.88 -8.70
C THR A 324 21.99 -7.79 -9.65
N ARG A 325 22.94 -8.71 -9.53
CA ARG A 325 24.17 -8.61 -10.32
C ARG A 325 23.99 -9.17 -11.74
N ASN A 326 23.57 -10.44 -11.86
CA ASN A 326 23.53 -11.05 -13.19
C ASN A 326 22.46 -10.40 -14.07
N LEU A 327 21.32 -10.04 -13.49
CA LEU A 327 20.24 -9.52 -14.32
C LEU A 327 20.22 -8.00 -14.42
N CYS A 328 20.75 -7.27 -13.43
CA CYS A 328 20.62 -5.81 -13.41
C CYS A 328 21.93 -5.04 -13.60
N ASP A 329 23.10 -5.68 -13.53
CA ASP A 329 24.31 -4.93 -13.82
C ASP A 329 24.23 -4.34 -15.22
N PRO A 330 24.71 -3.11 -15.42
CA PRO A 330 24.64 -2.49 -16.75
C PRO A 330 25.44 -3.25 -17.78
N HIS A 331 26.45 -4.00 -17.36
CA HIS A 331 27.28 -4.76 -18.25
C HIS A 331 26.96 -6.26 -18.22
N ARG A 332 25.85 -6.64 -17.59
CA ARG A 332 25.33 -7.99 -17.65
C ARG A 332 24.02 -7.96 -18.45
N TYR A 333 22.94 -8.61 -17.99
CA TYR A 333 21.73 -8.61 -18.81
C TYR A 333 21.03 -7.26 -18.81
N ASN A 334 21.34 -6.37 -17.86
CA ASN A 334 20.89 -4.98 -17.89
C ASN A 334 19.38 -4.84 -18.13
N ILE A 335 18.58 -5.57 -17.34
CA ILE A 335 17.14 -5.64 -17.57
C ILE A 335 16.35 -4.60 -16.79
N LEU A 336 17.02 -3.77 -15.99
CA LEU A 336 16.31 -2.99 -14.98
C LEU A 336 15.31 -2.03 -15.62
N GLU A 337 15.69 -1.34 -16.69
CA GLU A 337 14.74 -0.42 -17.28
C GLU A 337 13.57 -1.16 -17.95
N ASP A 338 13.82 -2.32 -18.56
CA ASP A 338 12.72 -3.06 -19.16
C ASP A 338 11.67 -3.43 -18.12
N VAL A 339 12.12 -3.84 -16.93
CA VAL A 339 11.18 -4.21 -15.88
C VAL A 339 10.43 -3.00 -15.36
N ALA A 340 11.12 -1.86 -15.28
CA ALA A 340 10.47 -0.65 -14.78
C ALA A 340 9.40 -0.16 -15.75
N VAL A 341 9.65 -0.26 -17.07
CA VAL A 341 8.63 0.09 -18.05
C VAL A 341 7.38 -0.78 -17.82
N CYS A 342 7.59 -2.08 -17.64
CA CYS A 342 6.48 -2.98 -17.39
C CYS A 342 5.73 -2.64 -16.11
N MET A 343 6.42 -2.11 -15.11
CA MET A 343 5.75 -1.74 -13.88
C MET A 343 5.13 -0.36 -13.94
N ASP A 344 5.22 0.31 -15.09
CA ASP A 344 4.67 1.64 -15.30
C ASP A 344 5.33 2.69 -14.40
N LEU A 345 6.63 2.51 -14.11
CA LEU A 345 7.34 3.43 -13.24
C LEU A 345 7.81 4.67 -14.00
N ASP A 346 7.96 5.77 -13.27
CA ASP A 346 8.43 7.02 -13.87
C ASP A 346 9.95 6.95 -13.98
N THR A 347 10.43 6.53 -15.14
CA THR A 347 11.86 6.45 -15.37
C THR A 347 12.49 7.77 -15.79
N ARG A 348 11.74 8.87 -15.74
CA ARG A 348 12.24 10.14 -16.21
C ARG A 348 13.01 10.93 -15.15
N THR A 349 12.88 10.56 -13.87
CA THR A 349 13.63 11.21 -12.81
C THR A 349 14.21 10.15 -11.86
N THR A 350 15.46 10.34 -11.45
CA THR A 350 16.08 9.36 -10.57
C THR A 350 15.39 9.32 -9.20
N SER A 351 14.77 10.42 -8.78
CA SER A 351 14.28 10.52 -7.41
C SER A 351 12.95 9.80 -7.21
N SER A 352 12.33 9.29 -8.27
CA SER A 352 11.22 8.36 -8.06
C SER A 352 11.68 7.04 -7.48
N LEU A 353 13.01 6.80 -7.48
CA LEU A 353 13.62 5.52 -7.06
C LEU A 353 13.07 4.36 -7.88
N TRP A 354 12.84 4.59 -9.18
CA TRP A 354 12.35 3.50 -10.00
C TRP A 354 13.35 2.37 -10.12
N LYS A 355 14.65 2.67 -10.12
CA LYS A 355 15.65 1.61 -10.17
C LYS A 355 15.57 0.72 -8.95
N ASP A 356 15.47 1.32 -7.75
CA ASP A 356 15.38 0.55 -6.53
C ASP A 356 14.14 -0.34 -6.53
N LYS A 357 13.00 0.21 -6.94
CA LYS A 357 11.73 -0.53 -6.93
C LYS A 357 11.77 -1.71 -7.90
N ALA A 358 12.26 -1.49 -9.12
CA ALA A 358 12.34 -2.57 -10.10
C ALA A 358 13.30 -3.64 -9.65
N ALA A 359 14.45 -3.24 -9.11
CA ALA A 359 15.42 -4.20 -8.61
C ALA A 359 14.83 -5.08 -7.53
N VAL A 360 14.08 -4.49 -6.60
CA VAL A 360 13.53 -5.30 -5.52
C VAL A 360 12.57 -6.35 -6.08
N GLU A 361 11.76 -5.98 -7.07
CA GLU A 361 10.80 -6.95 -7.61
C GLU A 361 11.48 -8.05 -8.41
N ILE A 362 12.60 -7.75 -9.08
CA ILE A 362 13.37 -8.80 -9.74
C ILE A 362 13.90 -9.80 -8.72
N ASN A 363 14.42 -9.30 -7.58
CA ASN A 363 14.89 -10.19 -6.54
C ASN A 363 13.73 -11.02 -5.95
N VAL A 364 12.57 -10.41 -5.76
CA VAL A 364 11.41 -11.18 -5.32
C VAL A 364 11.10 -12.28 -6.32
N ALA A 365 11.17 -11.97 -7.61
CA ALA A 365 10.85 -12.98 -8.63
C ALA A 365 11.86 -14.13 -8.60
N VAL A 366 13.14 -13.81 -8.36
CA VAL A 366 14.14 -14.89 -8.27
C VAL A 366 13.81 -15.81 -7.11
N LEU A 367 13.61 -15.26 -5.92
CA LEU A 367 13.32 -16.07 -4.75
C LEU A 367 12.05 -16.89 -4.96
N HIS A 368 10.98 -16.25 -5.45
CA HIS A 368 9.71 -16.94 -5.63
C HIS A 368 9.85 -18.08 -6.64
N SER A 369 10.54 -17.81 -7.74
CA SER A 369 10.69 -18.80 -8.80
C SER A 369 11.48 -20.02 -8.33
N TYR A 370 12.60 -19.79 -7.64
CA TYR A 370 13.43 -20.88 -7.16
C TYR A 370 12.70 -21.71 -6.12
N GLN A 371 11.96 -21.05 -5.23
CA GLN A 371 11.19 -21.79 -4.23
C GLN A 371 10.10 -22.61 -4.90
N LEU A 372 9.44 -22.05 -5.91
CA LEU A 372 8.39 -22.78 -6.62
C LEU A 372 8.97 -23.99 -7.35
N ALA A 373 10.14 -23.83 -7.95
CA ALA A 373 10.86 -24.94 -8.59
C ALA A 373 11.54 -25.87 -7.59
N LYS A 374 11.41 -25.60 -6.29
CA LYS A 374 12.08 -26.39 -5.24
C LYS A 374 13.57 -26.54 -5.53
N VAL A 375 14.21 -25.40 -5.82
CA VAL A 375 15.64 -25.32 -5.97
C VAL A 375 16.17 -24.46 -4.85
N THR A 376 17.14 -25.00 -4.10
CA THR A 376 17.72 -24.30 -2.97
C THR A 376 18.19 -22.90 -3.35
N ILE A 377 17.78 -21.91 -2.56
CA ILE A 377 18.27 -20.54 -2.70
C ILE A 377 18.20 -19.90 -1.32
N VAL A 378 19.02 -18.88 -1.10
CA VAL A 378 18.99 -18.15 0.16
C VAL A 378 18.96 -16.65 -0.14
N ASP A 379 18.09 -15.93 0.55
CA ASP A 379 18.03 -14.48 0.39
C ASP A 379 19.15 -13.82 1.19
N HIS A 380 19.42 -12.57 0.85
CA HIS A 380 20.57 -11.86 1.44
C HIS A 380 20.37 -11.55 2.93
N HIS A 381 19.13 -11.48 3.41
CA HIS A 381 18.93 -11.28 4.84
C HIS A 381 19.28 -12.54 5.62
N ALA A 382 18.80 -13.69 5.17
CA ALA A 382 19.12 -14.95 5.83
C ALA A 382 20.60 -15.24 5.74
N ALA A 383 21.21 -14.99 4.57
CA ALA A 383 22.61 -15.34 4.39
C ALA A 383 23.51 -14.50 5.29
N THR A 384 23.24 -13.20 5.40
CA THR A 384 24.10 -12.34 6.21
C THR A 384 23.90 -12.61 7.69
N ALA A 385 22.65 -12.90 8.10
CA ALA A 385 22.41 -13.30 9.48
C ALA A 385 23.22 -14.56 9.82
N SER A 386 23.27 -15.52 8.88
CA SER A 386 24.06 -16.72 9.14
CA SER A 386 24.06 -16.72 9.15
C SER A 386 25.55 -16.42 9.18
N PHE A 387 26.01 -15.45 8.38
CA PHE A 387 27.42 -15.12 8.39
C PHE A 387 27.81 -14.51 9.73
N MET A 388 26.92 -13.72 10.32
CA MET A 388 27.21 -13.17 11.65
C MET A 388 27.35 -14.28 12.69
N LYS A 389 26.53 -15.33 12.56
CA LYS A 389 26.69 -16.48 13.43
C LYS A 389 28.02 -17.16 13.12
N HIS A 390 28.39 -17.23 11.84
CA HIS A 390 29.70 -17.77 11.48
C HIS A 390 30.83 -16.97 12.11
N LEU A 391 30.75 -15.64 12.03
CA LEU A 391 31.78 -14.81 12.65
C LEU A 391 31.93 -15.15 14.13
N GLU A 392 30.80 -15.32 14.82
CA GLU A 392 30.84 -15.62 16.25
C GLU A 392 31.44 -16.99 16.52
N ASN A 393 31.08 -18.00 15.71
CA ASN A 393 31.68 -19.33 15.83
C ASN A 393 33.18 -19.28 15.61
N GLU A 394 33.62 -18.53 14.59
CA GLU A 394 35.04 -18.51 14.25
C GLU A 394 35.85 -17.75 15.28
N GLN A 395 35.25 -16.74 15.92
CA GLN A 395 35.93 -16.02 16.98
C GLN A 395 36.38 -16.96 18.09
N LYS A 396 35.47 -17.83 18.54
CA LYS A 396 35.82 -18.71 19.63
C LYS A 396 36.67 -19.89 19.17
N ALA A 397 36.51 -20.31 17.91
CA ALA A 397 37.27 -21.47 17.43
C ALA A 397 38.69 -21.08 17.04
N ARG A 398 38.85 -19.99 16.27
CA ARG A 398 40.16 -19.62 15.71
C ARG A 398 40.62 -18.21 16.08
N GLY A 399 39.81 -17.43 16.79
CA GLY A 399 40.23 -16.09 17.15
C GLY A 399 40.02 -15.04 16.09
N GLY A 400 39.12 -15.24 15.15
CA GLY A 400 38.85 -14.24 14.14
C GLY A 400 38.47 -14.91 12.83
N CYS A 401 38.30 -14.08 11.82
CA CYS A 401 37.79 -14.59 10.56
C CYS A 401 38.15 -13.60 9.46
N PRO A 402 38.90 -14.02 8.43
CA PRO A 402 39.19 -13.12 7.31
C PRO A 402 37.91 -12.83 6.54
N ALA A 403 37.58 -11.56 6.42
CA ALA A 403 36.34 -11.20 5.76
C ALA A 403 36.57 -9.93 4.96
N ASP A 404 36.01 -9.90 3.77
CA ASP A 404 36.19 -8.80 2.83
C ASP A 404 34.86 -8.04 2.81
N TRP A 405 34.82 -6.92 3.56
CA TRP A 405 33.58 -6.20 3.80
C TRP A 405 32.83 -5.91 2.51
N ALA A 406 33.55 -5.45 1.49
CA ALA A 406 32.91 -5.01 0.25
C ALA A 406 32.24 -6.17 -0.49
N TRP A 407 32.68 -7.40 -0.24
CA TRP A 407 32.05 -8.55 -0.88
C TRP A 407 31.02 -9.23 0.01
N ILE A 408 31.12 -9.09 1.32
CA ILE A 408 30.17 -9.72 2.24
C ILE A 408 28.85 -8.95 2.26
N VAL A 409 28.92 -7.62 2.33
CA VAL A 409 27.75 -6.76 2.28
C VAL A 409 27.08 -6.91 0.92
N PRO A 410 25.80 -7.24 0.89
CA PRO A 410 25.12 -7.54 -0.38
C PRO A 410 24.93 -6.30 -1.23
N PRO A 411 24.70 -6.47 -2.53
CA PRO A 411 24.65 -5.34 -3.47
C PRO A 411 23.35 -4.56 -3.47
N ILE A 412 22.33 -5.02 -2.74
CA ILE A 412 21.17 -4.22 -2.45
C ILE A 412 20.96 -4.24 -0.95
N SER A 413 20.37 -3.17 -0.44
CA SER A 413 19.96 -3.08 0.97
C SER A 413 21.10 -3.35 1.95
N GLY A 414 22.31 -2.92 1.59
CA GLY A 414 23.47 -3.15 2.45
C GLY A 414 23.26 -2.88 3.93
N SER A 415 22.85 -1.66 4.29
CA SER A 415 22.77 -1.34 5.70
C SER A 415 21.56 -1.95 6.38
N LEU A 416 20.66 -2.59 5.62
CA LEU A 416 19.59 -3.34 6.24
C LEU A 416 20.05 -4.72 6.73
N THR A 417 21.28 -5.12 6.41
CA THR A 417 21.79 -6.39 6.87
C THR A 417 22.78 -6.18 8.01
N PRO A 418 22.94 -7.16 8.90
CA PRO A 418 23.82 -6.94 10.06
C PRO A 418 25.29 -6.80 9.70
N VAL A 419 25.74 -7.41 8.60
CA VAL A 419 27.15 -7.35 8.25
C VAL A 419 27.61 -5.92 7.92
N PHE A 420 26.69 -5.05 7.49
CA PHE A 420 27.07 -3.67 7.20
C PHE A 420 27.69 -2.98 8.41
N HIS A 421 27.15 -3.26 9.60
CA HIS A 421 27.59 -2.57 10.80
C HIS A 421 28.72 -3.28 11.51
N GLN A 422 29.25 -4.35 10.91
CA GLN A 422 30.33 -5.14 11.49
C GLN A 422 31.65 -4.78 10.82
N GLU A 423 32.58 -4.23 11.60
CA GLU A 423 33.95 -4.09 11.10
C GLU A 423 34.57 -5.46 10.87
N MET A 424 35.44 -5.54 9.86
CA MET A 424 35.99 -6.80 9.38
C MET A 424 37.47 -6.62 9.05
N VAL A 425 38.22 -7.71 9.15
CA VAL A 425 39.66 -7.72 8.88
C VAL A 425 39.91 -8.69 7.74
N ASN A 426 40.61 -8.23 6.70
CA ASN A 426 40.87 -9.01 5.51
C ASN A 426 42.34 -9.40 5.43
N TYR A 427 42.61 -10.69 5.21
CA TYR A 427 43.97 -11.21 5.12
C TYR A 427 43.92 -12.60 4.50
N PHE A 428 45.10 -13.10 4.11
CA PHE A 428 45.23 -14.35 3.37
C PHE A 428 45.70 -15.47 4.30
N LEU A 429 44.92 -16.55 4.36
CA LEU A 429 45.33 -17.80 5.02
C LEU A 429 45.35 -18.94 4.00
N SER A 430 46.20 -19.93 4.28
CA SER A 430 46.28 -21.16 3.50
C SER A 430 45.81 -22.35 4.33
N PRO A 431 45.11 -23.34 3.74
CA PRO A 431 44.68 -23.51 2.34
C PRO A 431 43.80 -22.41 1.79
N ALA A 432 43.81 -22.23 0.47
CA ALA A 432 43.09 -21.11 -0.12
C ALA A 432 42.66 -21.44 -1.55
N PHE A 433 41.57 -20.80 -1.96
CA PHE A 433 41.22 -20.65 -3.36
C PHE A 433 41.84 -19.36 -3.88
N ARG A 434 42.59 -19.47 -4.98
CA ARG A 434 43.28 -18.34 -5.59
C ARG A 434 42.77 -18.11 -7.00
N TYR A 435 42.81 -16.86 -7.45
CA TYR A 435 42.62 -16.56 -8.85
C TYR A 435 43.86 -16.96 -9.65
N GLN A 436 43.65 -17.24 -10.93
CA GLN A 436 44.74 -17.66 -11.81
C GLN A 436 44.48 -17.11 -13.20
N PRO A 437 45.51 -16.94 -14.02
CA PRO A 437 45.32 -16.39 -15.36
C PRO A 437 44.52 -17.35 -16.25
N ASP A 438 43.85 -16.79 -17.25
CA ASP A 438 43.14 -17.60 -18.22
C ASP A 438 44.15 -18.43 -19.01
N PRO A 439 43.78 -19.64 -19.43
CA PRO A 439 44.75 -20.51 -20.09
C PRO A 439 45.00 -20.18 -21.55
N TRP A 440 45.18 -18.90 -21.88
CA TRP A 440 45.59 -18.50 -23.23
C TRP A 440 46.13 -17.07 -23.24
N PHE B 28 52.53 2.63 -8.97
CA PHE B 28 51.25 3.33 -8.91
C PHE B 28 50.09 2.38 -9.15
N PRO B 29 49.13 2.35 -8.21
CA PRO B 29 48.03 1.39 -8.29
C PRO B 29 47.18 1.57 -9.54
N ARG B 30 46.88 0.47 -10.21
CA ARG B 30 45.95 0.48 -11.33
C ARG B 30 44.53 0.32 -10.82
N VAL B 31 43.62 1.09 -11.40
CA VAL B 31 42.25 1.22 -10.93
C VAL B 31 41.33 0.93 -12.10
N LYS B 32 40.44 -0.06 -11.94
CA LYS B 32 39.55 -0.46 -13.02
C LYS B 32 38.12 -0.06 -12.69
N ASN B 33 37.38 0.38 -13.69
CA ASN B 33 35.94 0.49 -13.62
C ASN B 33 35.34 -0.71 -14.34
N TRP B 34 34.55 -1.49 -13.63
CA TRP B 34 34.10 -2.76 -14.19
C TRP B 34 32.85 -2.65 -15.05
N GLU B 35 32.07 -1.58 -14.90
CA GLU B 35 30.92 -1.38 -15.77
C GLU B 35 31.34 -1.08 -17.20
N VAL B 36 32.34 -0.23 -17.38
CA VAL B 36 32.70 0.32 -18.69
C VAL B 36 33.95 -0.34 -19.24
N GLY B 37 34.88 -0.71 -18.35
CA GLY B 37 36.18 -1.22 -18.74
C GLY B 37 37.32 -0.22 -18.59
N SER B 38 37.06 0.99 -18.12
CA SER B 38 38.09 2.00 -17.97
C SER B 38 39.21 1.54 -17.05
N ILE B 39 40.42 2.03 -17.31
CA ILE B 39 41.59 1.73 -16.51
C ILE B 39 42.38 3.03 -16.31
N THR B 40 42.70 3.35 -15.05
CA THR B 40 43.53 4.51 -14.72
C THR B 40 44.56 4.10 -13.67
N TYR B 41 45.50 5.00 -13.40
CA TYR B 41 46.55 4.79 -12.43
C TYR B 41 46.55 5.96 -11.45
N ASP B 42 46.45 5.65 -10.16
CA ASP B 42 46.37 6.70 -9.14
C ASP B 42 47.80 7.11 -8.76
N THR B 43 48.34 8.11 -9.46
CA THR B 43 49.65 8.63 -9.14
C THR B 43 49.62 9.56 -7.93
N LEU B 44 48.45 10.10 -7.58
CA LEU B 44 48.36 11.01 -6.46
C LEU B 44 48.59 10.31 -5.13
N SER B 45 48.29 9.01 -5.04
CA SER B 45 48.44 8.30 -3.78
C SER B 45 49.90 8.26 -3.32
N ALA B 46 50.85 8.33 -4.26
CA ALA B 46 52.26 8.36 -3.88
C ALA B 46 52.60 9.56 -3.01
N GLN B 47 51.80 10.63 -3.07
CA GLN B 47 52.01 11.81 -2.26
C GLN B 47 51.34 11.71 -0.88
N ALA B 48 50.81 10.54 -0.52
CA ALA B 48 50.05 10.37 0.72
C ALA B 48 50.83 10.89 1.93
N GLN B 49 50.27 11.93 2.57
CA GLN B 49 50.98 12.66 3.62
C GLN B 49 51.15 11.81 4.87
N GLN B 50 50.10 11.10 5.28
CA GLN B 50 50.12 10.31 6.51
C GLN B 50 49.79 8.86 6.20
N ASP B 51 49.77 8.03 7.25
CA ASP B 51 49.64 6.59 7.11
C ASP B 51 48.28 6.14 7.65
N GLY B 52 47.67 5.18 6.95
CA GLY B 52 46.41 4.62 7.37
C GLY B 52 46.62 3.34 8.18
N PRO B 53 45.55 2.58 8.37
CA PRO B 53 45.60 1.40 9.25
C PRO B 53 45.99 0.08 8.58
N CYS B 54 46.15 0.04 7.26
CA CYS B 54 46.40 -1.22 6.56
C CYS B 54 47.89 -1.52 6.48
N THR B 55 48.19 -2.82 6.38
CA THR B 55 49.53 -3.32 6.12
C THR B 55 49.44 -4.37 5.02
N PRO B 56 50.59 -4.81 4.48
CA PRO B 56 50.55 -5.95 3.55
C PRO B 56 49.99 -7.21 4.18
N ARG B 57 49.97 -7.30 5.51
CA ARG B 57 49.43 -8.49 6.17
C ARG B 57 47.91 -8.47 6.22
N ARG B 58 47.32 -7.31 6.44
CA ARG B 58 45.91 -7.24 6.79
C ARG B 58 45.35 -5.88 6.40
N CYS B 59 44.18 -5.89 5.78
CA CYS B 59 43.46 -4.67 5.44
C CYS B 59 42.46 -4.35 6.55
N LEU B 60 42.53 -3.13 7.07
CA LEU B 60 41.55 -2.61 8.03
C LEU B 60 40.72 -1.48 7.43
N GLY B 61 40.52 -1.51 6.12
CA GLY B 61 39.75 -0.48 5.44
C GLY B 61 38.34 -0.30 5.98
N SER B 62 37.72 -1.33 6.56
CA SER B 62 36.34 -1.21 7.03
C SER B 62 36.22 -0.58 8.42
N LEU B 63 37.32 -0.29 9.10
CA LEU B 63 37.21 0.28 10.43
C LEU B 63 36.71 1.72 10.36
N VAL B 64 35.76 2.07 11.24
CA VAL B 64 35.19 3.40 11.24
C VAL B 64 36.26 4.43 11.62
N PHE B 65 37.03 4.14 12.66
CA PHE B 65 38.12 5.02 13.06
C PHE B 65 39.46 4.41 12.69
N PRO B 66 40.10 4.82 11.59
CA PRO B 66 41.34 4.26 11.06
C PRO B 66 42.60 4.80 11.78
N ALA B 79 57.35 20.55 18.44
CA ALA B 79 57.80 19.92 17.20
C ALA B 79 57.82 20.91 16.03
N PRO B 80 58.73 21.89 16.08
CA PRO B 80 58.73 22.91 15.02
C PRO B 80 59.19 22.43 13.66
N GLU B 81 60.08 21.43 13.61
CA GLU B 81 60.61 20.97 12.32
C GLU B 81 59.51 20.36 11.45
N GLN B 82 58.54 19.69 12.07
CA GLN B 82 57.48 19.01 11.34
C GLN B 82 56.29 19.91 11.10
N LEU B 83 56.04 20.86 12.01
CA LEU B 83 55.15 21.97 11.67
C LEU B 83 55.66 22.72 10.44
N LEU B 84 56.96 23.01 10.41
CA LEU B 84 57.54 23.70 9.26
C LEU B 84 57.40 22.88 7.99
N SER B 85 57.64 21.57 8.08
CA SER B 85 57.55 20.70 6.92
C SER B 85 56.13 20.67 6.36
N GLN B 86 55.13 20.58 7.25
CA GLN B 86 53.74 20.63 6.79
C GLN B 86 53.40 22.00 6.23
N ALA B 87 53.82 23.07 6.91
CA ALA B 87 53.49 24.41 6.42
C ALA B 87 54.09 24.65 5.04
N ARG B 88 55.34 24.23 4.85
CA ARG B 88 56.02 24.39 3.57
C ARG B 88 55.24 23.68 2.47
N ASP B 89 54.79 22.46 2.73
CA ASP B 89 54.03 21.73 1.73
C ASP B 89 52.72 22.44 1.41
N PHE B 90 52.03 22.96 2.42
CA PHE B 90 50.79 23.65 2.14
C PHE B 90 51.02 24.93 1.35
N ILE B 91 52.05 25.71 1.72
CA ILE B 91 52.36 26.92 0.97
C ILE B 91 52.68 26.58 -0.48
N ASN B 92 53.40 25.49 -0.71
CA ASN B 92 53.66 25.05 -2.08
C ASN B 92 52.36 24.72 -2.80
N GLN B 93 51.43 24.06 -2.11
CA GLN B 93 50.12 23.79 -2.69
C GLN B 93 49.42 25.09 -3.06
N TYR B 94 49.44 26.06 -2.16
CA TYR B 94 48.72 27.31 -2.40
C TYR B 94 49.32 28.05 -3.60
N TYR B 95 50.64 28.21 -3.62
CA TYR B 95 51.24 28.93 -4.73
C TYR B 95 51.16 28.15 -6.05
N SER B 96 51.06 26.82 -6.02
CA SER B 96 50.71 26.08 -7.22
C SER B 96 49.33 26.47 -7.72
N SER B 97 48.36 26.55 -6.80
CA SER B 97 46.97 26.82 -7.18
C SER B 97 46.79 28.18 -7.85
N ILE B 98 47.61 29.17 -7.47
CA ILE B 98 47.51 30.50 -8.08
C ILE B 98 48.59 30.73 -9.13
N LYS B 99 49.24 29.66 -9.59
CA LYS B 99 50.24 29.72 -10.66
C LYS B 99 51.39 30.68 -10.32
N ARG B 100 51.89 30.57 -9.09
CA ARG B 100 53.02 31.38 -8.63
C ARG B 100 54.12 30.51 -8.02
N SER B 101 54.18 29.23 -8.38
CA SER B 101 55.22 28.34 -7.84
CA SER B 101 55.21 28.34 -7.85
C SER B 101 56.60 28.88 -8.16
N GLY B 102 57.49 28.81 -7.16
CA GLY B 102 58.84 29.29 -7.35
C GLY B 102 59.00 30.79 -7.51
N SER B 103 57.94 31.57 -7.36
CA SER B 103 58.05 33.01 -7.56
C SER B 103 58.61 33.69 -6.31
N GLN B 104 58.93 34.98 -6.48
CA GLN B 104 59.37 35.80 -5.35
C GLN B 104 58.36 35.77 -4.21
N ALA B 105 57.08 36.00 -4.52
CA ALA B 105 56.05 35.98 -3.48
C ALA B 105 56.02 34.64 -2.77
N HIS B 106 56.21 33.54 -3.52
CA HIS B 106 56.24 32.20 -2.93
C HIS B 106 57.39 32.05 -1.95
N GLU B 107 58.63 32.33 -2.37
CA GLU B 107 59.73 32.20 -1.43
C GLU B 107 59.61 33.20 -0.29
N GLN B 108 59.08 34.40 -0.57
CA GLN B 108 58.81 35.37 0.49
C GLN B 108 57.91 34.77 1.55
N ARG B 109 56.84 34.09 1.13
CA ARG B 109 55.93 33.49 2.11
C ARG B 109 56.61 32.36 2.88
N LEU B 110 57.37 31.51 2.18
CA LEU B 110 58.10 30.44 2.84
C LEU B 110 59.04 31.00 3.91
N GLN B 111 59.82 32.02 3.55
CA GLN B 111 60.74 32.63 4.52
C GLN B 111 59.99 33.19 5.72
N GLU B 112 58.88 33.88 5.45
CA GLU B 112 58.10 34.50 6.52
C GLU B 112 57.53 33.46 7.48
N VAL B 113 57.01 32.35 6.96
CA VAL B 113 56.50 31.29 7.83
C VAL B 113 57.63 30.70 8.66
N GLU B 114 58.79 30.42 8.04
CA GLU B 114 59.96 29.99 8.79
C GLU B 114 60.25 30.94 9.95
N ALA B 115 60.31 32.23 9.66
CA ALA B 115 60.64 33.22 10.69
C ALA B 115 59.58 33.25 11.80
N GLU B 116 58.31 33.12 11.43
CA GLU B 116 57.26 33.22 12.44
C GLU B 116 57.25 32.00 13.35
N VAL B 117 57.49 30.81 12.79
CA VAL B 117 57.55 29.62 13.62
C VAL B 117 58.75 29.70 14.58
N ALA B 118 59.85 30.30 14.12
CA ALA B 118 61.02 30.47 14.98
C ALA B 118 60.77 31.49 16.08
N ALA B 119 60.00 32.54 15.79
CA ALA B 119 59.76 33.59 16.76
C ALA B 119 58.65 33.24 17.74
N THR B 120 57.63 32.50 17.28
CA THR B 120 56.42 32.30 18.07
C THR B 120 56.01 30.85 18.24
N GLY B 121 56.71 29.90 17.63
CA GLY B 121 56.30 28.50 17.69
C GLY B 121 55.12 28.15 16.80
N THR B 122 54.61 29.10 16.03
CA THR B 122 53.47 28.83 15.15
C THR B 122 53.45 29.92 14.08
N TYR B 123 52.37 29.97 13.31
CA TYR B 123 52.22 31.01 12.30
C TYR B 123 50.74 31.20 12.01
N GLN B 124 50.43 32.22 11.23
CA GLN B 124 49.06 32.59 10.90
C GLN B 124 48.84 32.51 9.40
N LEU B 125 47.69 31.96 9.01
CA LEU B 125 47.31 31.91 7.60
C LEU B 125 46.79 33.25 7.11
N ARG B 126 47.14 33.59 5.88
CA ARG B 126 46.47 34.69 5.22
C ARG B 126 45.05 34.25 4.86
N GLU B 127 44.16 35.23 4.73
CA GLU B 127 42.75 34.94 4.44
C GLU B 127 42.60 34.06 3.20
N SER B 128 43.29 34.39 2.10
CA SER B 128 43.14 33.57 0.90
CA SER B 128 43.16 33.57 0.90
C SER B 128 43.71 32.17 1.10
N GLU B 129 44.74 32.02 1.93
CA GLU B 129 45.27 30.69 2.21
C GLU B 129 44.27 29.86 2.99
N LEU B 130 43.55 30.51 3.92
CA LEU B 130 42.54 29.81 4.71
C LEU B 130 41.41 29.31 3.81
N VAL B 131 40.95 30.16 2.90
CA VAL B 131 39.87 29.75 1.99
C VAL B 131 40.33 28.58 1.12
N PHE B 132 41.53 28.68 0.57
CA PHE B 132 42.06 27.60 -0.25
C PHE B 132 42.21 26.31 0.55
N GLY B 133 42.70 26.42 1.79
CA GLY B 133 42.93 25.24 2.61
C GLY B 133 41.64 24.53 3.02
N ALA B 134 40.58 25.29 3.29
CA ALA B 134 39.31 24.70 3.68
C ALA B 134 38.68 23.94 2.53
N LYS B 135 38.69 24.52 1.33
CA LYS B 135 38.25 23.84 0.12
C LYS B 135 39.07 22.58 -0.15
N GLN B 136 40.39 22.66 0.03
CA GLN B 136 41.21 21.48 -0.19
C GLN B 136 40.89 20.38 0.81
N ALA B 137 40.55 20.75 2.04
CA ALA B 137 40.21 19.74 3.04
C ALA B 137 38.96 18.97 2.62
N TRP B 138 37.96 19.69 2.14
CA TRP B 138 36.77 19.01 1.58
C TRP B 138 37.16 18.16 0.38
N ARG B 139 37.89 18.77 -0.56
CA ARG B 139 38.35 18.05 -1.75
C ARG B 139 39.06 16.73 -1.39
N ASN B 140 39.81 16.71 -0.29
CA ASN B 140 40.63 15.57 0.13
C ASN B 140 39.88 14.53 0.96
N ALA B 141 38.60 14.77 1.32
CA ALA B 141 37.88 13.94 2.29
C ALA B 141 37.45 12.62 1.62
N PRO B 142 38.08 11.50 1.96
CA PRO B 142 37.82 10.25 1.19
C PRO B 142 36.41 9.72 1.32
N ARG B 143 35.69 10.04 2.39
CA ARG B 143 34.38 9.46 2.61
C ARG B 143 33.23 10.34 2.14
N CYS B 144 33.52 11.48 1.51
CA CYS B 144 32.49 12.40 1.07
C CYS B 144 32.14 12.15 -0.39
N VAL B 145 30.88 11.77 -0.65
CA VAL B 145 30.38 11.58 -2.02
C VAL B 145 29.96 12.88 -2.69
N GLY B 146 29.81 13.96 -1.93
CA GLY B 146 29.39 15.24 -2.49
C GLY B 146 30.48 16.17 -3.02
N ARG B 147 31.67 15.64 -3.28
CA ARG B 147 32.82 16.50 -3.55
C ARG B 147 32.82 17.14 -4.93
N ILE B 148 31.92 16.79 -5.85
CA ILE B 148 31.84 17.55 -7.09
C ILE B 148 31.66 19.04 -6.78
N GLN B 149 31.08 19.35 -5.61
CA GLN B 149 30.81 20.72 -5.16
C GLN B 149 32.00 21.41 -4.49
N TRP B 150 33.19 20.79 -4.42
CA TRP B 150 34.21 21.25 -3.47
C TRP B 150 34.65 22.70 -3.70
N GLY B 151 34.63 23.20 -4.94
CA GLY B 151 35.05 24.56 -5.20
C GLY B 151 34.06 25.63 -4.79
N LYS B 152 32.82 25.25 -4.53
CA LYS B 152 31.75 26.18 -4.14
C LYS B 152 31.55 26.02 -2.63
N LEU B 153 32.32 26.77 -1.86
CA LEU B 153 32.28 26.65 -0.41
C LEU B 153 32.41 28.06 0.13
N GLN B 154 31.45 28.47 0.93
CA GLN B 154 31.50 29.78 1.58
C GLN B 154 32.30 29.64 2.86
N VAL B 155 33.39 30.40 3.00
CA VAL B 155 34.28 30.29 4.14
C VAL B 155 34.06 31.51 5.01
N PHE B 156 33.56 31.30 6.23
CA PHE B 156 33.42 32.39 7.19
C PHE B 156 34.63 32.38 8.15
N ASP B 157 35.33 33.50 8.20
CA ASP B 157 36.56 33.60 9.00
C ASP B 157 36.17 34.15 10.36
N ALA B 158 36.08 33.25 11.34
CA ALA B 158 35.82 33.61 12.74
C ALA B 158 37.06 33.46 13.61
N ARG B 159 38.25 33.61 13.02
CA ARG B 159 39.46 33.41 13.80
C ARG B 159 39.72 34.54 14.80
N ASP B 160 38.90 35.58 14.80
CA ASP B 160 38.95 36.64 15.80
C ASP B 160 37.99 36.42 16.94
N CYS B 161 37.25 35.30 16.93
CA CYS B 161 36.27 35.04 17.97
C CYS B 161 36.93 35.02 19.34
N ARG B 162 36.23 35.60 20.32
CA ARG B 162 36.79 35.88 21.63
C ARG B 162 36.14 35.12 22.77
N SER B 163 34.89 34.69 22.60
CA SER B 163 34.11 34.16 23.71
C SER B 163 33.17 33.11 23.19
N ALA B 164 32.56 32.37 24.11
CA ALA B 164 31.51 31.45 23.67
C ALA B 164 30.28 32.21 23.18
N GLN B 165 30.04 33.42 23.70
CA GLN B 165 28.87 34.18 23.26
C GLN B 165 29.04 34.64 21.82
N GLU B 166 30.23 35.13 21.47
CA GLU B 166 30.47 35.48 20.08
C GLU B 166 30.44 34.24 19.19
N MET B 167 30.98 33.13 19.69
CA MET B 167 30.90 31.87 18.93
C MET B 167 29.46 31.53 18.57
N PHE B 168 28.55 31.64 19.53
CA PHE B 168 27.13 31.38 19.25
C PHE B 168 26.61 32.25 18.11
N THR B 169 26.96 33.54 18.12
CA THR B 169 26.47 34.46 17.09
C THR B 169 27.01 34.08 15.71
N TYR B 170 28.28 33.70 15.65
CA TYR B 170 28.85 33.20 14.40
C TYR B 170 28.14 31.94 13.91
N ILE B 171 27.79 31.05 14.84
CA ILE B 171 27.13 29.80 14.45
C ILE B 171 25.72 30.07 13.95
N CYS B 172 25.00 30.95 14.62
CA CYS B 172 23.66 31.33 14.16
C CYS B 172 23.70 31.89 12.75
N ASN B 173 24.68 32.74 12.45
CA ASN B 173 24.73 33.28 11.11
CA ASN B 173 24.83 33.31 11.11
C ASN B 173 25.16 32.23 10.09
N HIS B 174 26.02 31.29 10.47
CA HIS B 174 26.31 30.15 9.60
C HIS B 174 25.02 29.41 9.24
N ILE B 175 24.22 29.05 10.25
CA ILE B 175 22.99 28.29 10.02
C ILE B 175 22.04 29.06 9.12
N LYS B 176 21.93 30.38 9.35
CA LYS B 176 21.02 31.19 8.55
C LYS B 176 21.47 31.28 7.10
N TYR B 177 22.77 31.54 6.90
CA TYR B 177 23.31 31.61 5.55
C TYR B 177 23.15 30.27 4.82
N ALA B 178 23.59 29.20 5.46
CA ALA B 178 23.63 27.89 4.79
C ALA B 178 22.21 27.39 4.50
N THR B 179 21.29 27.62 5.42
CA THR B 179 19.93 27.14 5.21
C THR B 179 19.25 27.90 4.07
N ASN B 180 19.30 29.25 4.11
CA ASN B 180 18.85 30.07 3.00
C ASN B 180 17.41 29.75 2.62
N ARG B 181 16.56 29.55 3.64
CA ARG B 181 15.14 29.25 3.48
C ARG B 181 14.87 27.97 2.70
N GLY B 182 15.82 27.03 2.68
CA GLY B 182 15.65 25.77 1.99
C GLY B 182 16.51 25.60 0.76
N ASN B 183 16.99 26.70 0.18
CA ASN B 183 17.92 26.62 -0.95
C ASN B 183 19.34 26.60 -0.40
N LEU B 184 19.76 25.41 0.03
CA LEU B 184 20.94 25.27 0.87
C LEU B 184 22.23 25.63 0.14
N ARG B 185 23.18 26.18 0.90
CA ARG B 185 24.48 26.63 0.42
C ARG B 185 25.57 26.04 1.30
N SER B 186 26.61 25.47 0.68
CA SER B 186 27.70 24.88 1.45
C SER B 186 28.52 25.96 2.13
N ALA B 187 28.91 25.71 3.37
CA ALA B 187 29.64 26.73 4.12
C ALA B 187 30.46 26.10 5.23
N ILE B 188 31.47 26.83 5.68
CA ILE B 188 32.24 26.43 6.84
C ILE B 188 32.55 27.70 7.62
N THR B 189 32.48 27.62 8.94
CA THR B 189 32.94 28.74 9.77
C THR B 189 34.17 28.27 10.55
N VAL B 190 35.27 29.02 10.49
CA VAL B 190 36.47 28.50 11.14
C VAL B 190 36.89 29.43 12.27
N PHE B 191 36.88 28.84 13.46
CA PHE B 191 37.16 29.51 14.73
C PHE B 191 38.65 29.46 14.98
N PRO B 192 39.14 30.18 16.01
CA PRO B 192 40.60 30.31 16.19
C PRO B 192 41.33 28.99 16.28
N GLN B 193 42.51 28.96 15.69
CA GLN B 193 43.34 27.76 15.70
C GLN B 193 43.86 27.45 17.11
N ARG B 194 44.20 26.18 17.30
CA ARG B 194 44.91 25.75 18.49
C ARG B 194 46.24 26.49 18.59
N CYS B 195 46.59 26.90 19.80
CA CYS B 195 47.82 27.66 19.96
C CYS B 195 48.38 27.40 21.35
N PRO B 196 49.70 27.41 21.50
CA PRO B 196 50.29 27.15 22.83
C PRO B 196 49.88 28.22 23.82
N GLY B 197 49.50 27.78 25.02
CA GLY B 197 49.21 28.68 26.12
C GLY B 197 47.74 28.86 26.40
N ARG B 198 46.87 28.38 25.51
CA ARG B 198 45.44 28.58 25.63
C ARG B 198 44.75 27.28 25.25
N GLY B 199 43.62 27.02 25.91
CA GLY B 199 42.80 25.89 25.53
C GLY B 199 42.13 26.09 24.19
N ASP B 200 41.45 25.03 23.74
CA ASP B 200 40.80 24.99 22.43
C ASP B 200 39.41 25.59 22.49
N PHE B 201 38.99 26.21 21.40
CA PHE B 201 37.56 26.34 21.12
C PHE B 201 37.03 24.96 20.71
N ARG B 202 35.88 24.57 21.25
CA ARG B 202 35.22 23.33 20.85
C ARG B 202 33.71 23.49 20.84
N ILE B 203 33.06 22.87 19.85
CA ILE B 203 31.63 22.64 19.87
C ILE B 203 31.42 21.22 20.36
N TRP B 204 30.70 21.03 21.47
CA TRP B 204 30.61 19.68 22.02
C TRP B 204 29.65 18.82 21.20
N ASN B 205 28.63 19.43 20.61
CA ASN B 205 27.68 18.71 19.75
C ASN B 205 28.36 18.15 18.51
N SER B 206 27.91 16.96 18.07
CA SER B 206 28.47 16.36 16.87
C SER B 206 27.98 17.03 15.60
N GLN B 207 26.76 17.55 15.62
CA GLN B 207 26.23 18.42 14.58
C GLN B 207 25.58 19.63 15.21
N LEU B 208 25.43 20.69 14.42
CA LEU B 208 24.75 21.88 14.94
C LEU B 208 23.27 21.61 15.22
N VAL B 209 22.63 20.77 14.40
CA VAL B 209 21.23 20.36 14.63
C VAL B 209 21.19 18.86 14.88
N ARG B 210 20.64 18.49 16.04
CA ARG B 210 20.55 17.10 16.48
C ARG B 210 19.31 16.97 17.35
N TYR B 211 18.71 15.78 17.32
CA TYR B 211 17.55 15.50 18.15
C TYR B 211 17.99 14.81 19.43
N ALA B 212 17.35 15.19 20.54
CA ALA B 212 17.65 14.61 21.83
C ALA B 212 17.35 13.12 21.84
N GLY B 213 18.15 12.38 22.61
CA GLY B 213 17.87 10.99 22.91
C GLY B 213 17.72 10.79 24.40
N TYR B 214 16.51 10.49 24.84
CA TYR B 214 16.21 10.35 26.27
C TYR B 214 16.22 8.89 26.67
N ARG B 215 17.26 8.48 27.41
CA ARG B 215 17.25 7.18 28.07
C ARG B 215 15.99 7.06 28.92
N GLN B 216 15.53 5.82 29.10
CA GLN B 216 14.33 5.61 29.89
C GLN B 216 14.45 4.29 30.64
N GLN B 217 13.37 3.94 31.33
CA GLN B 217 13.14 2.61 31.88
C GLN B 217 11.66 2.35 31.62
N ASP B 218 11.32 1.43 30.72
CA ASP B 218 12.07 0.27 30.23
C ASP B 218 13.29 0.38 29.30
N GLY B 219 14.41 0.93 29.78
CA GLY B 219 15.68 0.88 29.05
C GLY B 219 15.73 1.49 27.65
N SER B 220 14.58 1.65 27.00
CA SER B 220 14.55 2.11 25.61
C SER B 220 14.76 3.63 25.53
N VAL B 221 15.28 4.07 24.39
CA VAL B 221 15.56 5.48 24.14
C VAL B 221 14.36 6.10 23.44
N ARG B 222 13.94 7.28 23.90
CA ARG B 222 12.94 8.07 23.18
C ARG B 222 13.67 9.16 22.42
N GLY B 223 13.48 9.19 21.09
CA GLY B 223 14.25 10.11 20.28
C GLY B 223 15.42 9.40 19.61
N ASP B 224 16.53 10.10 19.42
CA ASP B 224 17.61 9.56 18.62
C ASP B 224 18.64 8.90 19.52
N PRO B 225 18.77 7.57 19.48
CA PRO B 225 19.75 6.90 20.37
C PRO B 225 21.18 7.32 20.12
N ALA B 226 21.51 7.86 18.95
CA ALA B 226 22.87 8.30 18.72
C ALA B 226 23.27 9.46 19.65
N ASN B 227 22.30 10.17 20.20
CA ASN B 227 22.52 11.44 20.89
C ASN B 227 22.25 11.34 22.40
N VAL B 228 22.24 10.12 22.95
CA VAL B 228 21.99 9.95 24.37
C VAL B 228 23.05 10.66 25.21
N GLU B 229 24.32 10.54 24.82
CA GLU B 229 25.40 11.08 25.66
C GLU B 229 25.40 12.61 25.66
N ILE B 230 25.25 13.21 24.49
CA ILE B 230 25.21 14.68 24.40
C ILE B 230 23.95 15.21 25.07
N THR B 231 22.84 14.47 24.97
CA THR B 231 21.62 14.86 25.67
C THR B 231 21.86 14.91 27.18
N GLU B 232 22.51 13.89 27.75
CA GLU B 232 22.76 13.87 29.18
C GLU B 232 23.67 15.01 29.60
N LEU B 233 24.66 15.33 28.77
CA LEU B 233 25.55 16.44 29.06
C LEU B 233 24.80 17.77 29.05
N CYS B 234 23.85 17.93 28.13
CA CYS B 234 23.06 19.15 28.10
C CYS B 234 22.23 19.30 29.37
N ILE B 235 21.59 18.21 29.81
CA ILE B 235 20.84 18.22 31.06
C ILE B 235 21.76 18.55 32.23
N GLN B 236 22.90 17.85 32.31
CA GLN B 236 23.88 18.09 33.36
C GLN B 236 24.32 19.54 33.40
N HIS B 237 24.29 20.23 32.27
CA HIS B 237 24.65 21.64 32.18
C HIS B 237 23.42 22.55 32.19
N GLY B 238 22.34 22.10 32.80
CA GLY B 238 21.23 22.99 33.10
C GLY B 238 20.13 23.05 32.06
N TRP B 239 20.15 22.21 31.04
CA TRP B 239 19.08 22.21 30.06
C TRP B 239 17.85 21.52 30.63
N THR B 240 16.69 22.14 30.44
CA THR B 240 15.43 21.52 30.79
C THR B 240 15.01 20.62 29.63
N PRO B 241 15.04 19.30 29.78
CA PRO B 241 14.76 18.43 28.64
C PRO B 241 13.27 18.39 28.32
N GLY B 242 12.96 18.15 27.05
CA GLY B 242 11.62 17.83 26.63
C GLY B 242 11.38 16.35 26.76
N ASN B 243 10.37 15.84 26.04
CA ASN B 243 10.16 14.40 26.03
C ASN B 243 9.54 13.92 24.72
N GLY B 244 9.74 14.67 23.63
CA GLY B 244 9.38 14.19 22.31
C GLY B 244 10.50 13.41 21.65
N ARG B 245 10.19 12.90 20.45
CA ARG B 245 11.15 12.13 19.66
C ARG B 245 12.01 13.00 18.76
N PHE B 246 11.68 14.28 18.60
CA PHE B 246 12.37 15.16 17.69
C PHE B 246 12.63 16.52 18.34
N ASP B 247 13.13 16.51 19.57
CA ASP B 247 13.47 17.75 20.27
C ASP B 247 14.87 18.19 19.87
N VAL B 248 14.97 19.38 19.28
CA VAL B 248 16.27 19.90 18.85
C VAL B 248 17.12 20.22 20.09
N LEU B 249 18.37 19.74 20.10
CA LEU B 249 19.25 19.93 21.24
C LEU B 249 19.78 21.37 21.30
N PRO B 250 20.06 21.87 22.50
CA PRO B 250 20.83 23.12 22.61
C PRO B 250 22.28 22.88 22.25
N LEU B 251 23.00 23.98 22.05
CA LEU B 251 24.43 23.91 21.80
C LEU B 251 25.22 24.04 23.10
N LEU B 252 26.29 23.24 23.21
CA LEU B 252 27.29 23.33 24.28
C LEU B 252 28.58 23.83 23.64
N LEU B 253 28.94 25.07 23.94
CA LEU B 253 30.04 25.74 23.27
C LEU B 253 31.13 26.03 24.31
N GLN B 254 32.35 25.64 24.00
CA GLN B 254 33.47 25.79 24.92
C GLN B 254 34.45 26.81 24.35
N ALA B 255 34.66 27.91 25.10
CA ALA B 255 35.73 28.85 24.81
C ALA B 255 36.98 28.41 25.56
N PRO B 256 38.16 28.88 25.13
CA PRO B 256 39.41 28.40 25.74
C PRO B 256 39.40 28.48 27.26
N ASP B 257 39.72 27.35 27.90
CA ASP B 257 39.95 27.28 29.34
C ASP B 257 38.71 27.65 30.15
N GLU B 258 37.54 27.39 29.57
CA GLU B 258 36.26 27.71 30.17
C GLU B 258 35.38 26.48 30.08
N PRO B 259 34.54 26.23 31.09
CA PRO B 259 33.52 25.17 30.95
C PRO B 259 32.64 25.43 29.76
N PRO B 260 32.00 24.41 29.20
CA PRO B 260 31.08 24.65 28.08
C PRO B 260 29.87 25.42 28.56
N GLU B 261 29.32 26.22 27.66
CA GLU B 261 28.18 27.07 27.95
C GLU B 261 27.03 26.68 27.05
N LEU B 262 25.81 26.66 27.62
CA LEU B 262 24.62 26.19 26.92
C LEU B 262 23.99 27.35 26.15
N PHE B 263 23.62 27.09 24.89
CA PHE B 263 22.92 28.07 24.06
C PHE B 263 21.79 27.38 23.34
N LEU B 264 20.59 27.92 23.46
CA LEU B 264 19.43 27.44 22.74
C LEU B 264 19.40 28.04 21.34
N LEU B 265 19.05 27.22 20.35
CA LEU B 265 18.91 27.76 18.99
C LEU B 265 17.51 28.34 18.83
N PRO B 266 17.36 29.55 18.32
CA PRO B 266 16.04 30.07 18.00
C PRO B 266 15.31 29.09 17.10
N PRO B 267 14.10 28.66 17.48
CA PRO B 267 13.38 27.67 16.66
C PRO B 267 13.23 28.07 15.20
N GLU B 268 13.08 29.36 14.90
CA GLU B 268 12.93 29.82 13.53
C GLU B 268 14.23 29.77 12.74
N LEU B 269 15.36 29.53 13.39
CA LEU B 269 16.61 29.30 12.66
C LEU B 269 16.73 27.85 12.18
N VAL B 270 16.05 26.92 12.82
CA VAL B 270 16.19 25.48 12.57
C VAL B 270 15.05 25.05 11.64
N LEU B 271 15.36 24.91 10.34
CA LEU B 271 14.35 24.52 9.36
C LEU B 271 14.18 23.01 9.40
N GLU B 272 12.94 22.55 9.50
CA GLU B 272 12.64 21.12 9.57
C GLU B 272 11.62 20.76 8.51
N VAL B 273 11.57 19.47 8.18
CA VAL B 273 10.70 18.94 7.13
C VAL B 273 9.85 17.83 7.73
N PRO B 274 8.54 18.01 7.90
CA PRO B 274 7.70 16.87 8.29
C PRO B 274 7.66 15.87 7.15
N LEU B 275 7.67 14.58 7.49
CA LEU B 275 7.78 13.53 6.50
C LEU B 275 6.41 12.98 6.16
N GLU B 276 6.13 12.92 4.86
CA GLU B 276 4.91 12.32 4.31
C GLU B 276 5.31 11.51 3.10
N HIS B 277 4.43 10.60 2.70
CA HIS B 277 4.68 9.75 1.54
C HIS B 277 3.69 10.12 0.43
N PRO B 278 4.10 10.14 -0.84
CA PRO B 278 3.19 10.65 -1.88
C PRO B 278 1.96 9.80 -2.09
N THR B 279 2.02 8.51 -1.79
CA THR B 279 0.85 7.67 -1.93
C THR B 279 0.47 6.87 -0.69
N LEU B 280 1.30 6.80 0.35
CA LEU B 280 0.89 6.08 1.56
C LEU B 280 0.42 7.14 2.57
N GLU B 281 -0.89 7.40 2.61
CA GLU B 281 -1.35 8.56 3.40
C GLU B 281 -1.20 8.34 4.90
N TRP B 282 -1.17 7.10 5.37
CA TRP B 282 -0.94 6.86 6.79
C TRP B 282 0.47 7.22 7.23
N PHE B 283 1.40 7.43 6.29
CA PHE B 283 2.80 7.67 6.66
C PHE B 283 2.94 8.94 7.46
N ALA B 284 2.17 9.97 7.10
CA ALA B 284 2.24 11.25 7.81
C ALA B 284 1.86 11.10 9.27
N ALA B 285 1.05 10.09 9.61
CA ALA B 285 0.60 9.89 10.97
C ALA B 285 1.70 9.29 11.85
N LEU B 286 2.81 8.87 11.26
CA LEU B 286 3.98 8.47 12.03
C LEU B 286 4.57 9.65 12.79
N GLY B 287 4.27 10.87 12.36
CA GLY B 287 4.81 12.05 13.02
C GLY B 287 6.31 12.19 12.88
N LEU B 288 6.88 11.74 11.77
CA LEU B 288 8.31 11.81 11.57
C LEU B 288 8.70 13.16 10.97
N ARG B 289 9.91 13.61 11.33
CA ARG B 289 10.47 14.88 10.88
C ARG B 289 11.96 14.68 10.69
N TRP B 290 12.56 15.51 9.85
CA TRP B 290 14.01 15.63 9.90
C TRP B 290 14.38 17.08 9.61
N TYR B 291 15.62 17.45 9.95
CA TYR B 291 16.05 18.83 9.77
C TYR B 291 16.73 19.02 8.41
N ALA B 292 16.70 20.26 7.93
CA ALA B 292 17.21 20.60 6.60
C ALA B 292 18.74 20.54 6.52
N LEU B 293 19.43 20.98 7.58
CA LEU B 293 20.85 21.34 7.48
C LEU B 293 21.73 20.30 8.14
N PRO B 294 22.52 19.52 7.38
CA PRO B 294 23.52 18.64 8.01
C PRO B 294 24.79 19.44 8.26
N ALA B 295 25.12 19.71 9.52
CA ALA B 295 26.25 20.61 9.83
C ALA B 295 27.14 19.93 10.87
N VAL B 296 28.20 19.29 10.41
CA VAL B 296 29.06 18.54 11.30
C VAL B 296 29.98 19.50 12.04
N SER B 297 30.04 19.35 13.37
CA SER B 297 30.67 20.36 14.22
C SER B 297 31.75 19.81 15.15
N ASN B 298 32.07 18.52 15.07
CA ASN B 298 33.01 17.91 16.02
C ASN B 298 34.31 17.46 15.36
N MET B 299 34.55 17.81 14.10
CA MET B 299 35.78 17.42 13.43
C MET B 299 36.83 18.53 13.46
N LEU B 300 38.09 18.12 13.29
CA LEU B 300 39.22 19.04 13.31
C LEU B 300 39.67 19.34 11.88
N LEU B 301 39.80 20.62 11.57
CA LEU B 301 40.34 21.07 10.28
C LEU B 301 41.84 21.28 10.44
N GLU B 302 42.64 20.60 9.61
CA GLU B 302 44.08 20.76 9.64
C GLU B 302 44.55 21.36 8.33
N ILE B 303 45.27 22.47 8.40
CA ILE B 303 45.81 23.16 7.23
C ILE B 303 47.28 23.49 7.53
N GLY B 304 48.18 22.95 6.73
CA GLY B 304 49.59 23.33 6.85
C GLY B 304 50.16 23.16 8.25
N GLY B 305 49.78 22.09 8.93
CA GLY B 305 50.21 21.85 10.29
C GLY B 305 49.44 22.59 11.35
N LEU B 306 48.64 23.59 11.00
CA LEU B 306 47.82 24.26 12.00
C LEU B 306 46.53 23.49 12.19
N GLU B 307 45.99 23.55 13.40
CA GLU B 307 44.81 22.76 13.74
C GLU B 307 43.70 23.70 14.20
N PHE B 308 42.51 23.50 13.65
CA PHE B 308 41.32 24.27 13.98
C PHE B 308 40.32 23.27 14.59
N PRO B 309 40.35 23.09 15.91
CA PRO B 309 39.45 22.09 16.53
C PRO B 309 37.99 22.47 16.47
N ALA B 310 37.65 23.70 16.13
CA ALA B 310 36.27 24.13 16.00
C ALA B 310 36.12 24.77 14.63
N ALA B 311 35.48 24.05 13.70
CA ALA B 311 35.28 24.59 12.37
C ALA B 311 34.07 23.90 11.73
N PRO B 312 32.85 24.18 12.18
CA PRO B 312 31.67 23.44 11.67
C PRO B 312 31.47 23.71 10.19
N PHE B 313 31.07 22.66 9.46
CA PHE B 313 30.83 22.78 8.04
C PHE B 313 29.51 22.09 7.69
N SER B 314 28.85 22.57 6.64
CA SER B 314 27.53 22.07 6.28
C SER B 314 27.39 22.05 4.77
N GLY B 315 26.58 21.09 4.28
CA GLY B 315 26.21 21.02 2.87
C GLY B 315 24.72 20.84 2.74
N TRP B 316 24.30 19.79 2.04
CA TRP B 316 22.90 19.39 2.04
C TRP B 316 22.87 17.87 2.03
N TYR B 317 21.71 17.32 2.37
CA TYR B 317 21.61 15.88 2.59
C TYR B 317 21.53 15.09 1.29
N MET B 318 22.12 13.89 1.32
CA MET B 318 21.74 12.81 0.42
C MET B 318 20.64 11.99 1.09
N SER B 319 19.60 11.64 0.34
CA SER B 319 18.38 11.17 1.01
C SER B 319 18.60 9.89 1.80
N THR B 320 19.56 9.03 1.37
CA THR B 320 19.78 7.76 2.08
C THR B 320 20.35 7.99 3.47
N GLU B 321 21.05 9.11 3.71
CA GLU B 321 21.50 9.35 5.08
C GLU B 321 20.31 9.41 6.03
N ILE B 322 19.23 10.06 5.60
CA ILE B 322 18.03 10.18 6.43
C ILE B 322 17.19 8.93 6.36
N GLY B 323 16.78 8.57 5.15
CA GLY B 323 15.78 7.52 5.00
C GLY B 323 16.31 6.15 5.39
N THR B 324 17.55 5.86 5.03
CA THR B 324 18.08 4.53 5.33
C THR B 324 18.79 4.50 6.68
N ARG B 325 19.78 5.37 6.89
CA ARG B 325 20.55 5.22 8.12
C ARG B 325 19.81 5.79 9.33
N ASN B 326 19.45 7.07 9.27
CA ASN B 326 18.92 7.70 10.48
C ASN B 326 17.59 7.09 10.89
N LEU B 327 16.74 6.74 9.91
CA LEU B 327 15.42 6.23 10.26
C LEU B 327 15.34 4.71 10.35
N CYS B 328 16.18 3.98 9.59
CA CYS B 328 16.08 2.51 9.55
C CYS B 328 17.18 1.75 10.27
N ASP B 329 18.30 2.39 10.66
CA ASP B 329 19.30 1.65 11.41
C ASP B 329 18.65 1.06 12.67
N PRO B 330 18.94 -0.19 13.02
CA PRO B 330 18.33 -0.75 14.24
C PRO B 330 18.70 0.02 15.48
N HIS B 331 19.88 0.64 15.50
CA HIS B 331 20.31 1.42 16.65
C HIS B 331 20.01 2.90 16.49
N ARG B 332 19.16 3.28 15.53
CA ARG B 332 18.71 4.65 15.47
C ARG B 332 17.19 4.69 15.69
N TYR B 333 16.43 5.35 14.79
CA TYR B 333 14.98 5.42 15.01
C TYR B 333 14.30 4.08 14.74
N ASN B 334 14.90 3.21 13.92
CA ASN B 334 14.49 1.80 13.84
C ASN B 334 13.01 1.65 13.47
N ILE B 335 12.59 2.35 12.41
CA ILE B 335 11.16 2.35 12.07
C ILE B 335 10.78 1.27 11.07
N LEU B 336 11.74 0.46 10.62
CA LEU B 336 11.54 -0.33 9.41
C LEU B 336 10.39 -1.31 9.57
N GLU B 337 10.35 -2.04 10.69
CA GLU B 337 9.30 -3.04 10.82
C GLU B 337 7.93 -2.40 10.98
N ASP B 338 7.86 -1.29 11.72
CA ASP B 338 6.58 -0.60 11.88
C ASP B 338 6.06 -0.12 10.53
N VAL B 339 6.95 0.38 9.67
CA VAL B 339 6.52 0.78 8.33
C VAL B 339 6.08 -0.44 7.51
N ALA B 340 6.83 -1.54 7.60
CA ALA B 340 6.48 -2.73 6.81
C ALA B 340 5.14 -3.31 7.23
N VAL B 341 4.85 -3.30 8.54
CA VAL B 341 3.56 -3.77 9.02
C VAL B 341 2.43 -2.91 8.47
N CYS B 342 2.60 -1.58 8.54
CA CYS B 342 1.59 -0.68 8.00
C CYS B 342 1.39 -0.88 6.50
N MET B 343 2.46 -1.21 5.77
CA MET B 343 2.36 -1.51 4.34
C MET B 343 1.70 -2.84 4.05
N ASP B 344 1.33 -3.59 5.08
CA ASP B 344 0.72 -4.91 4.95
C ASP B 344 1.67 -5.91 4.27
N LEU B 345 2.96 -5.77 4.55
CA LEU B 345 3.92 -6.74 4.05
C LEU B 345 4.01 -7.94 5.00
N ASP B 346 4.44 -9.08 4.46
CA ASP B 346 4.58 -10.29 5.26
C ASP B 346 5.94 -10.25 5.96
N THR B 347 5.94 -9.89 7.23
CA THR B 347 7.18 -9.73 8.00
C THR B 347 7.62 -11.02 8.69
N ARG B 348 6.93 -12.14 8.46
CA ARG B 348 7.30 -13.39 9.13
C ARG B 348 8.44 -14.11 8.42
N THR B 349 8.73 -13.77 7.17
CA THR B 349 9.74 -14.44 6.38
C THR B 349 10.62 -13.42 5.68
N THR B 350 11.93 -13.70 5.60
CA THR B 350 12.86 -12.73 5.03
C THR B 350 12.76 -12.70 3.51
N SER B 351 12.36 -13.81 2.89
CA SER B 351 12.38 -13.90 1.43
C SER B 351 11.25 -13.11 0.77
N SER B 352 10.31 -12.56 1.53
CA SER B 352 9.38 -11.62 0.93
C SER B 352 10.04 -10.27 0.65
N LEU B 353 11.26 -10.07 1.14
CA LEU B 353 12.02 -8.81 0.99
C LEU B 353 11.25 -7.63 1.56
N TRP B 354 10.54 -7.87 2.67
CA TRP B 354 9.78 -6.78 3.28
C TRP B 354 10.68 -5.65 3.75
N LYS B 355 11.90 -5.97 4.20
CA LYS B 355 12.80 -4.92 4.66
C LYS B 355 13.20 -4.02 3.51
N ASP B 356 13.54 -4.60 2.36
CA ASP B 356 13.92 -3.82 1.19
C ASP B 356 12.78 -2.95 0.71
N LYS B 357 11.57 -3.54 0.59
CA LYS B 357 10.42 -2.76 0.11
C LYS B 357 10.11 -1.60 1.04
N ALA B 358 10.11 -1.84 2.36
CA ALA B 358 9.79 -0.76 3.30
C ALA B 358 10.86 0.33 3.25
N ALA B 359 12.14 -0.06 3.15
CA ALA B 359 13.19 0.97 3.15
C ALA B 359 13.10 1.83 1.90
N VAL B 360 12.74 1.24 0.76
CA VAL B 360 12.59 2.03 -0.46
C VAL B 360 11.49 3.07 -0.31
N GLU B 361 10.35 2.69 0.27
CA GLU B 361 9.28 3.68 0.43
C GLU B 361 9.64 4.74 1.47
N ILE B 362 10.44 4.39 2.48
CA ILE B 362 10.88 5.44 3.41
C ILE B 362 11.74 6.46 2.71
N ASN B 363 12.65 6.00 1.84
CA ASN B 363 13.49 6.91 1.08
C ASN B 363 12.67 7.74 0.09
N VAL B 364 11.66 7.14 -0.53
CA VAL B 364 10.72 7.91 -1.36
C VAL B 364 10.08 9.01 -0.55
N ALA B 365 9.62 8.68 0.66
CA ALA B 365 9.00 9.68 1.52
C ALA B 365 9.95 10.84 1.80
N VAL B 366 11.21 10.53 2.06
CA VAL B 366 12.18 11.59 2.36
C VAL B 366 12.32 12.52 1.17
N LEU B 367 12.56 11.96 -0.02
CA LEU B 367 12.74 12.79 -1.21
C LEU B 367 11.51 13.62 -1.51
N HIS B 368 10.34 12.97 -1.50
CA HIS B 368 9.08 13.69 -1.72
C HIS B 368 8.90 14.83 -0.72
N SER B 369 9.17 14.57 0.55
CA SER B 369 8.88 15.56 1.58
C SER B 369 9.81 16.77 1.47
N TYR B 370 11.10 16.53 1.23
CA TYR B 370 12.04 17.65 1.07
C TYR B 370 11.72 18.43 -0.21
N GLN B 371 11.38 17.73 -1.29
CA GLN B 371 11.01 18.44 -2.52
C GLN B 371 9.74 19.24 -2.32
N LEU B 372 8.76 18.67 -1.61
CA LEU B 372 7.53 19.39 -1.31
C LEU B 372 7.81 20.65 -0.50
N ALA B 373 8.73 20.55 0.45
CA ALA B 373 9.09 21.66 1.33
C ALA B 373 10.06 22.63 0.69
N LYS B 374 10.53 22.35 -0.52
CA LYS B 374 11.52 23.17 -1.23
C LYS B 374 12.80 23.31 -0.41
N VAL B 375 13.29 22.17 0.08
CA VAL B 375 14.56 22.06 0.78
C VAL B 375 15.46 21.16 -0.06
N THR B 376 16.63 21.69 -0.43
CA THR B 376 17.63 20.95 -1.21
C THR B 376 17.87 19.55 -0.66
N ILE B 377 17.87 18.57 -1.57
CA ILE B 377 18.24 17.20 -1.22
C ILE B 377 18.65 16.52 -2.52
N VAL B 378 19.52 15.51 -2.41
CA VAL B 378 20.01 14.78 -3.58
C VAL B 378 19.80 13.29 -3.33
N ASP B 379 19.21 12.60 -4.32
CA ASP B 379 19.07 11.16 -4.14
C ASP B 379 20.40 10.45 -4.42
N HIS B 380 20.49 9.18 -4.02
CA HIS B 380 21.75 8.46 -4.12
C HIS B 380 22.16 8.16 -5.55
N HIS B 381 21.22 8.16 -6.51
CA HIS B 381 21.58 7.96 -7.91
C HIS B 381 22.25 9.21 -8.50
N ALA B 382 21.61 10.37 -8.30
CA ALA B 382 22.22 11.61 -8.78
C ALA B 382 23.56 11.86 -8.10
N ALA B 383 23.62 11.58 -6.79
CA ALA B 383 24.84 11.89 -6.04
C ALA B 383 26.01 11.03 -6.50
N THR B 384 25.78 9.73 -6.73
CA THR B 384 26.87 8.86 -7.15
C THR B 384 27.26 9.14 -8.59
N ALA B 385 26.29 9.52 -9.44
CA ALA B 385 26.64 9.91 -10.81
C ALA B 385 27.52 11.16 -10.81
N SER B 386 27.20 12.12 -9.95
CA SER B 386 28.04 13.31 -9.88
C SER B 386 29.40 13.01 -9.27
N PHE B 387 29.48 12.03 -8.36
CA PHE B 387 30.79 11.65 -7.83
C PHE B 387 31.65 11.00 -8.91
N MET B 388 31.03 10.25 -9.83
CA MET B 388 31.81 9.69 -10.93
C MET B 388 32.43 10.80 -11.78
N LYS B 389 31.68 11.86 -12.04
CA LYS B 389 32.24 13.00 -12.75
C LYS B 389 33.39 13.64 -11.97
N HIS B 390 33.28 13.66 -10.64
CA HIS B 390 34.35 14.23 -9.83
C HIS B 390 35.62 13.41 -9.97
N LEU B 391 35.50 12.07 -9.94
CA LEU B 391 36.66 11.20 -10.13
C LEU B 391 37.35 11.49 -11.45
N GLU B 392 36.57 11.67 -12.52
CA GLU B 392 37.13 11.98 -13.82
C GLU B 392 37.80 13.36 -13.82
N ASN B 393 37.12 14.37 -13.26
CA ASN B 393 37.74 15.68 -13.08
C ASN B 393 39.07 15.56 -12.34
N GLU B 394 39.07 14.83 -11.23
CA GLU B 394 40.27 14.78 -10.38
C GLU B 394 41.38 13.96 -11.01
N GLN B 395 41.04 12.94 -11.79
CA GLN B 395 42.09 12.20 -12.50
C GLN B 395 42.86 13.12 -13.44
N LYS B 396 42.15 14.03 -14.11
CA LYS B 396 42.83 14.98 -15.00
C LYS B 396 43.58 16.05 -14.22
N ALA B 397 43.00 16.52 -13.12
CA ALA B 397 43.58 17.64 -12.39
C ALA B 397 44.80 17.23 -11.56
N ARG B 398 44.73 16.07 -10.88
CA ARG B 398 45.72 15.69 -9.90
C ARG B 398 46.26 14.28 -10.05
N GLY B 399 45.76 13.49 -11.00
CA GLY B 399 46.24 12.13 -11.15
C GLY B 399 45.64 11.14 -10.20
N GLY B 400 44.46 11.41 -9.65
CA GLY B 400 43.81 10.48 -8.77
C GLY B 400 42.89 11.20 -7.81
N CYS B 401 42.28 10.41 -6.93
CA CYS B 401 41.32 10.91 -5.96
C CYS B 401 41.20 9.94 -4.78
N PRO B 402 41.51 10.37 -3.56
CA PRO B 402 41.30 9.49 -2.40
C PRO B 402 39.82 9.25 -2.18
N ALA B 403 39.43 7.98 -2.10
CA ALA B 403 38.04 7.63 -1.94
C ALA B 403 37.91 6.33 -1.15
N ASP B 404 36.93 6.31 -0.26
CA ASP B 404 36.67 5.19 0.63
C ASP B 404 35.42 4.48 0.09
N TRP B 405 35.65 3.39 -0.65
CA TRP B 405 34.57 2.67 -1.33
C TRP B 405 33.38 2.38 -0.42
N ALA B 406 33.66 1.84 0.77
CA ALA B 406 32.58 1.44 1.66
C ALA B 406 31.73 2.61 2.14
N TRP B 407 32.27 3.84 2.13
CA TRP B 407 31.45 4.99 2.49
C TRP B 407 30.81 5.67 1.28
N ILE B 408 31.45 5.56 0.12
CA ILE B 408 30.94 6.19 -1.10
C ILE B 408 29.74 5.40 -1.64
N VAL B 409 29.79 4.08 -1.56
CA VAL B 409 28.68 3.25 -2.04
C VAL B 409 27.49 3.41 -1.09
N PRO B 410 26.31 3.80 -1.58
CA PRO B 410 25.18 4.09 -0.69
C PRO B 410 24.68 2.85 0.05
N PRO B 411 23.97 3.05 1.16
CA PRO B 411 23.56 1.91 2.01
C PRO B 411 22.36 1.12 1.49
N ILE B 412 21.61 1.62 0.51
CA ILE B 412 20.66 0.80 -0.24
C ILE B 412 21.08 0.85 -1.70
N SER B 413 20.69 -0.19 -2.45
CA SER B 413 20.82 -0.19 -3.91
C SER B 413 22.25 0.02 -4.38
N GLY B 414 23.23 -0.50 -3.62
CA GLY B 414 24.63 -0.26 -3.92
C GLY B 414 25.03 -0.50 -5.36
N SER B 415 24.79 -1.71 -5.88
CA SER B 415 25.29 -2.01 -7.21
C SER B 415 24.43 -1.40 -8.32
N LEU B 416 23.32 -0.75 -7.97
CA LEU B 416 22.57 0.01 -8.96
C LEU B 416 23.20 1.38 -9.23
N THR B 417 24.18 1.80 -8.41
CA THR B 417 24.87 3.06 -8.61
C THR B 417 26.22 2.82 -9.28
N PRO B 418 26.72 3.77 -10.07
CA PRO B 418 27.95 3.50 -10.81
C PRO B 418 29.18 3.39 -9.90
N VAL B 419 29.14 3.95 -8.69
CA VAL B 419 30.33 3.89 -7.85
C VAL B 419 30.62 2.47 -7.37
N PHE B 420 29.61 1.59 -7.32
CA PHE B 420 29.85 0.22 -6.89
C PHE B 420 30.89 -0.45 -7.78
N HIS B 421 30.88 -0.14 -9.06
CA HIS B 421 31.69 -0.82 -10.06
C HIS B 421 33.02 -0.15 -10.29
N GLN B 422 33.33 0.85 -9.49
CA GLN B 422 34.56 1.64 -9.60
C GLN B 422 35.49 1.23 -8.46
N GLU B 423 36.63 0.65 -8.82
CA GLU B 423 37.69 0.46 -7.83
C GLU B 423 38.19 1.84 -7.37
N MET B 424 38.55 1.92 -6.10
CA MET B 424 38.96 3.18 -5.50
C MET B 424 40.19 2.96 -4.62
N VAL B 425 40.94 4.04 -4.41
CA VAL B 425 42.16 4.01 -3.62
C VAL B 425 41.98 4.98 -2.45
N ASN B 426 42.12 4.48 -1.23
CA ASN B 426 41.91 5.30 -0.04
C ASN B 426 43.25 5.71 0.54
N TYR B 427 43.41 7.01 0.82
CA TYR B 427 44.65 7.50 1.42
C TYR B 427 44.39 8.89 1.97
N PHE B 428 45.36 9.39 2.73
CA PHE B 428 45.20 10.62 3.50
C PHE B 428 46.06 11.74 2.90
N LEU B 429 45.41 12.78 2.43
CA LEU B 429 46.05 14.01 2.00
C LEU B 429 45.73 15.13 2.99
N SER B 430 46.63 16.11 3.05
CA SER B 430 46.40 17.29 3.86
C SER B 430 46.45 18.51 2.95
N PRO B 431 45.66 19.57 3.24
CA PRO B 431 44.67 19.84 4.29
C PRO B 431 43.58 18.77 4.41
N ALA B 432 43.04 18.62 5.62
CA ALA B 432 42.19 17.47 5.91
C ALA B 432 41.24 17.85 7.03
N PHE B 433 40.07 17.21 7.00
CA PHE B 433 39.21 17.08 8.17
C PHE B 433 39.53 15.77 8.86
N ARG B 434 39.76 15.84 10.17
CA ARG B 434 40.14 14.68 10.98
C ARG B 434 39.15 14.50 12.11
N TYR B 435 38.95 13.25 12.53
CA TYR B 435 38.23 13.00 13.77
C TYR B 435 39.11 13.42 14.95
N GLN B 436 38.47 13.75 16.06
CA GLN B 436 39.18 14.13 17.27
C GLN B 436 38.39 13.61 18.46
N PRO B 437 39.03 13.46 19.62
CA PRO B 437 38.30 12.93 20.77
C PRO B 437 37.25 13.91 21.27
N ASP B 438 36.23 13.37 21.92
CA ASP B 438 35.22 14.22 22.53
C ASP B 438 35.85 15.02 23.68
N PRO B 439 35.47 16.29 23.85
CA PRO B 439 36.14 17.12 24.86
C PRO B 439 35.78 16.76 26.29
N TRP B 440 34.85 15.83 26.54
CA TRP B 440 34.52 15.46 27.92
C TRP B 440 35.15 14.13 28.32
N PHE C 28 -54.48 5.50 -4.87
CA PHE C 28 -53.75 6.10 -3.75
C PHE C 28 -52.90 5.06 -3.00
N PRO C 29 -51.59 5.10 -3.22
CA PRO C 29 -50.70 4.08 -2.64
C PRO C 29 -50.78 4.07 -1.11
N ARG C 30 -50.88 2.85 -0.56
CA ARG C 30 -50.80 2.65 0.88
C ARG C 30 -49.34 2.54 1.31
N VAL C 31 -48.97 3.25 2.37
CA VAL C 31 -47.58 3.37 2.78
C VAL C 31 -47.47 3.02 4.26
N LYS C 32 -46.62 2.06 4.58
CA LYS C 32 -46.52 1.55 5.94
C LYS C 32 -45.16 1.85 6.56
N ASN C 33 -45.18 2.17 7.86
CA ASN C 33 -43.99 2.19 8.70
C ASN C 33 -43.91 0.86 9.46
N TRP C 34 -42.84 0.12 9.22
CA TRP C 34 -42.69 -1.23 9.75
C TRP C 34 -42.13 -1.27 11.16
N GLU C 35 -41.59 -0.15 11.67
CA GLU C 35 -41.17 -0.09 13.07
C GLU C 35 -42.36 0.14 13.97
N VAL C 36 -43.30 0.99 13.54
CA VAL C 36 -44.43 1.37 14.36
C VAL C 36 -45.73 0.69 13.93
N GLY C 37 -45.84 0.25 12.68
CA GLY C 37 -47.06 -0.32 12.15
C GLY C 37 -48.06 0.68 11.62
N SER C 38 -47.74 1.97 11.62
CA SER C 38 -48.69 2.96 11.16
C SER C 38 -48.82 2.94 9.65
N ILE C 39 -49.99 3.38 9.18
CA ILE C 39 -50.35 3.39 7.77
C ILE C 39 -50.79 4.80 7.38
N THR C 40 -50.32 5.27 6.24
CA THR C 40 -50.87 6.47 5.59
C THR C 40 -51.15 6.15 4.14
N TYR C 41 -51.85 7.05 3.46
CA TYR C 41 -52.10 6.95 2.03
C TYR C 41 -51.59 8.21 1.36
N ASP C 42 -50.74 8.05 0.35
CA ASP C 42 -50.21 9.20 -0.36
C ASP C 42 -51.21 9.62 -1.43
N THR C 43 -51.95 10.70 -1.16
CA THR C 43 -52.85 11.25 -2.16
C THR C 43 -52.17 12.30 -3.04
N LEU C 44 -51.03 12.83 -2.61
CA LEU C 44 -50.32 13.85 -3.37
C LEU C 44 -49.72 13.29 -4.65
N SER C 45 -49.34 12.00 -4.66
CA SER C 45 -48.73 11.40 -5.84
C SER C 45 -49.63 11.48 -7.07
N ALA C 46 -50.95 11.61 -6.87
CA ALA C 46 -51.87 11.74 -8.00
C ALA C 46 -51.57 12.96 -8.85
N GLN C 47 -51.01 14.02 -8.26
CA GLN C 47 -50.71 15.26 -8.98
C GLN C 47 -49.30 15.30 -9.54
N ALA C 48 -48.62 14.16 -9.64
CA ALA C 48 -47.28 14.14 -10.20
C ALA C 48 -47.34 14.59 -11.65
N GLN C 49 -46.55 15.61 -11.97
CA GLN C 49 -46.54 16.17 -13.32
C GLN C 49 -45.84 15.22 -14.29
N GLN C 50 -44.53 15.38 -14.42
CA GLN C 50 -43.78 14.62 -15.40
C GLN C 50 -43.74 13.15 -14.99
N ASP C 51 -43.15 12.33 -15.85
CA ASP C 51 -43.12 10.90 -15.66
C ASP C 51 -41.72 10.44 -15.30
N GLY C 52 -41.63 9.61 -14.27
CA GLY C 52 -40.37 9.00 -13.90
C GLY C 52 -40.05 7.80 -14.76
N PRO C 53 -38.96 7.12 -14.41
CA PRO C 53 -38.41 6.06 -15.27
C PRO C 53 -39.00 4.68 -15.09
N CYS C 54 -39.85 4.47 -14.10
CA CYS C 54 -40.32 3.12 -13.79
C CYS C 54 -41.54 2.76 -14.63
N THR C 55 -41.72 1.48 -14.84
CA THR C 55 -42.92 0.93 -15.47
C THR C 55 -43.39 -0.27 -14.67
N PRO C 56 -44.61 -0.75 -14.92
CA PRO C 56 -45.06 -1.99 -14.28
C PRO C 56 -44.15 -3.17 -14.58
N ARG C 57 -43.40 -3.12 -15.67
CA ARG C 57 -42.51 -4.22 -16.00
C ARG C 57 -41.21 -4.19 -15.18
N ARG C 58 -40.68 -3.00 -14.86
CA ARG C 58 -39.38 -2.95 -14.23
C ARG C 58 -39.25 -1.65 -13.46
N CYS C 59 -38.62 -1.73 -12.31
CA CYS C 59 -38.36 -0.57 -11.46
C CYS C 59 -36.93 -0.08 -11.69
N LEU C 60 -36.79 1.23 -11.97
CA LEU C 60 -35.51 1.88 -12.15
C LEU C 60 -35.25 2.92 -11.07
N GLY C 61 -35.87 2.72 -9.90
CA GLY C 61 -35.73 3.68 -8.82
C GLY C 61 -34.29 3.90 -8.37
N SER C 62 -33.42 2.90 -8.57
CA SER C 62 -32.03 3.05 -8.11
C SER C 62 -31.13 3.84 -9.07
N LEU C 63 -31.62 4.24 -10.24
CA LEU C 63 -30.77 4.96 -11.18
C LEU C 63 -30.58 6.40 -10.72
N VAL C 64 -29.35 6.88 -10.80
CA VAL C 64 -29.05 8.25 -10.37
C VAL C 64 -29.72 9.26 -11.31
N PHE C 65 -29.53 9.09 -12.62
CA PHE C 65 -30.13 9.93 -13.63
C PHE C 65 -31.22 9.16 -14.37
N PRO C 66 -32.50 9.44 -14.11
CA PRO C 66 -33.62 8.87 -14.90
C PRO C 66 -33.73 9.51 -16.29
N ALA C 79 -43.25 26.65 -28.93
CA ALA C 79 -44.28 26.09 -28.06
C ALA C 79 -44.71 27.09 -26.99
N PRO C 80 -45.53 28.08 -27.39
CA PRO C 80 -46.04 29.05 -26.40
C PRO C 80 -47.17 28.47 -25.57
N GLU C 81 -47.94 27.55 -26.15
CA GLU C 81 -49.04 26.93 -25.40
C GLU C 81 -48.51 26.03 -24.30
N GLN C 82 -47.35 25.40 -24.53
CA GLN C 82 -46.75 24.58 -23.48
C GLN C 82 -46.32 25.43 -22.29
N LEU C 83 -45.66 26.56 -22.56
CA LEU C 83 -45.24 27.44 -21.46
C LEU C 83 -46.43 27.94 -20.68
N LEU C 84 -47.47 28.40 -21.41
CA LEU C 84 -48.70 28.89 -20.81
C LEU C 84 -49.30 27.91 -19.81
N SER C 85 -49.38 26.63 -20.18
CA SER C 85 -50.09 25.69 -19.31
C SER C 85 -49.32 25.44 -18.02
N GLN C 86 -48.00 25.34 -18.10
CA GLN C 86 -47.19 25.25 -16.90
C GLN C 86 -47.29 26.54 -16.09
N ALA C 87 -47.28 27.69 -16.76
CA ALA C 87 -47.36 28.96 -16.03
C ALA C 87 -48.68 29.09 -15.29
N ARG C 88 -49.78 28.73 -15.95
CA ARG C 88 -51.08 28.79 -15.30
C ARG C 88 -51.13 27.88 -14.09
N ASP C 89 -50.62 26.66 -14.21
CA ASP C 89 -50.64 25.72 -13.09
C ASP C 89 -49.91 26.28 -11.88
N PHE C 90 -48.76 26.91 -12.10
CA PHE C 90 -47.99 27.43 -10.98
C PHE C 90 -48.72 28.59 -10.29
N ILE C 91 -49.33 29.49 -11.08
CA ILE C 91 -50.05 30.63 -10.49
C ILE C 91 -51.19 30.14 -9.62
N ASN C 92 -51.89 29.09 -10.07
CA ASN C 92 -52.98 28.53 -9.28
C ASN C 92 -52.46 27.93 -7.98
N GLN C 93 -51.35 27.20 -8.04
CA GLN C 93 -50.68 26.72 -6.84
C GLN C 93 -50.40 27.87 -5.88
N TYR C 94 -49.79 28.93 -6.40
CA TYR C 94 -49.39 30.04 -5.54
C TYR C 94 -50.60 30.66 -4.85
N TYR C 95 -51.68 30.91 -5.60
CA TYR C 95 -52.80 31.63 -5.00
C TYR C 95 -53.60 30.74 -4.06
N SER C 96 -53.62 29.43 -4.28
CA SER C 96 -54.22 28.54 -3.30
C SER C 96 -53.42 28.55 -2.00
N SER C 97 -52.09 28.62 -2.11
CA SER C 97 -51.21 28.53 -0.95
C SER C 97 -51.27 29.77 -0.07
N ILE C 98 -51.73 30.90 -0.60
CA ILE C 98 -51.92 32.11 0.21
C ILE C 98 -53.38 32.35 0.54
N LYS C 99 -54.26 31.38 0.25
CA LYS C 99 -55.68 31.45 0.60
C LYS C 99 -56.40 32.58 -0.12
N ARG C 100 -55.97 32.89 -1.35
CA ARG C 100 -56.62 33.90 -2.18
C ARG C 100 -56.81 33.37 -3.60
N SER C 101 -57.38 32.17 -3.71
CA SER C 101 -57.61 31.55 -5.02
C SER C 101 -58.99 31.95 -5.52
N GLY C 102 -59.07 32.23 -6.82
CA GLY C 102 -60.24 32.83 -7.42
C GLY C 102 -60.31 34.34 -7.30
N SER C 103 -59.42 34.93 -6.50
CA SER C 103 -59.38 36.36 -6.23
C SER C 103 -59.35 37.23 -7.47
N GLN C 104 -59.67 38.51 -7.30
CA GLN C 104 -59.34 39.51 -8.30
C GLN C 104 -57.84 39.51 -8.58
N ALA C 105 -57.04 39.38 -7.52
CA ALA C 105 -55.59 39.29 -7.71
C ALA C 105 -55.22 38.07 -8.55
N HIS C 106 -55.97 36.98 -8.39
CA HIS C 106 -55.70 35.75 -9.14
C HIS C 106 -55.91 35.98 -10.64
N GLU C 107 -57.02 36.61 -11.01
CA GLU C 107 -57.34 36.76 -12.43
C GLU C 107 -56.39 37.76 -13.10
N GLN C 108 -56.03 38.85 -12.43
CA GLN C 108 -55.15 39.83 -13.04
C GLN C 108 -53.80 39.21 -13.37
N ARG C 109 -53.24 38.44 -12.44
CA ARG C 109 -51.95 37.80 -12.67
C ARG C 109 -52.03 36.83 -13.85
N LEU C 110 -53.08 36.01 -13.90
CA LEU C 110 -53.24 35.09 -15.03
C LEU C 110 -53.22 35.85 -16.35
N GLN C 111 -53.99 36.94 -16.43
CA GLN C 111 -54.07 37.70 -17.67
C GLN C 111 -52.77 38.43 -17.97
N GLU C 112 -52.03 38.84 -16.93
CA GLU C 112 -50.73 39.47 -17.17
C GLU C 112 -49.76 38.50 -17.84
N VAL C 113 -49.72 37.27 -17.34
CA VAL C 113 -48.81 36.25 -17.90
C VAL C 113 -49.18 35.95 -19.35
N GLU C 114 -50.48 35.79 -19.64
CA GLU C 114 -50.91 35.57 -21.02
C GLU C 114 -50.44 36.69 -21.93
N ALA C 115 -50.67 37.95 -21.53
CA ALA C 115 -50.27 39.07 -22.38
C ALA C 115 -48.76 39.12 -22.56
N GLU C 116 -48.02 38.90 -21.47
CA GLU C 116 -46.56 38.99 -21.55
C GLU C 116 -45.98 37.92 -22.46
N VAL C 117 -46.49 36.69 -22.38
CA VAL C 117 -46.00 35.62 -23.25
C VAL C 117 -46.39 35.90 -24.70
N ALA C 118 -47.55 36.51 -24.94
CA ALA C 118 -47.92 36.87 -26.30
C ALA C 118 -47.02 37.98 -26.82
N ALA C 119 -46.69 38.94 -25.95
CA ALA C 119 -45.83 40.05 -26.36
C ALA C 119 -44.39 39.60 -26.58
N THR C 120 -43.87 38.73 -25.72
CA THR C 120 -42.42 38.52 -25.69
C THR C 120 -41.99 37.07 -25.78
N GLY C 121 -42.89 36.09 -25.69
CA GLY C 121 -42.52 34.70 -25.74
C GLY C 121 -42.25 34.06 -24.39
N THR C 122 -42.12 34.85 -23.34
CA THR C 122 -41.83 34.35 -21.99
C THR C 122 -42.56 35.25 -21.00
N TYR C 123 -42.27 35.11 -19.71
CA TYR C 123 -42.83 36.05 -18.74
C TYR C 123 -41.92 36.13 -17.52
N GLN C 124 -42.21 37.12 -16.68
CA GLN C 124 -41.43 37.43 -15.49
C GLN C 124 -42.20 37.06 -14.23
N LEU C 125 -41.52 36.39 -13.30
CA LEU C 125 -42.09 36.14 -11.99
C LEU C 125 -42.04 37.40 -11.14
N ARG C 126 -43.12 37.65 -10.38
CA ARG C 126 -43.05 38.61 -9.29
C ARG C 126 -42.10 38.09 -8.22
N GLU C 127 -41.53 39.00 -7.43
CA GLU C 127 -40.54 38.60 -6.45
C GLU C 127 -41.11 37.59 -5.45
N SER C 128 -42.39 37.73 -5.10
CA SER C 128 -42.99 36.79 -4.16
C SER C 128 -43.19 35.42 -4.80
N GLU C 129 -43.56 35.39 -6.09
CA GLU C 129 -43.68 34.12 -6.80
C GLU C 129 -42.34 33.41 -6.93
N LEU C 130 -41.24 34.17 -7.06
CA LEU C 130 -39.93 33.55 -7.13
C LEU C 130 -39.54 32.93 -5.80
N VAL C 131 -39.79 33.63 -4.70
CA VAL C 131 -39.55 33.07 -3.37
C VAL C 131 -40.37 31.80 -3.18
N PHE C 132 -41.69 31.89 -3.41
CA PHE C 132 -42.55 30.73 -3.25
C PHE C 132 -42.06 29.56 -4.08
N GLY C 133 -41.66 29.82 -5.33
CA GLY C 133 -41.26 28.73 -6.22
C GLY C 133 -39.95 28.09 -5.80
N ALA C 134 -39.00 28.89 -5.31
CA ALA C 134 -37.74 28.33 -4.84
C ALA C 134 -37.97 27.44 -3.63
N LYS C 135 -38.81 27.88 -2.68
CA LYS C 135 -39.13 27.06 -1.52
C LYS C 135 -39.85 25.77 -1.92
N GLN C 136 -40.83 25.87 -2.82
CA GLN C 136 -41.54 24.66 -3.25
C GLN C 136 -40.60 23.69 -3.96
N ALA C 137 -39.64 24.20 -4.73
CA ALA C 137 -38.76 23.29 -5.44
C ALA C 137 -37.85 22.54 -4.46
N TRP C 138 -37.47 23.18 -3.36
CA TRP C 138 -36.79 22.48 -2.28
C TRP C 138 -37.72 21.47 -1.62
N ARG C 139 -38.93 21.91 -1.27
CA ARG C 139 -39.90 21.05 -0.59
C ARG C 139 -40.24 19.82 -1.42
N ASN C 140 -40.14 19.92 -2.74
CA ASN C 140 -40.52 18.83 -3.65
C ASN C 140 -39.36 17.90 -4.02
N ALA C 141 -38.14 18.19 -3.56
CA ALA C 141 -36.94 17.46 -3.92
C ALA C 141 -36.91 16.09 -3.27
N PRO C 142 -37.16 14.99 -3.99
CA PRO C 142 -37.34 13.70 -3.32
C PRO C 142 -36.11 13.19 -2.60
N ARG C 143 -34.91 13.57 -3.04
CA ARG C 143 -33.69 13.01 -2.46
C ARG C 143 -33.11 13.83 -1.33
N CYS C 144 -33.81 14.87 -0.87
CA CYS C 144 -33.30 15.76 0.15
C CYS C 144 -33.83 15.35 1.52
N VAL C 145 -32.92 14.95 2.41
CA VAL C 145 -33.31 14.62 3.79
C VAL C 145 -33.46 15.85 4.67
N GLY C 146 -33.05 17.03 4.21
CA GLY C 146 -33.09 18.21 5.06
C GLY C 146 -34.32 19.08 4.92
N ARG C 147 -35.42 18.53 4.41
CA ARG C 147 -36.55 19.37 4.01
C ARG C 147 -37.41 19.86 5.17
N ILE C 148 -37.20 19.38 6.39
CA ILE C 148 -37.86 19.97 7.54
C ILE C 148 -37.60 21.49 7.55
N GLN C 149 -36.50 21.93 6.95
CA GLN C 149 -36.09 23.34 6.92
C GLN C 149 -36.66 24.13 5.75
N TRP C 150 -37.57 23.53 4.95
CA TRP C 150 -37.88 24.09 3.64
C TRP C 150 -38.51 25.46 3.70
N GLY C 151 -39.20 25.80 4.79
CA GLY C 151 -39.80 27.11 4.90
C GLY C 151 -38.84 28.24 5.21
N LYS C 152 -37.61 27.91 5.57
CA LYS C 152 -36.61 28.89 5.99
C LYS C 152 -35.51 28.91 4.93
N LEU C 153 -35.65 29.81 3.96
CA LEU C 153 -34.75 29.88 2.81
C LEU C 153 -34.59 31.34 2.39
N GLN C 154 -33.35 31.79 2.28
CA GLN C 154 -33.06 33.15 1.84
C GLN C 154 -32.91 33.17 0.33
N VAL C 155 -33.78 33.89 -0.35
CA VAL C 155 -33.79 33.91 -1.81
C VAL C 155 -33.18 35.23 -2.27
N PHE C 156 -32.02 35.14 -2.91
CA PHE C 156 -31.33 36.31 -3.45
C PHE C 156 -31.65 36.41 -4.93
N ASP C 157 -32.25 37.52 -5.33
CA ASP C 157 -32.72 37.70 -6.70
C ASP C 157 -31.62 38.38 -7.51
N ALA C 158 -30.99 37.63 -8.42
CA ALA C 158 -29.94 38.12 -9.29
C ALA C 158 -30.38 38.15 -10.75
N ARG C 159 -31.69 38.22 -11.00
CA ARG C 159 -32.24 38.21 -12.35
C ARG C 159 -31.89 39.45 -13.15
N ASP C 160 -31.22 40.43 -12.56
CA ASP C 160 -30.74 41.61 -13.27
C ASP C 160 -29.26 41.54 -13.60
N CYS C 161 -28.66 40.34 -13.50
CA CYS C 161 -27.22 40.20 -13.66
C CYS C 161 -26.79 40.40 -15.11
N ARG C 162 -25.65 41.05 -15.29
CA ARG C 162 -25.17 41.43 -16.63
C ARG C 162 -24.03 40.52 -17.11
N SER C 163 -22.93 40.48 -16.37
CA SER C 163 -21.72 39.81 -16.83
C SER C 163 -21.27 38.77 -15.81
N ALA C 164 -20.23 38.04 -16.18
CA ALA C 164 -19.62 37.07 -15.26
C ALA C 164 -19.02 37.78 -14.04
N GLN C 165 -18.50 38.99 -14.24
CA GLN C 165 -17.97 39.76 -13.11
C GLN C 165 -19.07 40.05 -12.09
N GLU C 166 -20.26 40.38 -12.56
CA GLU C 166 -21.39 40.57 -11.65
C GLU C 166 -21.85 39.26 -11.05
N MET C 167 -21.81 38.17 -11.83
CA MET C 167 -22.11 36.85 -11.30
C MET C 167 -21.21 36.55 -10.10
N PHE C 168 -19.92 36.86 -10.24
CA PHE C 168 -18.98 36.59 -9.16
C PHE C 168 -19.33 37.38 -7.90
N THR C 169 -19.81 38.62 -8.08
CA THR C 169 -20.18 39.44 -6.93
C THR C 169 -21.42 38.89 -6.24
N TYR C 170 -22.42 38.49 -7.01
CA TYR C 170 -23.58 37.82 -6.41
C TYR C 170 -23.19 36.54 -5.67
N ILE C 171 -22.30 35.75 -6.27
CA ILE C 171 -21.90 34.48 -5.65
C ILE C 171 -21.13 34.73 -4.37
N CYS C 172 -20.20 35.69 -4.39
CA CYS C 172 -19.45 36.00 -3.18
C CYS C 172 -20.37 36.48 -2.07
N ASN C 173 -21.39 37.29 -2.43
CA ASN C 173 -22.35 37.72 -1.43
C ASN C 173 -23.14 36.54 -0.88
N HIS C 174 -23.52 35.60 -1.73
CA HIS C 174 -24.21 34.40 -1.28
C HIS C 174 -23.34 33.64 -0.30
N ILE C 175 -22.10 33.32 -0.71
CA ILE C 175 -21.19 32.59 0.16
C ILE C 175 -21.02 33.30 1.49
N LYS C 176 -20.86 34.62 1.46
CA LYS C 176 -20.70 35.39 2.69
C LYS C 176 -21.92 35.27 3.58
N TYR C 177 -23.11 35.52 3.01
CA TYR C 177 -24.35 35.38 3.79
C TYR C 177 -24.52 33.96 4.31
N ALA C 178 -24.37 32.96 3.43
CA ALA C 178 -24.69 31.59 3.81
C ALA C 178 -23.74 31.08 4.88
N THR C 179 -22.44 31.41 4.77
CA THR C 179 -21.48 30.90 5.75
C THR C 179 -21.73 31.51 7.12
N ASN C 180 -21.84 32.84 7.21
CA ASN C 180 -22.22 33.50 8.45
C ASN C 180 -21.27 33.12 9.61
N ARG C 181 -19.97 33.12 9.32
CA ARG C 181 -18.93 32.79 10.30
C ARG C 181 -19.12 31.39 10.90
N GLY C 182 -19.81 30.49 10.20
CA GLY C 182 -20.01 29.13 10.67
C GLY C 182 -21.41 28.82 11.14
N ASN C 183 -22.26 29.82 11.36
CA ASN C 183 -23.65 29.60 11.72
C ASN C 183 -24.48 29.62 10.43
N LEU C 184 -24.46 28.48 9.73
CA LEU C 184 -24.89 28.44 8.34
C LEU C 184 -26.38 28.73 8.19
N ARG C 185 -26.73 29.38 7.08
CA ARG C 185 -28.09 29.80 6.77
C ARG C 185 -28.40 29.38 5.34
N SER C 186 -29.58 28.77 5.13
CA SER C 186 -29.92 28.29 3.80
C SER C 186 -30.17 29.46 2.86
N ALA C 187 -29.73 29.32 1.62
CA ALA C 187 -29.88 30.43 0.68
C ALA C 187 -29.83 29.92 -0.75
N ILE C 188 -30.50 30.65 -1.63
CA ILE C 188 -30.42 30.42 -3.06
C ILE C 188 -30.28 31.79 -3.74
N THR C 189 -29.45 31.84 -4.78
CA THR C 189 -29.34 33.01 -5.63
C THR C 189 -29.80 32.63 -7.02
N VAL C 190 -30.75 33.39 -7.55
CA VAL C 190 -31.40 33.09 -8.83
C VAL C 190 -30.91 34.08 -9.88
N PHE C 191 -30.26 33.57 -10.90
CA PHE C 191 -29.74 34.33 -12.04
C PHE C 191 -30.75 34.32 -13.18
N PRO C 192 -30.55 35.15 -14.21
CA PRO C 192 -31.60 35.29 -15.23
C PRO C 192 -31.99 33.96 -15.88
N GLN C 193 -33.27 33.85 -16.19
CA GLN C 193 -33.79 32.66 -16.84
C GLN C 193 -33.28 32.57 -18.28
N ARG C 194 -33.29 31.35 -18.80
CA ARG C 194 -33.11 31.19 -20.24
C ARG C 194 -34.30 31.77 -20.98
N CYS C 195 -34.07 32.17 -22.22
CA CYS C 195 -35.14 32.56 -23.12
C CYS C 195 -34.62 32.48 -24.56
N PRO C 196 -35.52 32.42 -25.56
CA PRO C 196 -35.09 32.26 -26.96
C PRO C 196 -34.05 33.25 -27.43
N GLY C 197 -33.28 32.86 -28.45
CA GLY C 197 -32.37 33.77 -29.13
C GLY C 197 -31.08 34.05 -28.39
N ARG C 198 -31.18 34.34 -27.09
CA ARG C 198 -30.02 34.67 -26.28
C ARG C 198 -29.62 33.48 -25.41
N GLY C 199 -28.39 33.53 -24.90
CA GLY C 199 -27.75 32.39 -24.28
C GLY C 199 -28.20 32.10 -22.86
N ASP C 200 -27.28 31.53 -22.08
CA ASP C 200 -27.55 31.04 -20.73
C ASP C 200 -26.45 31.47 -19.79
N PHE C 201 -26.82 31.83 -18.58
CA PHE C 201 -25.87 31.91 -17.48
C PHE C 201 -25.63 30.50 -16.95
N ARG C 202 -24.36 30.11 -16.81
CA ARG C 202 -24.03 28.82 -16.26
C ARG C 202 -22.87 28.96 -15.27
N ILE C 203 -22.98 28.25 -14.15
CA ILE C 203 -21.84 28.00 -13.28
C ILE C 203 -21.28 26.64 -13.67
N TRP C 204 -20.09 26.62 -14.28
CA TRP C 204 -19.53 25.37 -14.78
C TRP C 204 -19.14 24.42 -13.64
N ASN C 205 -18.81 24.97 -12.47
CA ASN C 205 -18.46 24.13 -11.33
C ASN C 205 -19.71 23.44 -10.80
N SER C 206 -19.55 22.19 -10.35
CA SER C 206 -20.69 21.47 -9.79
C SER C 206 -21.07 22.03 -8.42
N GLN C 207 -20.11 22.58 -7.68
CA GLN C 207 -20.36 23.26 -6.42
C GLN C 207 -19.51 24.53 -6.37
N LEU C 208 -19.93 25.46 -5.51
CA LEU C 208 -19.17 26.69 -5.37
C LEU C 208 -17.79 26.41 -4.78
N VAL C 209 -17.69 25.47 -3.84
CA VAL C 209 -16.44 25.10 -3.21
C VAL C 209 -16.15 23.65 -3.59
N ARG C 210 -15.08 23.45 -4.35
CA ARG C 210 -14.63 22.12 -4.75
C ARG C 210 -13.12 22.06 -4.64
N TYR C 211 -12.61 20.89 -4.27
CA TYR C 211 -11.16 20.67 -4.24
C TYR C 211 -10.69 20.12 -5.58
N ALA C 212 -9.52 20.59 -6.01
CA ALA C 212 -8.97 20.12 -7.29
C ALA C 212 -8.66 18.63 -7.24
N GLY C 213 -8.62 18.03 -8.42
CA GLY C 213 -8.12 16.67 -8.60
C GLY C 213 -7.13 16.61 -9.76
N TYR C 214 -5.90 16.19 -9.49
CA TYR C 214 -4.83 16.17 -10.49
C TYR C 214 -4.45 14.73 -10.84
N ARG C 215 -4.32 14.44 -12.13
CA ARG C 215 -3.87 13.14 -12.62
C ARG C 215 -2.34 13.11 -12.75
N GLN C 216 -1.77 11.89 -12.70
CA GLN C 216 -0.32 11.70 -12.73
C GLN C 216 0.02 10.53 -13.67
N GLN C 217 1.33 10.38 -13.99
CA GLN C 217 1.78 9.17 -14.69
C GLN C 217 1.57 7.92 -13.85
N ASP C 218 1.39 8.08 -12.54
CA ASP C 218 0.84 7.01 -11.73
C ASP C 218 -0.51 6.52 -12.26
N GLY C 219 -1.19 7.34 -13.08
CA GLY C 219 -2.58 7.13 -13.41
C GLY C 219 -3.53 7.54 -12.31
N SER C 220 -3.05 7.64 -11.08
CA SER C 220 -3.88 7.98 -9.94
C SER C 220 -4.28 9.46 -9.99
N VAL C 221 -5.03 9.88 -8.97
CA VAL C 221 -5.42 11.26 -8.80
C VAL C 221 -4.97 11.72 -7.42
N ARG C 222 -4.39 12.91 -7.38
CA ARG C 222 -4.13 13.61 -6.14
C ARG C 222 -5.20 14.68 -5.97
N GLY C 223 -5.87 14.66 -4.82
CA GLY C 223 -7.04 15.49 -4.63
C GLY C 223 -8.33 14.71 -4.81
N ASP C 224 -9.37 15.39 -5.30
CA ASP C 224 -10.69 14.80 -5.38
C ASP C 224 -10.92 14.24 -6.78
N PRO C 225 -11.02 12.92 -6.96
CA PRO C 225 -11.24 12.37 -8.31
C PRO C 225 -12.53 12.85 -8.95
N ALA C 226 -13.51 13.30 -8.16
CA ALA C 226 -14.74 13.79 -8.75
C ALA C 226 -14.53 15.05 -9.57
N ASN C 227 -13.45 15.78 -9.34
CA ASN C 227 -13.26 17.09 -9.96
C ASN C 227 -12.09 17.11 -10.94
N VAL C 228 -11.68 15.95 -11.46
CA VAL C 228 -10.59 15.91 -12.43
C VAL C 228 -10.98 16.69 -13.69
N GLU C 229 -12.24 16.55 -14.12
CA GLU C 229 -12.70 17.22 -15.34
C GLU C 229 -12.67 18.74 -15.18
N ILE C 230 -13.31 19.26 -14.12
CA ILE C 230 -13.33 20.70 -13.93
C ILE C 230 -11.94 21.24 -13.60
N THR C 231 -11.12 20.44 -12.92
CA THR C 231 -9.75 20.89 -12.64
C THR C 231 -8.97 21.11 -13.93
N GLU C 232 -9.14 20.22 -14.91
CA GLU C 232 -8.47 20.38 -16.19
C GLU C 232 -9.08 21.52 -17.01
N LEU C 233 -10.38 21.77 -16.84
CA LEU C 233 -11.00 22.92 -17.52
C LEU C 233 -10.49 24.23 -16.95
N CYS C 234 -10.33 24.31 -15.62
CA CYS C 234 -9.78 25.52 -15.02
C CYS C 234 -8.34 25.74 -15.49
N ILE C 235 -7.57 24.66 -15.59
CA ILE C 235 -6.18 24.79 -16.02
C ILE C 235 -6.11 25.40 -17.43
N GLN C 236 -7.02 24.98 -18.32
CA GLN C 236 -7.05 25.57 -19.65
C GLN C 236 -7.41 27.04 -19.59
N HIS C 237 -8.61 27.35 -19.09
CA HIS C 237 -9.09 28.73 -19.06
C HIS C 237 -8.36 29.55 -18.00
N GLY C 238 -7.04 29.44 -17.95
CA GLY C 238 -6.24 30.36 -17.18
C GLY C 238 -5.52 29.82 -15.95
N TRP C 239 -6.19 28.98 -15.17
CA TRP C 239 -5.77 28.77 -13.78
C TRP C 239 -4.38 28.15 -13.68
N THR C 240 -3.62 28.62 -12.70
CA THR C 240 -2.32 28.05 -12.37
C THR C 240 -2.51 26.96 -11.32
N PRO C 241 -2.09 25.73 -11.59
CA PRO C 241 -2.46 24.61 -10.73
C PRO C 241 -1.71 24.61 -9.40
N GLY C 242 -2.38 24.14 -8.36
CA GLY C 242 -1.70 23.76 -7.14
C GLY C 242 -1.18 22.33 -7.25
N ASN C 243 -0.81 21.78 -6.10
CA ASN C 243 -0.48 20.35 -6.05
C ASN C 243 -0.72 19.80 -4.66
N GLY C 244 -1.76 20.29 -3.98
CA GLY C 244 -2.17 19.77 -2.70
C GLY C 244 -3.41 18.89 -2.86
N ARG C 245 -3.69 18.11 -1.82
CA ARG C 245 -4.87 17.26 -1.82
C ARG C 245 -6.15 18.04 -1.55
N PHE C 246 -6.06 19.30 -1.13
CA PHE C 246 -7.24 20.09 -0.84
C PHE C 246 -7.09 21.52 -1.39
N ASP C 247 -6.67 21.64 -2.65
CA ASP C 247 -6.61 22.93 -3.32
C ASP C 247 -8.02 23.35 -3.77
N VAL C 248 -8.51 24.47 -3.24
CA VAL C 248 -9.83 24.98 -3.62
C VAL C 248 -9.79 25.48 -5.05
N LEU C 249 -10.77 25.08 -5.85
CA LEU C 249 -10.80 25.40 -7.27
C LEU C 249 -11.28 26.83 -7.50
N PRO C 250 -10.85 27.46 -8.60
CA PRO C 250 -11.48 28.72 -9.03
C PRO C 250 -12.87 28.45 -9.59
N LEU C 251 -13.61 29.52 -9.84
CA LEU C 251 -14.95 29.45 -10.42
C LEU C 251 -14.89 29.74 -11.90
N LEU C 252 -15.54 28.90 -12.70
CA LEU C 252 -15.70 29.10 -14.14
C LEU C 252 -17.14 29.53 -14.38
N LEU C 253 -17.36 30.84 -14.44
CA LEU C 253 -18.67 31.42 -14.60
C LEU C 253 -18.88 31.83 -16.05
N GLN C 254 -20.09 31.62 -16.57
CA GLN C 254 -20.36 31.84 -17.98
C GLN C 254 -21.61 32.68 -18.14
N ALA C 255 -21.44 33.91 -18.62
CA ALA C 255 -22.54 34.77 -19.01
C ALA C 255 -22.98 34.41 -20.43
N PRO C 256 -24.21 34.78 -20.83
CA PRO C 256 -24.71 34.38 -22.16
C PRO C 256 -23.78 34.71 -23.31
N ASP C 257 -23.24 33.66 -23.94
CA ASP C 257 -22.55 33.66 -25.23
C ASP C 257 -21.05 33.92 -25.12
N GLU C 258 -20.60 34.58 -24.06
CA GLU C 258 -19.17 34.74 -23.89
C GLU C 258 -18.55 33.42 -23.41
N PRO C 259 -17.29 33.17 -23.74
CA PRO C 259 -16.54 32.11 -23.04
C PRO C 259 -16.63 32.30 -21.55
N PRO C 260 -16.46 31.23 -20.77
CA PRO C 260 -16.50 31.38 -19.32
C PRO C 260 -15.24 32.06 -18.81
N GLU C 261 -15.38 32.77 -17.69
CA GLU C 261 -14.30 33.57 -17.14
C GLU C 261 -13.85 33.01 -15.80
N LEU C 262 -12.54 32.90 -15.63
CA LEU C 262 -11.97 32.30 -14.42
C LEU C 262 -11.92 33.33 -13.30
N PHE C 263 -12.49 32.98 -12.15
CA PHE C 263 -12.49 33.83 -10.97
C PHE C 263 -11.94 33.04 -9.80
N LEU C 264 -11.16 33.70 -8.95
CA LEU C 264 -10.60 33.08 -7.76
C LEU C 264 -11.40 33.53 -6.54
N LEU C 265 -11.80 32.58 -5.71
CA LEU C 265 -12.53 32.92 -4.50
C LEU C 265 -11.55 33.49 -3.47
N PRO C 266 -11.86 34.63 -2.86
CA PRO C 266 -11.01 35.15 -1.79
C PRO C 266 -10.87 34.13 -0.69
N PRO C 267 -9.63 33.72 -0.37
CA PRO C 267 -9.41 32.64 0.61
C PRO C 267 -10.23 32.81 1.89
N GLU C 268 -10.37 34.06 2.35
CA GLU C 268 -11.10 34.34 3.58
C GLU C 268 -12.61 34.16 3.42
N LEU C 269 -13.11 34.02 2.19
CA LEU C 269 -14.52 33.70 2.01
C LEU C 269 -14.81 32.23 2.18
N VAL C 270 -13.81 31.36 2.06
CA VAL C 270 -14.02 29.91 1.98
C VAL C 270 -13.65 29.32 3.33
N LEU C 271 -14.65 29.16 4.18
CA LEU C 271 -14.43 28.59 5.51
C LEU C 271 -14.17 27.09 5.40
N GLU C 272 -13.05 26.63 5.98
CA GLU C 272 -12.70 25.22 5.97
C GLU C 272 -12.49 24.72 7.39
N VAL C 273 -12.62 23.41 7.56
CA VAL C 273 -12.55 22.78 8.87
C VAL C 273 -11.45 21.71 8.87
N PRO C 274 -10.33 21.92 9.55
CA PRO C 274 -9.33 20.86 9.65
C PRO C 274 -9.90 19.75 10.52
N LEU C 275 -9.67 18.49 10.11
CA LEU C 275 -10.29 17.39 10.80
C LEU C 275 -9.37 16.80 11.86
N GLU C 276 -9.90 16.69 13.09
CA GLU C 276 -9.21 16.03 14.19
CA GLU C 276 -9.21 16.03 14.17
C GLU C 276 -10.17 15.03 14.82
N HIS C 277 -9.62 14.15 15.63
CA HIS C 277 -10.42 13.17 16.32
C HIS C 277 -10.35 13.40 17.83
N PRO C 278 -11.45 13.19 18.55
CA PRO C 278 -11.45 13.52 19.99
C PRO C 278 -10.47 12.72 20.82
N THR C 279 -10.11 11.51 20.40
CA THR C 279 -9.25 10.65 21.19
C THR C 279 -8.10 10.02 20.41
N LEU C 280 -8.17 9.97 19.08
CA LEU C 280 -7.08 9.44 18.25
C LEU C 280 -6.19 10.60 17.87
N GLU C 281 -5.08 10.78 18.60
CA GLU C 281 -4.29 12.00 18.46
C GLU C 281 -3.62 12.10 17.10
N TRP C 282 -3.38 10.97 16.44
CA TRP C 282 -2.71 10.96 15.15
C TRP C 282 -3.63 11.34 13.99
N PHE C 283 -4.93 11.46 14.23
CA PHE C 283 -5.85 11.73 13.12
C PHE C 283 -5.59 13.09 12.51
N ALA C 284 -5.31 14.10 13.34
CA ALA C 284 -4.99 15.42 12.82
C ALA C 284 -3.83 15.35 11.84
N ALA C 285 -2.86 14.47 12.09
CA ALA C 285 -1.66 14.46 11.25
C ALA C 285 -1.95 13.92 9.85
N LEU C 286 -3.10 13.30 9.64
CA LEU C 286 -3.44 12.87 8.29
C LEU C 286 -3.65 14.05 7.36
N GLY C 287 -3.83 15.27 7.89
CA GLY C 287 -3.96 16.46 7.07
C GLY C 287 -5.30 16.62 6.40
N LEU C 288 -6.31 15.85 6.82
CA LEU C 288 -7.63 15.94 6.22
C LEU C 288 -8.30 17.27 6.58
N ARG C 289 -9.10 17.77 5.64
CA ARG C 289 -9.93 18.93 5.89
C ARG C 289 -11.18 18.83 5.03
N TRP C 290 -12.16 19.66 5.34
CA TRP C 290 -13.30 19.84 4.44
C TRP C 290 -13.85 21.24 4.64
N TYR C 291 -14.71 21.65 3.72
CA TYR C 291 -15.23 23.00 3.71
C TYR C 291 -16.62 23.06 4.34
N ALA C 292 -16.97 24.25 4.81
CA ALA C 292 -18.18 24.44 5.61
C ALA C 292 -19.44 24.39 4.76
N LEU C 293 -19.40 24.91 3.54
CA LEU C 293 -20.61 25.28 2.83
C LEU C 293 -20.91 24.33 1.68
N PRO C 294 -21.94 23.47 1.79
CA PRO C 294 -22.39 22.68 0.62
C PRO C 294 -23.31 23.51 -0.24
N ALA C 295 -22.81 23.91 -1.41
CA ALA C 295 -23.48 24.87 -2.29
C ALA C 295 -23.45 24.34 -3.71
N VAL C 296 -24.55 23.71 -4.11
CA VAL C 296 -24.63 23.07 -5.42
C VAL C 296 -25.01 24.10 -6.47
N SER C 297 -24.26 24.11 -7.58
CA SER C 297 -24.31 25.19 -8.55
C SER C 297 -24.55 24.71 -9.98
N ASN C 298 -24.85 23.43 -10.18
CA ASN C 298 -24.96 22.89 -11.53
C ASN C 298 -26.35 22.36 -11.85
N MET C 299 -27.33 22.55 -10.97
CA MET C 299 -28.69 22.10 -11.23
C MET C 299 -29.54 23.23 -11.80
N LEU C 300 -30.69 22.87 -12.35
CA LEU C 300 -31.58 23.81 -13.01
C LEU C 300 -32.85 23.96 -12.18
N LEU C 301 -33.23 25.21 -11.91
CA LEU C 301 -34.46 25.52 -11.17
C LEU C 301 -35.57 25.80 -12.17
N GLU C 302 -36.70 25.11 -12.01
CA GLU C 302 -37.84 25.26 -12.90
C GLU C 302 -39.07 25.69 -12.13
N ILE C 303 -39.67 26.80 -12.55
CA ILE C 303 -40.82 27.41 -11.88
C ILE C 303 -41.79 27.89 -12.95
N GLY C 304 -43.01 27.35 -12.92
CA GLY C 304 -44.04 27.83 -13.85
C GLY C 304 -43.63 27.77 -15.30
N GLY C 305 -42.86 26.75 -15.69
CA GLY C 305 -42.38 26.65 -17.05
C GLY C 305 -41.15 27.49 -17.35
N LEU C 306 -40.72 28.35 -16.45
CA LEU C 306 -39.48 29.07 -16.63
C LEU C 306 -38.32 28.25 -16.09
N GLU C 307 -37.13 28.46 -16.66
CA GLU C 307 -35.97 27.64 -16.35
C GLU C 307 -34.79 28.54 -16.04
N PHE C 308 -34.17 28.29 -14.88
CA PHE C 308 -33.03 29.05 -14.42
C PHE C 308 -31.83 28.13 -14.36
N PRO C 309 -30.98 28.10 -15.39
CA PRO C 309 -29.86 27.15 -15.41
C PRO C 309 -28.73 27.50 -14.45
N ALA C 310 -28.72 28.72 -13.91
CA ALA C 310 -27.76 29.11 -12.86
C ALA C 310 -28.60 29.62 -11.70
N ALA C 311 -28.66 28.82 -10.64
CA ALA C 311 -29.42 29.17 -9.43
C ALA C 311 -28.84 28.40 -8.26
N PRO C 312 -27.61 28.75 -7.85
CA PRO C 312 -26.93 27.94 -6.85
C PRO C 312 -27.63 28.06 -5.49
N PHE C 313 -27.69 26.94 -4.77
CA PHE C 313 -28.34 26.88 -3.47
C PHE C 313 -27.43 26.16 -2.47
N SER C 314 -27.56 26.52 -1.21
CA SER C 314 -26.70 25.94 -0.19
C SER C 314 -27.49 25.73 1.08
N GLY C 315 -27.06 24.75 1.88
CA GLY C 315 -27.62 24.56 3.19
C GLY C 315 -26.50 24.38 4.20
N TRP C 316 -26.53 23.27 4.94
CA TRP C 316 -25.39 22.81 5.70
C TRP C 316 -25.26 21.29 5.53
N TYR C 317 -24.15 20.77 5.99
CA TYR C 317 -23.80 19.37 5.73
C TYR C 317 -24.43 18.43 6.74
N MET C 318 -24.83 17.25 6.25
CA MET C 318 -25.01 16.08 7.10
C MET C 318 -23.68 15.33 7.16
N SER C 319 -23.29 14.87 8.34
CA SER C 319 -21.91 14.45 8.53
C SER C 319 -21.53 13.28 7.63
N THR C 320 -22.50 12.41 7.29
CA THR C 320 -22.15 11.26 6.47
C THR C 320 -21.78 11.66 5.04
N GLU C 321 -22.23 12.81 4.56
CA GLU C 321 -21.81 13.26 3.24
C GLU C 321 -20.30 13.42 3.18
N ILE C 322 -19.73 13.99 4.25
CA ILE C 322 -18.28 14.22 4.30
C ILE C 322 -17.54 12.95 4.75
N GLY C 323 -17.92 12.39 5.89
CA GLY C 323 -17.12 11.33 6.49
C GLY C 323 -17.27 9.99 5.78
N THR C 324 -18.44 9.71 5.27
CA THR C 324 -18.64 8.44 4.58
C THR C 324 -18.47 8.57 3.07
N ARG C 325 -19.20 9.48 2.43
CA ARG C 325 -19.15 9.51 0.96
C ARG C 325 -17.89 10.21 0.45
N ASN C 326 -17.66 11.47 0.85
CA ASN C 326 -16.57 12.21 0.21
C ASN C 326 -15.21 11.66 0.61
N LEU C 327 -15.05 11.21 1.87
CA LEU C 327 -13.75 10.72 2.31
C LEU C 327 -13.57 9.22 2.14
N CYS C 328 -14.63 8.41 2.17
CA CYS C 328 -14.46 6.95 2.14
C CYS C 328 -14.92 6.26 0.87
N ASP C 329 -15.59 6.95 -0.05
CA ASP C 329 -15.95 6.29 -1.30
C ASP C 329 -14.69 5.83 -2.01
N PRO C 330 -14.71 4.67 -2.66
CA PRO C 330 -13.51 4.19 -3.38
C PRO C 330 -13.11 5.09 -4.53
N HIS C 331 -14.07 5.80 -5.13
CA HIS C 331 -13.80 6.71 -6.23
C HIS C 331 -13.71 8.16 -5.78
N ARG C 332 -13.65 8.42 -4.48
CA ARG C 332 -13.36 9.76 -3.99
C ARG C 332 -12.01 9.71 -3.26
N TYR C 333 -11.91 10.32 -2.07
CA TYR C 333 -10.61 10.34 -1.39
C TYR C 333 -10.15 8.94 -0.96
N ASN C 334 -11.09 8.03 -0.66
CA ASN C 334 -10.77 6.60 -0.50
C ASN C 334 -9.78 6.39 0.64
N ILE C 335 -10.03 7.04 1.79
CA ILE C 335 -9.05 7.04 2.88
C ILE C 335 -9.30 5.93 3.89
N LEU C 336 -10.27 5.04 3.65
CA LEU C 336 -10.69 4.12 4.69
C LEU C 336 -9.52 3.27 5.18
N GLU C 337 -8.75 2.71 4.25
CA GLU C 337 -7.69 1.80 4.66
C GLU C 337 -6.57 2.54 5.37
N ASP C 338 -6.31 3.79 4.97
CA ASP C 338 -5.34 4.64 5.67
C ASP C 338 -5.70 4.77 7.15
N VAL C 339 -6.95 5.11 7.43
CA VAL C 339 -7.40 5.26 8.82
C VAL C 339 -7.31 3.93 9.56
N ALA C 340 -7.71 2.82 8.91
CA ALA C 340 -7.70 1.54 9.60
C ALA C 340 -6.29 1.09 9.95
N VAL C 341 -5.32 1.34 9.07
CA VAL C 341 -3.92 1.06 9.39
C VAL C 341 -3.45 1.87 10.60
N CYS C 342 -3.87 3.15 10.69
CA CYS C 342 -3.48 3.95 11.84
C CYS C 342 -4.15 3.47 13.11
N MET C 343 -5.35 2.90 13.01
CA MET C 343 -6.03 2.29 14.15
C MET C 343 -5.52 0.89 14.45
N ASP C 344 -4.51 0.41 13.72
CA ASP C 344 -3.94 -0.94 13.92
C ASP C 344 -5.02 -2.03 13.83
N LEU C 345 -5.92 -1.89 12.86
CA LEU C 345 -6.96 -2.90 12.66
C LEU C 345 -6.44 -4.02 11.76
N ASP C 346 -7.07 -5.19 11.86
CA ASP C 346 -6.73 -6.34 11.02
C ASP C 346 -7.41 -6.18 9.67
N THR C 347 -6.69 -5.72 8.66
CA THR C 347 -7.30 -5.44 7.37
C THR C 347 -7.17 -6.61 6.39
N ARG C 348 -6.65 -7.76 6.82
CA ARG C 348 -6.51 -8.89 5.92
C ARG C 348 -7.70 -9.84 5.96
N THR C 349 -8.68 -9.61 6.84
CA THR C 349 -9.96 -10.31 6.75
C THR C 349 -11.11 -9.32 6.85
N THR C 350 -12.13 -9.53 6.00
CA THR C 350 -13.29 -8.64 6.06
C THR C 350 -14.08 -8.84 7.35
N SER C 351 -14.00 -10.03 7.96
CA SER C 351 -14.87 -10.32 9.08
C SER C 351 -14.43 -9.63 10.36
N SER C 352 -13.28 -8.94 10.37
CA SER C 352 -12.95 -8.09 11.52
C SER C 352 -13.78 -6.81 11.53
N LEU C 353 -14.49 -6.53 10.44
CA LEU C 353 -15.28 -5.30 10.28
C LEU C 353 -14.40 -4.07 10.46
N TRP C 354 -13.16 -4.15 9.94
CA TRP C 354 -12.25 -3.02 10.01
C TRP C 354 -12.76 -1.83 9.19
N LYS C 355 -13.40 -2.08 8.05
CA LYS C 355 -13.96 -0.97 7.27
C LYS C 355 -15.04 -0.25 8.06
N ASP C 356 -15.89 -1.00 8.75
CA ASP C 356 -16.98 -0.41 9.53
C ASP C 356 -16.45 0.42 10.69
N LYS C 357 -15.48 -0.14 11.43
CA LYS C 357 -14.92 0.60 12.57
C LYS C 357 -14.19 1.86 12.12
N ALA C 358 -13.41 1.77 11.04
CA ALA C 358 -12.72 2.96 10.55
C ALA C 358 -13.71 4.02 10.06
N ALA C 359 -14.75 3.61 9.35
CA ALA C 359 -15.73 4.57 8.84
C ALA C 359 -16.41 5.32 9.99
N VAL C 360 -16.73 4.61 11.07
CA VAL C 360 -17.39 5.27 12.19
C VAL C 360 -16.49 6.34 12.79
N GLU C 361 -15.21 6.01 12.99
CA GLU C 361 -14.31 6.98 13.61
C GLU C 361 -14.04 8.17 12.68
N ILE C 362 -14.08 7.98 11.36
CA ILE C 362 -13.97 9.12 10.46
C ILE C 362 -15.18 10.04 10.60
N ASN C 363 -16.37 9.44 10.77
CA ASN C 363 -17.57 10.26 10.96
C ASN C 363 -17.57 10.94 12.31
N VAL C 364 -17.08 10.26 13.36
CA VAL C 364 -16.85 10.90 14.67
C VAL C 364 -15.94 12.12 14.51
N ALA C 365 -14.85 11.96 13.77
CA ALA C 365 -13.90 13.06 13.60
C ALA C 365 -14.57 14.25 12.91
N VAL C 366 -15.40 14.00 11.91
CA VAL C 366 -16.10 15.05 11.20
C VAL C 366 -17.00 15.82 12.14
N LEU C 367 -17.85 15.10 12.88
CA LEU C 367 -18.75 15.76 13.81
C LEU C 367 -17.99 16.55 14.86
N HIS C 368 -16.99 15.92 15.49
CA HIS C 368 -16.19 16.62 16.51
C HIS C 368 -15.52 17.86 15.94
N SER C 369 -15.01 17.77 14.71
CA SER C 369 -14.22 18.85 14.15
C SER C 369 -15.08 20.06 13.78
N TYR C 370 -16.24 19.80 13.19
CA TYR C 370 -17.17 20.87 12.88
C TYR C 370 -17.71 21.52 14.15
N GLN C 371 -18.05 20.69 15.16
CA GLN C 371 -18.58 21.24 16.40
C GLN C 371 -17.53 22.07 17.13
N LEU C 372 -16.27 21.64 17.09
CA LEU C 372 -15.21 22.41 17.74
C LEU C 372 -14.98 23.73 17.03
N ALA C 373 -15.12 23.75 15.69
CA ALA C 373 -14.95 24.97 14.92
C ALA C 373 -16.21 25.82 14.86
N LYS C 374 -17.28 25.42 15.54
CA LYS C 374 -18.55 26.15 15.55
C LYS C 374 -19.10 26.33 14.14
N VAL C 375 -19.02 25.27 13.33
CA VAL C 375 -19.60 25.24 12.01
C VAL C 375 -20.80 24.30 12.03
N THR C 376 -21.94 24.77 11.50
CA THR C 376 -23.17 24.00 11.54
C THR C 376 -22.99 22.65 10.85
N ILE C 377 -23.40 21.59 11.53
CA ILE C 377 -23.41 20.24 10.96
C ILE C 377 -24.46 19.43 11.70
N VAL C 378 -24.99 18.40 11.02
CA VAL C 378 -26.02 17.57 11.61
C VAL C 378 -25.66 16.11 11.36
N ASP C 379 -25.78 15.29 12.40
CA ASP C 379 -25.46 13.88 12.21
C ASP C 379 -26.65 13.16 11.58
N HIS C 380 -26.40 11.96 11.06
CA HIS C 380 -27.44 11.25 10.31
C HIS C 380 -28.58 10.75 11.19
N HIS C 381 -28.36 10.57 12.50
CA HIS C 381 -29.46 10.21 13.38
C HIS C 381 -30.41 11.39 13.58
N ALA C 382 -29.86 12.56 13.89
CA ALA C 382 -30.71 13.73 14.07
C ALA C 382 -31.43 14.07 12.77
N ALA C 383 -30.74 13.95 11.62
CA ALA C 383 -31.34 14.38 10.37
C ALA C 383 -32.50 13.48 9.95
N THR C 384 -32.31 12.16 10.07
CA THR C 384 -33.39 11.25 9.69
C THR C 384 -34.57 11.36 10.65
N ALA C 385 -34.29 11.61 11.93
CA ALA C 385 -35.39 11.86 12.85
C ALA C 385 -36.19 13.10 12.48
N SER C 386 -35.51 14.16 12.00
CA SER C 386 -36.22 15.36 11.57
CA SER C 386 -36.23 15.35 11.57
C SER C 386 -37.01 15.10 10.28
N PHE C 387 -36.46 14.27 9.39
CA PHE C 387 -37.20 13.96 8.16
C PHE C 387 -38.47 13.20 8.49
N MET C 388 -38.42 12.33 9.49
CA MET C 388 -39.65 11.64 9.91
C MET C 388 -40.70 12.66 10.37
N LYS C 389 -40.28 13.70 11.09
CA LYS C 389 -41.21 14.76 11.45
C LYS C 389 -41.73 15.48 10.21
N HIS C 390 -40.85 15.69 9.22
CA HIS C 390 -41.26 16.34 7.98
C HIS C 390 -42.31 15.49 7.25
N LEU C 391 -42.11 14.17 7.21
CA LEU C 391 -43.10 13.31 6.56
C LEU C 391 -44.47 13.46 7.23
N GLU C 392 -44.48 13.52 8.56
CA GLU C 392 -45.72 13.70 9.30
C GLU C 392 -46.37 15.05 8.98
N ASN C 393 -45.57 16.13 8.97
CA ASN C 393 -46.09 17.46 8.68
C ASN C 393 -46.66 17.53 7.27
N GLU C 394 -45.99 16.91 6.31
CA GLU C 394 -46.43 16.99 4.94
C GLU C 394 -47.65 16.13 4.69
N GLN C 395 -47.79 15.03 5.44
CA GLN C 395 -49.01 14.26 5.34
C GLN C 395 -50.22 15.13 5.65
N LYS C 396 -50.13 15.95 6.70
CA LYS C 396 -51.24 16.83 7.03
C LYS C 396 -51.36 17.99 6.05
N ALA C 397 -50.22 18.54 5.62
CA ALA C 397 -50.23 19.74 4.79
C ALA C 397 -50.70 19.44 3.37
N ARG C 398 -50.26 18.31 2.79
CA ARG C 398 -50.50 18.02 1.38
C ARG C 398 -50.98 16.60 1.09
N GLY C 399 -51.10 15.73 2.11
CA GLY C 399 -51.49 14.36 1.87
C GLY C 399 -50.39 13.44 1.38
N GLY C 400 -49.13 13.81 1.56
CA GLY C 400 -48.04 12.99 1.08
C GLY C 400 -46.76 13.80 0.95
N CYS C 401 -45.73 13.12 0.51
CA CYS C 401 -44.41 13.72 0.36
C CYS C 401 -43.57 12.86 -0.56
N PRO C 402 -43.10 13.38 -1.70
CA PRO C 402 -42.23 12.55 -2.56
C PRO C 402 -40.88 12.34 -1.88
N ALA C 403 -40.46 11.08 -1.83
CA ALA C 403 -39.22 10.73 -1.15
C ALA C 403 -38.58 9.54 -1.85
N ASP C 404 -37.26 9.60 -1.97
CA ASP C 404 -36.45 8.61 -2.68
C ASP C 404 -35.69 7.83 -1.61
N TRP C 405 -36.21 6.64 -1.27
CA TRP C 405 -35.71 5.85 -0.14
C TRP C 405 -34.21 5.64 -0.21
N ALA C 406 -33.70 5.29 -1.40
CA ALA C 406 -32.27 5.01 -1.59
C ALA C 406 -31.39 6.21 -1.20
N TRP C 407 -31.89 7.43 -1.38
CA TRP C 407 -31.12 8.63 -1.03
C TRP C 407 -31.42 9.14 0.38
N ILE C 408 -32.59 8.84 0.91
CA ILE C 408 -32.95 9.33 2.25
C ILE C 408 -32.26 8.51 3.33
N VAL C 409 -32.18 7.20 3.15
CA VAL C 409 -31.48 6.32 4.08
C VAL C 409 -29.97 6.60 4.04
N PRO C 410 -29.35 6.91 5.19
CA PRO C 410 -27.92 7.28 5.22
C PRO C 410 -27.02 6.15 4.75
N PRO C 411 -25.82 6.47 4.28
CA PRO C 411 -24.91 5.44 3.75
C PRO C 411 -24.14 4.64 4.79
N ILE C 412 -24.28 4.94 6.08
CA ILE C 412 -23.83 4.06 7.13
C ILE C 412 -24.99 3.90 8.10
N SER C 413 -25.04 2.73 8.76
CA SER C 413 -26.01 2.48 9.82
C SER C 413 -27.46 2.68 9.34
N GLY C 414 -27.72 2.32 8.09
CA GLY C 414 -29.05 2.49 7.53
C GLY C 414 -30.20 2.15 8.47
N SER C 415 -30.23 0.91 8.97
CA SER C 415 -31.39 0.41 9.71
C SER C 415 -31.41 0.88 11.15
N LEU C 416 -30.35 1.53 11.62
CA LEU C 416 -30.36 2.21 12.91
C LEU C 416 -31.11 3.54 12.86
N THR C 417 -31.52 3.99 11.68
CA THR C 417 -32.28 5.22 11.52
C THR C 417 -33.73 4.90 11.18
N PRO C 418 -34.67 5.76 11.57
CA PRO C 418 -36.10 5.40 11.40
C PRO C 418 -36.57 5.44 9.96
N VAL C 419 -35.87 6.15 9.07
CA VAL C 419 -36.30 6.21 7.67
C VAL C 419 -36.15 4.85 7.00
N PHE C 420 -35.22 4.02 7.48
CA PHE C 420 -35.03 2.69 6.89
C PHE C 420 -36.31 1.89 6.91
N HIS C 421 -37.07 1.98 7.99
CA HIS C 421 -38.30 1.19 8.15
C HIS C 421 -39.53 1.89 7.59
N GLN C 422 -39.39 3.03 6.93
CA GLN C 422 -40.50 3.80 6.38
C GLN C 422 -40.63 3.54 4.88
N GLU C 423 -41.77 3.01 4.45
CA GLU C 423 -42.02 2.95 3.02
C GLU C 423 -42.20 4.36 2.46
N MET C 424 -41.74 4.57 1.24
CA MET C 424 -41.81 5.87 0.60
C MET C 424 -42.33 5.75 -0.82
N VAL C 425 -42.88 6.86 -1.31
CA VAL C 425 -43.35 6.99 -2.70
C VAL C 425 -42.56 8.09 -3.37
N ASN C 426 -42.00 7.79 -4.53
CA ASN C 426 -41.18 8.73 -5.28
C ASN C 426 -41.92 9.20 -6.53
N TYR C 427 -41.98 10.53 -6.73
CA TYR C 427 -42.65 11.13 -7.87
C TYR C 427 -42.20 12.57 -8.02
N PHE C 428 -42.48 13.16 -9.19
CA PHE C 428 -41.94 14.46 -9.58
C PHE C 428 -43.04 15.52 -9.52
N LEU C 429 -42.85 16.51 -8.65
CA LEU C 429 -43.72 17.68 -8.63
C LEU C 429 -42.94 18.90 -9.13
N SER C 430 -43.68 19.90 -9.58
CA SER C 430 -43.11 21.16 -9.99
C SER C 430 -43.67 22.28 -9.13
N PRO C 431 -42.90 23.35 -8.82
CA PRO C 431 -41.50 23.69 -9.10
C PRO C 431 -40.51 22.60 -8.69
N ALA C 432 -39.34 22.55 -9.33
CA ALA C 432 -38.40 21.46 -9.11
C ALA C 432 -36.98 21.92 -9.38
N PHE C 433 -36.05 21.24 -8.74
CA PHE C 433 -34.65 21.25 -9.14
C PHE C 433 -34.40 20.05 -10.03
N ARG C 434 -33.79 20.28 -11.20
CA ARG C 434 -33.50 19.24 -12.16
C ARG C 434 -32.01 19.17 -12.45
N TYR C 435 -31.55 17.99 -12.85
CA TYR C 435 -30.21 17.92 -13.39
C TYR C 435 -30.23 18.43 -14.83
N GLN C 436 -29.07 18.85 -15.33
CA GLN C 436 -29.00 19.40 -16.67
C GLN C 436 -27.67 18.98 -17.28
N PRO C 437 -27.56 19.01 -18.60
CA PRO C 437 -26.28 18.66 -19.22
C PRO C 437 -25.21 19.66 -18.82
N ASP C 438 -23.97 19.19 -18.82
CA ASP C 438 -22.84 20.08 -18.61
C ASP C 438 -22.79 21.13 -19.72
N PRO C 439 -22.25 22.32 -19.45
CA PRO C 439 -22.19 23.34 -20.51
C PRO C 439 -21.34 22.92 -21.68
N TRP C 440 -20.17 22.33 -21.44
CA TRP C 440 -19.34 21.84 -22.53
C TRP C 440 -19.97 20.60 -23.17
N PHE D 28 -33.71 -0.63 -23.91
CA PHE D 28 -33.14 -1.35 -22.76
C PHE D 28 -32.50 -0.41 -21.76
N PRO D 29 -32.80 -0.60 -20.47
CA PRO D 29 -32.25 0.32 -19.45
C PRO D 29 -30.73 0.28 -19.41
N ARG D 30 -30.13 1.46 -19.45
CA ARG D 30 -28.71 1.62 -19.16
C ARG D 30 -28.50 1.58 -17.65
N VAL D 31 -27.43 0.88 -17.24
CA VAL D 31 -27.17 0.57 -15.84
C VAL D 31 -25.70 0.91 -15.57
N LYS D 32 -25.44 1.81 -14.64
CA LYS D 32 -24.09 2.28 -14.39
C LYS D 32 -23.57 1.81 -13.03
N ASN D 33 -22.29 1.46 -12.99
CA ASN D 33 -21.57 1.33 -11.74
C ASN D 33 -20.81 2.62 -11.50
N TRP D 34 -21.06 3.29 -10.38
CA TRP D 34 -20.45 4.59 -10.14
C TRP D 34 -19.09 4.50 -9.51
N GLU D 35 -18.73 3.35 -8.94
CA GLU D 35 -17.40 3.17 -8.40
C GLU D 35 -16.37 3.08 -9.52
N VAL D 36 -16.70 2.32 -10.57
CA VAL D 36 -15.79 2.00 -11.66
C VAL D 36 -16.08 2.80 -12.92
N GLY D 37 -17.30 3.29 -13.10
CA GLY D 37 -17.69 4.00 -14.30
C GLY D 37 -18.27 3.13 -15.39
N SER D 38 -18.36 1.82 -15.18
CA SER D 38 -18.75 0.89 -16.23
C SER D 38 -20.26 0.91 -16.46
N ILE D 39 -20.65 0.53 -17.67
CA ILE D 39 -22.03 0.67 -18.14
C ILE D 39 -22.46 -0.66 -18.77
N THR D 40 -23.64 -1.12 -18.39
CA THR D 40 -24.27 -2.27 -19.02
C THR D 40 -25.70 -1.92 -19.40
N TYR D 41 -26.32 -2.80 -20.17
CA TYR D 41 -27.73 -2.68 -20.53
C TYR D 41 -28.45 -3.93 -20.06
N ASP D 42 -29.53 -3.75 -19.32
CA ASP D 42 -30.30 -4.90 -18.83
C ASP D 42 -31.31 -5.27 -19.91
N THR D 43 -30.91 -6.16 -20.82
CA THR D 43 -31.84 -6.67 -21.82
C THR D 43 -32.77 -7.73 -21.27
N LEU D 44 -32.42 -8.36 -20.14
CA LEU D 44 -33.25 -9.43 -19.60
C LEU D 44 -34.58 -8.90 -19.04
N SER D 45 -34.61 -7.64 -18.58
CA SER D 45 -35.84 -7.10 -18.02
C SER D 45 -36.96 -7.04 -19.04
N ALA D 46 -36.65 -7.00 -20.32
CA ALA D 46 -37.70 -6.99 -21.35
C ALA D 46 -38.54 -8.26 -21.31
N GLN D 47 -38.07 -9.31 -20.65
CA GLN D 47 -38.76 -10.59 -20.56
C GLN D 47 -39.57 -10.74 -19.27
N ALA D 48 -39.67 -9.68 -18.48
CA ALA D 48 -40.43 -9.76 -17.23
C ALA D 48 -41.89 -10.08 -17.54
N GLN D 49 -42.38 -11.20 -16.99
CA GLN D 49 -43.70 -11.72 -17.33
C GLN D 49 -44.69 -11.57 -16.18
N GLN D 50 -44.50 -10.56 -15.33
CA GLN D 50 -45.51 -10.13 -14.38
C GLN D 50 -45.19 -8.71 -13.95
N ASP D 51 -46.23 -8.00 -13.51
CA ASP D 51 -46.16 -6.58 -13.27
C ASP D 51 -45.79 -6.27 -11.83
N GLY D 52 -44.90 -5.30 -11.67
CA GLY D 52 -44.59 -4.78 -10.36
C GLY D 52 -45.49 -3.61 -10.01
N PRO D 53 -45.16 -2.91 -8.92
CA PRO D 53 -46.03 -1.86 -8.40
C PRO D 53 -45.81 -0.46 -8.96
N CYS D 54 -44.75 -0.22 -9.72
CA CYS D 54 -44.40 1.12 -10.16
C CYS D 54 -45.11 1.49 -11.44
N THR D 55 -45.27 2.78 -11.64
CA THR D 55 -45.80 3.34 -12.88
C THR D 55 -44.95 4.53 -13.27
N PRO D 56 -45.06 5.04 -14.51
CA PRO D 56 -44.33 6.27 -14.85
C PRO D 56 -44.64 7.42 -13.92
N ARG D 57 -45.78 7.42 -13.23
CA ARG D 57 -46.14 8.53 -12.38
C ARG D 57 -45.57 8.43 -10.96
N ARG D 58 -45.29 7.22 -10.47
CA ARG D 58 -44.78 7.09 -9.11
C ARG D 58 -44.09 5.74 -8.94
N CYS D 59 -42.96 5.75 -8.24
CA CYS D 59 -42.18 4.55 -7.94
C CYS D 59 -42.55 4.05 -6.54
N LEU D 60 -42.84 2.76 -6.44
CA LEU D 60 -43.15 2.11 -5.17
C LEU D 60 -42.12 1.03 -4.85
N GLY D 61 -40.91 1.20 -5.38
CA GLY D 61 -39.87 0.20 -5.15
C GLY D 61 -39.58 -0.06 -3.68
N SER D 62 -39.86 0.90 -2.79
CA SER D 62 -39.54 0.72 -1.39
C SER D 62 -40.59 -0.09 -0.62
N LEU D 63 -41.72 -0.46 -1.23
CA LEU D 63 -42.75 -1.20 -0.50
C LEU D 63 -42.34 -2.65 -0.26
N VAL D 64 -42.61 -3.14 0.96
CA VAL D 64 -42.21 -4.50 1.35
C VAL D 64 -43.03 -5.53 0.60
N PHE D 65 -44.34 -5.32 0.53
CA PHE D 65 -45.23 -6.16 -0.27
C PHE D 65 -45.76 -5.35 -1.44
N PRO D 66 -45.23 -5.51 -2.64
CA PRO D 66 -45.89 -4.91 -3.81
C PRO D 66 -47.33 -5.36 -3.91
N ARG D 67 -47.56 -6.66 -3.78
CA ARG D 67 -48.86 -7.27 -3.98
C ARG D 67 -49.56 -7.66 -2.67
N ALA D 79 -58.45 -21.96 -16.75
CA ALA D 79 -57.09 -21.43 -16.79
C ALA D 79 -56.15 -22.02 -17.87
N PRO D 80 -56.66 -22.86 -18.79
CA PRO D 80 -55.73 -23.76 -19.51
C PRO D 80 -54.74 -23.04 -20.41
N GLU D 81 -55.19 -22.05 -21.19
CA GLU D 81 -54.27 -21.33 -22.07
C GLU D 81 -53.20 -20.57 -21.29
N GLN D 82 -53.56 -20.02 -20.13
CA GLN D 82 -52.55 -19.30 -19.37
C GLN D 82 -51.54 -20.24 -18.74
N LEU D 83 -52.02 -21.38 -18.21
CA LEU D 83 -51.10 -22.40 -17.69
C LEU D 83 -50.15 -22.87 -18.78
N LEU D 84 -50.68 -23.14 -19.98
CA LEU D 84 -49.85 -23.64 -21.07
C LEU D 84 -48.75 -22.66 -21.47
N SER D 85 -49.08 -21.37 -21.61
CA SER D 85 -48.05 -20.41 -22.00
C SER D 85 -46.93 -20.36 -20.96
N GLN D 86 -47.29 -20.44 -19.67
CA GLN D 86 -46.28 -20.48 -18.62
C GLN D 86 -45.50 -21.79 -18.65
N ALA D 87 -46.19 -22.90 -18.90
CA ALA D 87 -45.51 -24.19 -18.96
C ALA D 87 -44.55 -24.25 -20.14
N ARG D 88 -45.01 -23.80 -21.32
CA ARG D 88 -44.14 -23.82 -22.50
C ARG D 88 -42.91 -22.97 -22.26
N ASP D 89 -43.08 -21.78 -21.69
CA ASP D 89 -41.92 -20.94 -21.43
C ASP D 89 -40.92 -21.64 -20.52
N PHE D 90 -41.42 -22.30 -19.48
CA PHE D 90 -40.53 -22.99 -18.57
C PHE D 90 -39.79 -24.14 -19.24
N ILE D 91 -40.52 -24.95 -20.02
CA ILE D 91 -39.86 -26.04 -20.74
C ILE D 91 -38.80 -25.49 -21.68
N ASN D 92 -39.09 -24.36 -22.33
CA ASN D 92 -38.08 -23.72 -23.17
C ASN D 92 -36.85 -23.33 -22.34
N GLN D 93 -37.07 -22.79 -21.13
CA GLN D 93 -35.92 -22.43 -20.29
C GLN D 93 -35.10 -23.66 -19.94
N TYR D 94 -35.79 -24.76 -19.59
CA TYR D 94 -35.09 -25.98 -19.22
C TYR D 94 -34.22 -26.49 -20.36
N TYR D 95 -34.79 -26.60 -21.57
CA TYR D 95 -34.03 -27.15 -22.68
C TYR D 95 -32.94 -26.20 -23.16
N SER D 96 -33.13 -24.90 -22.97
CA SER D 96 -32.03 -23.98 -23.24
C SER D 96 -30.87 -24.23 -22.28
N SER D 97 -31.17 -24.45 -21.00
CA SER D 97 -30.12 -24.59 -19.99
C SER D 97 -29.21 -25.79 -20.26
N ILE D 98 -29.74 -26.87 -20.83
CA ILE D 98 -28.91 -28.02 -21.15
C ILE D 98 -28.47 -28.03 -22.60
N LYS D 99 -28.63 -26.90 -23.31
CA LYS D 99 -28.12 -26.74 -24.68
C LYS D 99 -28.76 -27.75 -25.64
N ARG D 100 -30.07 -27.95 -25.51
CA ARG D 100 -30.77 -28.84 -26.43
C ARG D 100 -32.05 -28.23 -26.96
N SER D 101 -32.09 -26.90 -27.11
CA SER D 101 -33.27 -26.24 -27.65
CA SER D 101 -33.26 -26.24 -27.65
C SER D 101 -33.53 -26.72 -29.07
N GLY D 102 -34.82 -26.88 -29.41
CA GLY D 102 -35.20 -27.36 -30.71
C GLY D 102 -34.94 -28.82 -30.97
N SER D 103 -34.44 -29.57 -29.99
CA SER D 103 -34.19 -30.99 -30.17
C SER D 103 -35.52 -31.75 -30.25
N GLN D 104 -35.44 -33.02 -30.69
CA GLN D 104 -36.61 -33.88 -30.63
C GLN D 104 -37.13 -33.99 -29.20
N ALA D 105 -36.24 -34.14 -28.22
CA ALA D 105 -36.66 -34.27 -26.82
C ALA D 105 -37.42 -33.03 -26.38
N HIS D 106 -36.95 -31.86 -26.81
CA HIS D 106 -37.61 -30.60 -26.46
C HIS D 106 -39.03 -30.56 -27.01
N GLU D 107 -39.19 -30.82 -28.31
CA GLU D 107 -40.51 -30.83 -28.94
C GLU D 107 -41.43 -31.85 -28.30
N GLN D 108 -40.92 -33.05 -28.04
CA GLN D 108 -41.78 -34.10 -27.49
C GLN D 108 -42.23 -33.76 -26.07
N ARG D 109 -41.39 -33.07 -25.30
CA ARG D 109 -41.82 -32.75 -23.94
C ARG D 109 -42.87 -31.64 -23.95
N LEU D 110 -42.76 -30.68 -24.88
CA LEU D 110 -43.80 -29.67 -25.04
C LEU D 110 -45.13 -30.32 -25.43
N GLN D 111 -45.10 -31.25 -26.40
CA GLN D 111 -46.32 -31.95 -26.79
C GLN D 111 -46.89 -32.75 -25.62
N GLU D 112 -46.00 -33.33 -24.81
CA GLU D 112 -46.44 -34.12 -23.66
C GLU D 112 -47.14 -33.25 -22.61
N VAL D 113 -46.56 -32.08 -22.30
CA VAL D 113 -47.20 -31.17 -21.36
C VAL D 113 -48.56 -30.71 -21.90
N GLU D 114 -48.59 -30.35 -23.18
CA GLU D 114 -49.82 -29.83 -23.75
C GLU D 114 -50.93 -30.88 -23.71
N ALA D 115 -50.56 -32.15 -23.91
CA ALA D 115 -51.55 -33.22 -23.85
C ALA D 115 -52.04 -33.45 -22.43
N GLU D 116 -51.14 -33.39 -21.44
CA GLU D 116 -51.56 -33.60 -20.07
C GLU D 116 -52.45 -32.46 -19.57
N VAL D 117 -52.17 -31.22 -19.98
CA VAL D 117 -53.01 -30.11 -19.55
C VAL D 117 -54.38 -30.22 -20.20
N ALA D 118 -54.42 -30.67 -21.45
CA ALA D 118 -55.69 -30.83 -22.16
C ALA D 118 -56.57 -31.87 -21.50
N ALA D 119 -55.95 -32.96 -21.04
CA ALA D 119 -56.69 -34.08 -20.45
C ALA D 119 -57.12 -33.80 -19.02
N THR D 120 -56.25 -33.14 -18.25
CA THR D 120 -56.41 -33.05 -16.81
C THR D 120 -56.47 -31.63 -16.28
N GLY D 121 -56.21 -30.62 -17.11
CA GLY D 121 -56.13 -29.26 -16.62
C GLY D 121 -54.84 -28.90 -15.90
N THR D 122 -53.93 -29.85 -15.69
CA THR D 122 -52.65 -29.56 -15.05
C THR D 122 -51.59 -30.51 -15.58
N TYR D 123 -50.39 -30.49 -14.99
CA TYR D 123 -49.36 -31.41 -15.45
C TYR D 123 -48.37 -31.65 -14.31
N GLN D 124 -47.43 -32.55 -14.56
CA GLN D 124 -46.40 -32.90 -13.59
C GLN D 124 -45.03 -32.60 -14.15
N LEU D 125 -44.19 -31.99 -13.33
CA LEU D 125 -42.79 -31.80 -13.69
C LEU D 125 -42.04 -33.12 -13.66
N ARG D 126 -41.14 -33.30 -14.63
CA ARG D 126 -40.11 -34.30 -14.46
C ARG D 126 -39.24 -33.94 -13.26
N GLU D 127 -38.60 -34.96 -12.69
CA GLU D 127 -37.67 -34.72 -11.58
C GLU D 127 -36.60 -33.69 -11.96
N SER D 128 -36.00 -33.84 -13.15
CA SER D 128 -34.95 -32.92 -13.56
CA SER D 128 -34.94 -32.92 -13.56
C SER D 128 -35.46 -31.50 -13.71
N GLU D 129 -36.72 -31.35 -14.15
CA GLU D 129 -37.32 -30.03 -14.26
C GLU D 129 -37.57 -29.41 -12.89
N LEU D 130 -38.00 -30.21 -11.90
CA LEU D 130 -38.14 -29.68 -10.55
C LEU D 130 -36.82 -29.12 -10.03
N VAL D 131 -35.72 -29.87 -10.21
CA VAL D 131 -34.42 -29.41 -9.72
C VAL D 131 -34.03 -28.09 -10.40
N PHE D 132 -34.14 -28.05 -11.73
CA PHE D 132 -33.82 -26.84 -12.48
C PHE D 132 -34.70 -25.68 -12.07
N GLY D 133 -36.01 -25.94 -11.93
CA GLY D 133 -36.94 -24.87 -11.58
C GLY D 133 -36.66 -24.26 -10.20
N ALA D 134 -36.34 -25.11 -9.21
CA ALA D 134 -36.03 -24.56 -7.88
C ALA D 134 -34.79 -23.67 -7.92
N LYS D 135 -33.74 -24.12 -8.63
CA LYS D 135 -32.54 -23.32 -8.79
C LYS D 135 -32.83 -22.02 -9.54
N GLN D 136 -33.70 -22.07 -10.57
CA GLN D 136 -34.06 -20.85 -11.29
C GLN D 136 -34.81 -19.87 -10.42
N ALA D 137 -35.67 -20.37 -9.52
CA ALA D 137 -36.43 -19.47 -8.65
C ALA D 137 -35.48 -18.72 -7.72
N TRP D 138 -34.50 -19.43 -7.17
CA TRP D 138 -33.46 -18.76 -6.38
C TRP D 138 -32.70 -17.73 -7.22
N ARG D 139 -32.26 -18.17 -8.39
CA ARG D 139 -31.54 -17.28 -9.30
C ARG D 139 -32.33 -16.02 -9.62
N ASN D 140 -33.65 -16.13 -9.73
CA ASN D 140 -34.51 -15.01 -10.07
C ASN D 140 -34.93 -14.15 -8.88
N ALA D 141 -34.54 -14.50 -7.65
CA ALA D 141 -35.04 -13.79 -6.47
C ALA D 141 -34.39 -12.42 -6.29
N PRO D 142 -35.08 -11.31 -6.53
CA PRO D 142 -34.39 -10.00 -6.60
C PRO D 142 -33.80 -9.53 -5.28
N ARG D 143 -34.35 -9.95 -4.15
CA ARG D 143 -33.88 -9.46 -2.85
C ARG D 143 -32.82 -10.35 -2.21
N CYS D 144 -32.31 -11.37 -2.91
CA CYS D 144 -31.32 -12.29 -2.34
C CYS D 144 -29.92 -11.89 -2.77
N VAL D 145 -29.09 -11.51 -1.79
CA VAL D 145 -27.69 -11.19 -2.07
C VAL D 145 -26.82 -12.45 -2.17
N GLY D 146 -27.35 -13.62 -1.84
CA GLY D 146 -26.59 -14.85 -1.84
C GLY D 146 -26.56 -15.64 -3.13
N ARG D 147 -27.02 -15.06 -4.24
CA ARG D 147 -27.28 -15.85 -5.44
C ARG D 147 -26.03 -16.28 -6.20
N ILE D 148 -24.81 -15.88 -5.76
CA ILE D 148 -23.64 -16.51 -6.37
C ILE D 148 -23.71 -18.03 -6.21
N GLN D 149 -24.42 -18.51 -5.20
CA GLN D 149 -24.50 -19.94 -4.89
C GLN D 149 -25.60 -20.68 -5.66
N TRP D 150 -26.35 -20.00 -6.55
CA TRP D 150 -27.67 -20.50 -6.97
C TRP D 150 -27.57 -21.87 -7.63
N GLY D 151 -26.42 -22.19 -8.22
CA GLY D 151 -26.28 -23.49 -8.86
C GLY D 151 -25.99 -24.64 -7.92
N LYS D 152 -25.69 -24.34 -6.65
CA LYS D 152 -25.39 -25.35 -5.63
C LYS D 152 -26.59 -25.38 -4.68
N LEU D 153 -27.53 -26.25 -4.97
CA LEU D 153 -28.79 -26.32 -4.24
C LEU D 153 -29.19 -27.78 -4.23
N GLN D 154 -29.31 -28.36 -3.03
CA GLN D 154 -29.80 -29.73 -2.89
C GLN D 154 -31.33 -29.70 -2.90
N VAL D 155 -31.94 -30.43 -3.84
CA VAL D 155 -33.39 -30.40 -4.01
C VAL D 155 -33.93 -31.75 -3.53
N PHE D 156 -34.69 -31.73 -2.45
CA PHE D 156 -35.37 -32.92 -1.96
C PHE D 156 -36.79 -32.97 -2.54
N ASP D 157 -37.11 -34.06 -3.21
CA ASP D 157 -38.40 -34.21 -3.88
C ASP D 157 -39.34 -34.85 -2.87
N ALA D 158 -40.26 -34.07 -2.30
CA ALA D 158 -41.24 -34.59 -1.37
C ALA D 158 -42.65 -34.55 -1.97
N ARG D 159 -42.76 -34.64 -3.30
CA ARG D 159 -44.07 -34.54 -3.94
C ARG D 159 -44.95 -35.76 -3.69
N ASP D 160 -44.42 -36.84 -3.11
CA ASP D 160 -45.24 -38.00 -2.76
C ASP D 160 -45.71 -37.95 -1.30
N CYS D 161 -45.46 -36.84 -0.61
CA CYS D 161 -45.85 -36.71 0.78
C CYS D 161 -47.35 -36.78 0.92
N ARG D 162 -47.83 -37.45 1.96
CA ARG D 162 -49.26 -37.66 2.10
C ARG D 162 -49.84 -37.37 3.47
N SER D 163 -49.04 -36.93 4.45
CA SER D 163 -49.59 -36.67 5.77
C SER D 163 -48.73 -35.61 6.45
N ALA D 164 -49.27 -35.02 7.51
CA ALA D 164 -48.46 -34.04 8.26
C ALA D 164 -47.31 -34.74 8.97
N GLN D 165 -47.51 -36.00 9.36
CA GLN D 165 -46.43 -36.76 9.99
C GLN D 165 -45.29 -37.00 8.99
N GLU D 166 -45.62 -37.36 7.75
CA GLU D 166 -44.59 -37.49 6.72
C GLU D 166 -43.93 -36.15 6.42
N MET D 167 -44.71 -35.06 6.43
CA MET D 167 -44.14 -33.72 6.29
C MET D 167 -43.01 -33.50 7.30
N PHE D 168 -43.26 -33.88 8.55
CA PHE D 168 -42.30 -33.64 9.62
C PHE D 168 -41.01 -34.41 9.40
N THR D 169 -41.12 -35.66 8.91
CA THR D 169 -39.93 -36.45 8.62
C THR D 169 -39.09 -35.81 7.52
N TYR D 170 -39.75 -35.37 6.44
CA TYR D 170 -39.05 -34.65 5.37
C TYR D 170 -38.34 -33.41 5.91
N ILE D 171 -39.01 -32.67 6.80
CA ILE D 171 -38.42 -31.44 7.31
C ILE D 171 -37.23 -31.74 8.21
N CYS D 172 -37.35 -32.72 9.09
CA CYS D 172 -36.23 -33.11 9.94
C CYS D 172 -35.03 -33.55 9.10
N ASN D 173 -35.29 -34.31 8.03
CA ASN D 173 -34.20 -34.71 7.13
C ASN D 173 -33.57 -33.48 6.47
N HIS D 174 -34.40 -32.50 6.10
CA HIS D 174 -33.88 -31.27 5.50
C HIS D 174 -32.95 -30.56 6.49
N ILE D 175 -33.42 -30.36 7.71
CA ILE D 175 -32.65 -29.65 8.74
C ILE D 175 -31.33 -30.37 9.01
N LYS D 176 -31.37 -31.70 9.05
CA LYS D 176 -30.14 -32.44 9.34
C LYS D 176 -29.13 -32.30 8.21
N TYR D 177 -29.59 -32.48 6.97
CA TYR D 177 -28.71 -32.31 5.80
C TYR D 177 -28.15 -30.89 5.74
N ALA D 178 -29.03 -29.90 5.88
CA ALA D 178 -28.60 -28.52 5.62
C ALA D 178 -27.67 -28.03 6.72
N THR D 179 -27.94 -28.44 7.97
CA THR D 179 -27.10 -28.02 9.08
C THR D 179 -25.72 -28.67 9.01
N ASN D 180 -25.69 -29.99 8.85
CA ASN D 180 -24.45 -30.69 8.59
C ASN D 180 -23.39 -30.33 9.65
N ARG D 181 -23.83 -30.36 10.91
CA ARG D 181 -23.12 -29.98 12.12
C ARG D 181 -22.29 -28.71 12.01
N GLY D 182 -22.83 -27.69 11.37
CA GLY D 182 -22.21 -26.38 11.26
C GLY D 182 -21.64 -26.08 9.89
N ASN D 183 -21.40 -27.09 9.06
CA ASN D 183 -20.90 -26.85 7.72
C ASN D 183 -22.10 -26.79 6.78
N LEU D 184 -22.75 -25.63 6.79
CA LEU D 184 -24.09 -25.51 6.21
C LEU D 184 -24.11 -25.71 4.70
N ARG D 185 -25.18 -26.34 4.21
CA ARG D 185 -25.40 -26.63 2.80
C ARG D 185 -26.79 -26.15 2.38
N SER D 186 -26.87 -25.46 1.24
CA SER D 186 -28.15 -24.94 0.79
C SER D 186 -29.07 -26.08 0.35
N ALA D 187 -30.36 -25.99 0.69
CA ALA D 187 -31.29 -27.06 0.32
C ALA D 187 -32.72 -26.53 0.23
N ILE D 188 -33.54 -27.25 -0.52
CA ILE D 188 -34.97 -26.95 -0.58
C ILE D 188 -35.69 -28.29 -0.62
N THR D 189 -36.79 -28.41 0.11
CA THR D 189 -37.65 -29.60 0.04
C THR D 189 -38.99 -29.16 -0.55
N VAL D 190 -39.46 -29.82 -1.59
CA VAL D 190 -40.67 -29.31 -2.21
C VAL D 190 -41.77 -30.34 -2.09
N PHE D 191 -42.81 -29.93 -1.37
CA PHE D 191 -43.95 -30.77 -1.07
C PHE D 191 -44.93 -30.72 -2.24
N PRO D 192 -46.00 -31.50 -2.21
CA PRO D 192 -46.86 -31.63 -3.40
C PRO D 192 -47.44 -30.30 -3.84
N GLN D 193 -47.59 -30.17 -5.16
CA GLN D 193 -48.14 -28.94 -5.73
C GLN D 193 -49.63 -28.80 -5.42
N ARG D 194 -50.09 -27.56 -5.49
CA ARG D 194 -51.51 -27.23 -5.41
C ARG D 194 -52.28 -27.93 -6.53
N CYS D 195 -53.47 -28.40 -6.20
CA CYS D 195 -54.29 -29.00 -7.25
C CYS D 195 -55.75 -28.83 -6.89
N PRO D 196 -56.64 -28.72 -7.88
CA PRO D 196 -58.05 -28.48 -7.58
C PRO D 196 -58.65 -29.68 -6.85
N GLY D 197 -59.58 -29.39 -5.94
CA GLY D 197 -60.28 -30.43 -5.23
C GLY D 197 -59.56 -30.98 -4.02
N ARG D 198 -58.47 -30.34 -3.59
CA ARG D 198 -57.70 -30.78 -2.45
C ARG D 198 -57.07 -29.54 -1.82
N GLY D 199 -57.01 -29.51 -0.50
CA GLY D 199 -56.35 -28.43 0.20
C GLY D 199 -54.84 -28.41 -0.04
N ASP D 200 -54.22 -27.29 0.29
CA ASP D 200 -52.77 -27.14 0.20
C ASP D 200 -52.05 -27.79 1.37
N PHE D 201 -50.84 -28.27 1.11
CA PHE D 201 -49.85 -28.43 2.16
C PHE D 201 -49.34 -27.05 2.55
N ARG D 202 -49.23 -26.78 3.86
CA ARG D 202 -48.64 -25.52 4.32
C ARG D 202 -47.83 -25.76 5.57
N ILE D 203 -46.74 -24.99 5.68
CA ILE D 203 -46.01 -24.83 6.93
C ILE D 203 -46.40 -23.46 7.49
N TRP D 204 -47.01 -23.44 8.66
CA TRP D 204 -47.55 -22.18 9.18
C TRP D 204 -46.44 -21.29 9.70
N ASN D 205 -45.35 -21.87 10.21
CA ASN D 205 -44.20 -21.10 10.68
C ASN D 205 -43.53 -20.39 9.53
N SER D 206 -43.03 -19.17 9.79
CA SER D 206 -42.36 -18.42 8.74
C SER D 206 -40.97 -18.96 8.45
N GLN D 207 -40.32 -19.56 9.45
CA GLN D 207 -39.06 -20.26 9.27
C GLN D 207 -39.12 -21.57 10.04
N LEU D 208 -38.27 -22.51 9.65
CA LEU D 208 -38.26 -23.78 10.37
C LEU D 208 -37.76 -23.61 11.80
N VAL D 209 -36.83 -22.68 12.03
CA VAL D 209 -36.33 -22.41 13.38
C VAL D 209 -36.62 -20.95 13.69
N ARG D 210 -37.38 -20.72 14.77
CA ARG D 210 -37.79 -19.39 15.20
C ARG D 210 -37.90 -19.41 16.72
N TYR D 211 -37.57 -18.26 17.34
CA TYR D 211 -37.70 -18.15 18.78
C TYR D 211 -39.08 -17.64 19.14
N ALA D 212 -39.61 -18.12 20.27
CA ALA D 212 -40.93 -17.71 20.71
C ALA D 212 -40.97 -16.22 21.07
N GLY D 213 -42.11 -15.60 20.81
CA GLY D 213 -42.34 -14.25 21.28
C GLY D 213 -43.61 -14.17 22.10
N TYR D 214 -43.47 -13.99 23.41
CA TYR D 214 -44.60 -14.00 24.33
C TYR D 214 -45.07 -12.57 24.59
N ARG D 215 -46.28 -12.25 24.13
CA ARG D 215 -46.93 -10.99 24.51
C ARG D 215 -47.04 -10.91 26.02
N GLN D 216 -46.40 -9.92 26.60
CA GLN D 216 -46.50 -9.70 28.04
C GLN D 216 -47.70 -8.82 28.35
N GLN D 217 -48.10 -8.83 29.62
CA GLN D 217 -49.26 -8.04 29.99
C GLN D 217 -48.96 -6.55 30.06
N ASP D 218 -47.68 -6.17 30.16
CA ASP D 218 -47.28 -4.76 30.05
C ASP D 218 -47.45 -4.21 28.63
N GLY D 219 -48.08 -4.94 27.72
CA GLY D 219 -48.01 -4.62 26.31
C GLY D 219 -46.68 -4.95 25.67
N SER D 220 -45.71 -5.42 26.44
CA SER D 220 -44.36 -5.70 25.95
C SER D 220 -44.29 -7.13 25.43
N VAL D 221 -43.07 -7.63 25.18
CA VAL D 221 -42.85 -8.96 24.63
C VAL D 221 -41.58 -9.52 25.24
N ARG D 222 -41.62 -10.81 25.61
CA ARG D 222 -40.43 -11.55 25.97
C ARG D 222 -40.09 -12.52 24.85
N GLY D 223 -38.87 -12.43 24.34
CA GLY D 223 -38.48 -13.20 23.17
C GLY D 223 -38.49 -12.35 21.92
N ASP D 224 -38.80 -12.95 20.78
CA ASP D 224 -38.70 -12.28 19.50
C ASP D 224 -40.07 -11.71 19.14
N PRO D 225 -40.25 -10.38 19.13
CA PRO D 225 -41.57 -9.82 18.79
C PRO D 225 -42.05 -10.13 17.38
N ALA D 226 -41.14 -10.50 16.47
CA ALA D 226 -41.59 -10.86 15.14
C ALA D 226 -42.46 -12.11 15.14
N ASN D 227 -42.40 -12.93 16.19
CA ASN D 227 -43.03 -14.24 16.21
C ASN D 227 -44.18 -14.32 17.21
N VAL D 228 -44.80 -13.17 17.51
CA VAL D 228 -45.90 -13.14 18.48
C VAL D 228 -47.09 -13.95 17.99
N GLU D 229 -47.45 -13.77 16.71
CA GLU D 229 -48.67 -14.37 16.20
C GLU D 229 -48.54 -15.90 16.12
N ILE D 230 -47.41 -16.38 15.59
CA ILE D 230 -47.21 -17.82 15.47
C ILE D 230 -47.06 -18.45 16.85
N THR D 231 -46.46 -17.72 17.80
CA THR D 231 -46.34 -18.23 19.16
C THR D 231 -47.73 -18.45 19.77
N GLU D 232 -48.65 -17.51 19.57
CA GLU D 232 -49.99 -17.66 20.14
C GLU D 232 -50.77 -18.75 19.43
N LEU D 233 -50.53 -18.96 18.14
CA LEU D 233 -51.17 -20.09 17.46
C LEU D 233 -50.62 -21.42 17.95
N CYS D 234 -49.33 -21.48 18.27
CA CYS D 234 -48.78 -22.71 18.84
C CYS D 234 -49.40 -23.01 20.20
N ILE D 235 -49.55 -21.99 21.05
CA ILE D 235 -50.19 -22.18 22.35
C ILE D 235 -51.60 -22.69 22.17
N GLN D 236 -52.38 -21.98 21.35
CA GLN D 236 -53.78 -22.28 21.10
C GLN D 236 -53.96 -23.67 20.48
N HIS D 237 -52.91 -24.24 19.90
CA HIS D 237 -52.96 -25.58 19.34
C HIS D 237 -52.28 -26.62 20.24
N GLY D 238 -51.99 -26.27 21.49
CA GLY D 238 -51.64 -27.25 22.49
C GLY D 238 -50.21 -27.21 22.99
N TRP D 239 -49.35 -26.37 22.42
CA TRP D 239 -47.98 -26.30 22.88
C TRP D 239 -47.92 -25.75 24.31
N THR D 240 -47.15 -26.42 25.16
CA THR D 240 -46.84 -25.86 26.47
C THR D 240 -45.71 -24.86 26.33
N PRO D 241 -45.96 -23.57 26.54
CA PRO D 241 -44.92 -22.57 26.28
C PRO D 241 -43.83 -22.58 27.33
N GLY D 242 -42.73 -21.91 26.99
CA GLY D 242 -41.71 -21.57 27.94
C GLY D 242 -41.86 -20.14 28.43
N ASN D 243 -40.79 -19.62 29.02
CA ASN D 243 -40.77 -18.22 29.40
C ASN D 243 -39.40 -17.61 29.17
N GLY D 244 -38.63 -18.16 28.22
CA GLY D 244 -37.32 -17.66 27.89
C GLY D 244 -37.35 -16.72 26.71
N ARG D 245 -36.18 -16.14 26.43
CA ARG D 245 -35.99 -15.24 25.30
C ARG D 245 -35.61 -15.98 24.02
N PHE D 246 -35.13 -17.22 24.14
CA PHE D 246 -34.68 -17.97 22.98
C PHE D 246 -35.26 -19.39 23.02
N ASP D 247 -36.58 -19.48 23.15
CA ASP D 247 -37.29 -20.76 23.13
C ASP D 247 -37.65 -21.12 21.68
N VAL D 248 -37.11 -22.24 21.20
CA VAL D 248 -37.43 -22.66 19.84
C VAL D 248 -38.89 -23.04 19.75
N LEU D 249 -39.58 -22.54 18.73
CA LEU D 249 -40.97 -22.85 18.52
C LEU D 249 -41.16 -24.24 17.93
N PRO D 250 -42.29 -24.89 18.23
CA PRO D 250 -42.65 -26.11 17.51
C PRO D 250 -43.14 -25.76 16.11
N LEU D 251 -43.25 -26.79 15.26
CA LEU D 251 -43.78 -26.60 13.92
C LEU D 251 -45.27 -26.87 13.89
N LEU D 252 -46.01 -26.00 13.21
CA LEU D 252 -47.43 -26.23 12.92
C LEU D 252 -47.51 -26.61 11.45
N LEU D 253 -47.84 -27.86 11.18
CA LEU D 253 -47.80 -28.42 9.84
C LEU D 253 -49.19 -28.78 9.38
N GLN D 254 -49.53 -28.35 8.17
CA GLN D 254 -50.88 -28.50 7.63
C GLN D 254 -50.85 -29.45 6.44
N ALA D 255 -51.51 -30.59 6.59
CA ALA D 255 -51.76 -31.46 5.45
C ALA D 255 -53.08 -31.06 4.79
N PRO D 256 -53.30 -31.46 3.54
CA PRO D 256 -54.53 -31.02 2.84
C PRO D 256 -55.80 -31.30 3.63
N ASP D 257 -56.60 -30.23 3.81
CA ASP D 257 -57.96 -30.30 4.35
C ASP D 257 -57.99 -30.77 5.80
N GLU D 258 -56.93 -30.49 6.54
CA GLU D 258 -56.78 -30.81 7.94
C GLU D 258 -56.36 -29.55 8.69
N PRO D 259 -56.77 -29.38 9.94
CA PRO D 259 -56.19 -28.34 10.77
C PRO D 259 -54.71 -28.62 11.00
N PRO D 260 -53.94 -27.60 11.35
CA PRO D 260 -52.49 -27.82 11.53
C PRO D 260 -52.22 -28.75 12.71
N GLU D 261 -51.11 -29.48 12.60
CA GLU D 261 -50.63 -30.37 13.64
C GLU D 261 -49.32 -29.84 14.22
N LEU D 262 -49.15 -30.02 15.53
CA LEU D 262 -47.99 -29.55 16.27
C LEU D 262 -46.91 -30.63 16.34
N PHE D 263 -45.68 -30.27 15.97
CA PHE D 263 -44.54 -31.18 16.05
C PHE D 263 -43.37 -30.47 16.72
N LEU D 264 -42.78 -31.10 17.73
CA LEU D 264 -41.62 -30.57 18.42
C LEU D 264 -40.35 -30.94 17.67
N LEU D 265 -39.50 -29.95 17.41
CA LEU D 265 -38.20 -30.25 16.82
C LEU D 265 -37.31 -30.90 17.88
N PRO D 266 -36.62 -31.99 17.57
CA PRO D 266 -35.67 -32.57 18.53
C PRO D 266 -34.56 -31.61 18.84
N PRO D 267 -34.34 -31.29 20.12
CA PRO D 267 -33.26 -30.36 20.49
C PRO D 267 -31.95 -30.59 19.75
N GLU D 268 -31.53 -31.85 19.59
CA GLU D 268 -30.25 -32.13 18.94
C GLU D 268 -30.24 -31.81 17.45
N LEU D 269 -31.40 -31.54 16.86
CA LEU D 269 -31.48 -31.17 15.46
C LEU D 269 -31.28 -29.67 15.23
N VAL D 270 -31.44 -28.85 16.26
CA VAL D 270 -31.48 -27.39 16.13
C VAL D 270 -30.18 -26.82 16.68
N LEU D 271 -29.23 -26.56 15.80
CA LEU D 271 -27.92 -26.05 16.21
C LEU D 271 -28.03 -24.58 16.53
N GLU D 272 -27.50 -24.17 17.68
CA GLU D 272 -27.53 -22.80 18.12
C GLU D 272 -26.10 -22.35 18.44
N VAL D 273 -25.92 -21.03 18.45
CA VAL D 273 -24.62 -20.41 18.68
C VAL D 273 -24.75 -19.47 19.86
N PRO D 274 -24.09 -19.74 20.99
CA PRO D 274 -24.01 -18.74 22.05
C PRO D 274 -23.18 -17.55 21.59
N LEU D 275 -23.62 -16.35 21.91
CA LEU D 275 -22.96 -15.15 21.42
C LEU D 275 -21.96 -14.64 22.45
N GLU D 276 -20.73 -14.40 21.99
CA GLU D 276 -19.71 -13.78 22.82
C GLU D 276 -18.91 -12.80 21.96
N HIS D 277 -18.18 -11.88 22.63
CA HIS D 277 -17.39 -10.92 21.88
C HIS D 277 -15.90 -11.22 22.03
N PRO D 278 -15.08 -11.02 20.99
CA PRO D 278 -13.68 -11.43 21.12
C PRO D 278 -12.92 -10.67 22.17
N THR D 279 -13.31 -9.42 22.46
CA THR D 279 -12.59 -8.65 23.47
C THR D 279 -13.43 -8.05 24.59
N LEU D 280 -14.76 -8.03 24.48
CA LEU D 280 -15.61 -7.50 25.55
C LEU D 280 -16.17 -8.70 26.30
N GLU D 281 -15.55 -9.04 27.43
CA GLU D 281 -15.88 -10.30 28.08
C GLU D 281 -17.25 -10.27 28.74
N TRP D 282 -17.74 -9.09 29.13
CA TRP D 282 -19.09 -9.01 29.69
C TRP D 282 -20.19 -9.35 28.68
N PHE D 283 -19.88 -9.33 27.37
CA PHE D 283 -20.92 -9.58 26.37
C PHE D 283 -21.55 -10.96 26.58
N ALA D 284 -20.74 -11.96 26.91
CA ALA D 284 -21.25 -13.30 27.11
C ALA D 284 -22.31 -13.34 28.20
N ALA D 285 -22.28 -12.40 29.14
CA ALA D 285 -23.25 -12.41 30.24
C ALA D 285 -24.61 -11.86 29.83
N LEU D 286 -24.73 -11.23 28.65
CA LEU D 286 -26.02 -10.89 28.09
C LEU D 286 -26.87 -12.12 27.82
N GLY D 287 -26.24 -13.28 27.68
CA GLY D 287 -26.95 -14.52 27.41
C GLY D 287 -27.65 -14.55 26.08
N LEU D 288 -27.05 -13.95 25.06
CA LEU D 288 -27.63 -13.95 23.73
C LEU D 288 -27.25 -15.23 22.99
N ARG D 289 -28.08 -15.58 22.01
CA ARG D 289 -27.77 -16.71 21.15
C ARG D 289 -28.56 -16.53 19.87
N TRP D 290 -28.14 -17.24 18.83
CA TRP D 290 -28.95 -17.34 17.63
C TRP D 290 -28.80 -18.75 17.08
N TYR D 291 -29.66 -19.08 16.11
CA TYR D 291 -29.61 -20.42 15.57
C TYR D 291 -28.81 -20.47 14.26
N ALA D 292 -28.36 -21.68 13.91
CA ALA D 292 -27.44 -21.81 12.80
C ALA D 292 -28.13 -21.63 11.45
N LEU D 293 -29.37 -22.10 11.34
CA LEU D 293 -29.96 -22.38 10.03
C LEU D 293 -31.09 -21.41 9.69
N PRO D 294 -30.93 -20.52 8.69
CA PRO D 294 -32.06 -19.69 8.22
C PRO D 294 -32.83 -20.48 7.18
N ALA D 295 -34.05 -20.86 7.51
CA ALA D 295 -34.81 -21.79 6.67
C ALA D 295 -36.22 -21.24 6.50
N VAL D 296 -36.46 -20.51 5.41
CA VAL D 296 -37.72 -19.82 5.23
C VAL D 296 -38.77 -20.82 4.73
N SER D 297 -39.92 -20.84 5.38
CA SER D 297 -40.88 -21.89 5.11
C SER D 297 -42.26 -21.39 4.70
N ASN D 298 -42.47 -20.09 4.56
CA ASN D 298 -43.81 -19.58 4.28
C ASN D 298 -43.95 -19.01 2.87
N MET D 299 -42.99 -19.19 1.99
CA MET D 299 -43.14 -18.69 0.63
C MET D 299 -43.64 -19.77 -0.32
N LEU D 300 -44.18 -19.33 -1.46
CA LEU D 300 -44.71 -20.20 -2.49
C LEU D 300 -43.72 -20.29 -3.64
N LEU D 301 -43.41 -21.51 -4.07
CA LEU D 301 -42.54 -21.74 -5.21
C LEU D 301 -43.41 -21.94 -6.45
N GLU D 302 -43.14 -21.16 -7.49
CA GLU D 302 -43.91 -21.24 -8.74
C GLU D 302 -42.99 -21.67 -9.88
N ILE D 303 -43.36 -22.73 -10.58
CA ILE D 303 -42.54 -23.27 -11.67
C ILE D 303 -43.48 -23.63 -12.81
N GLY D 304 -43.30 -22.99 -13.98
CA GLY D 304 -44.10 -23.35 -15.14
C GLY D 304 -45.60 -23.28 -14.92
N GLY D 305 -46.06 -22.31 -14.13
CA GLY D 305 -47.46 -22.19 -13.79
C GLY D 305 -47.94 -23.10 -12.68
N LEU D 306 -47.16 -24.10 -12.28
CA LEU D 306 -47.49 -24.91 -11.13
C LEU D 306 -47.09 -24.17 -9.87
N GLU D 307 -47.84 -24.37 -8.79
CA GLU D 307 -47.60 -23.67 -7.54
C GLU D 307 -47.34 -24.69 -6.43
N PHE D 308 -46.31 -24.43 -5.63
CA PHE D 308 -45.94 -25.31 -4.54
C PHE D 308 -46.03 -24.48 -3.28
N PRO D 309 -47.17 -24.48 -2.58
CA PRO D 309 -47.31 -23.60 -1.40
C PRO D 309 -46.46 -24.02 -0.22
N ALA D 310 -45.91 -25.24 -0.22
CA ALA D 310 -45.00 -25.66 0.84
C ALA D 310 -43.71 -26.14 0.17
N ALA D 311 -42.64 -25.34 0.32
CA ALA D 311 -41.34 -25.69 -0.22
C ALA D 311 -40.24 -24.96 0.56
N PRO D 312 -40.01 -25.31 1.83
CA PRO D 312 -39.04 -24.57 2.65
C PRO D 312 -37.63 -24.65 2.07
N PHE D 313 -36.87 -23.54 2.17
CA PHE D 313 -35.53 -23.53 1.63
C PHE D 313 -34.58 -22.88 2.63
N SER D 314 -33.31 -23.24 2.53
CA SER D 314 -32.37 -22.72 3.53
C SER D 314 -31.00 -22.55 2.92
N GLY D 315 -30.24 -21.60 3.48
CA GLY D 315 -28.85 -21.45 3.10
C GLY D 315 -28.02 -21.29 4.35
N TRP D 316 -27.33 -20.17 4.46
CA TRP D 316 -26.64 -19.79 5.70
C TRP D 316 -26.75 -18.29 5.88
N TYR D 317 -26.48 -17.83 7.09
CA TYR D 317 -26.74 -16.44 7.43
C TYR D 317 -25.68 -15.49 6.89
N MET D 318 -26.12 -14.29 6.50
CA MET D 318 -25.23 -13.14 6.45
C MET D 318 -25.31 -12.43 7.81
N SER D 319 -24.16 -11.98 8.34
CA SER D 319 -24.12 -11.64 9.77
C SER D 319 -24.99 -10.45 10.11
N THR D 320 -25.15 -9.50 9.19
CA THR D 320 -26.01 -8.35 9.49
C THR D 320 -27.46 -8.76 9.71
N GLU D 321 -27.91 -9.89 9.16
CA GLU D 321 -29.28 -10.29 9.47
C GLU D 321 -29.46 -10.50 10.95
N ILE D 322 -28.50 -11.15 11.59
CA ILE D 322 -28.60 -11.41 13.02
C ILE D 322 -28.19 -10.18 13.80
N GLY D 323 -27.01 -9.64 13.51
CA GLY D 323 -26.41 -8.65 14.38
C GLY D 323 -27.11 -7.30 14.29
N THR D 324 -27.57 -6.92 13.10
CA THR D 324 -28.16 -5.60 12.92
C THR D 324 -29.68 -5.65 12.99
N ARG D 325 -30.32 -6.50 12.18
CA ARG D 325 -31.77 -6.49 12.16
C ARG D 325 -32.34 -7.24 13.37
N ASN D 326 -32.03 -8.52 13.51
CA ASN D 326 -32.67 -9.33 14.54
C ASN D 326 -32.35 -8.82 15.95
N LEU D 327 -31.11 -8.41 16.19
CA LEU D 327 -30.77 -8.01 17.55
C LEU D 327 -30.93 -6.52 17.82
N CYS D 328 -30.80 -5.65 16.81
CA CYS D 328 -30.85 -4.20 17.04
C CYS D 328 -32.08 -3.48 16.50
N ASP D 329 -32.94 -4.12 15.68
CA ASP D 329 -34.16 -3.42 15.30
C ASP D 329 -34.91 -3.03 16.56
N PRO D 330 -35.46 -1.81 16.63
CA PRO D 330 -36.23 -1.41 17.82
C PRO D 330 -37.46 -2.27 18.06
N HIS D 331 -37.99 -2.89 17.00
CA HIS D 331 -39.15 -3.76 17.10
C HIS D 331 -38.77 -5.23 17.11
N ARG D 332 -37.49 -5.53 17.30
CA ARG D 332 -37.08 -6.92 17.52
C ARG D 332 -36.46 -7.00 18.91
N TYR D 333 -35.28 -7.59 19.05
CA TYR D 333 -34.72 -7.76 20.39
C TYR D 333 -34.21 -6.45 20.98
N ASN D 334 -33.85 -5.49 20.13
CA ASN D 334 -33.68 -4.09 20.57
C ASN D 334 -32.63 -3.96 21.68
N ILE D 335 -31.43 -4.50 21.44
CA ILE D 335 -30.38 -4.53 22.48
C ILE D 335 -29.38 -3.37 22.36
N LEU D 336 -29.56 -2.47 21.39
CA LEU D 336 -28.51 -1.51 21.06
C LEU D 336 -28.14 -0.64 22.27
N GLU D 337 -29.16 -0.07 22.93
CA GLU D 337 -28.88 0.86 24.03
C GLU D 337 -28.17 0.15 25.17
N ASP D 338 -28.60 -1.08 25.50
CA ASP D 338 -28.00 -1.81 26.62
C ASP D 338 -26.53 -2.10 26.37
N VAL D 339 -26.19 -2.50 25.14
CA VAL D 339 -24.80 -2.77 24.79
C VAL D 339 -23.98 -1.49 24.86
N ALA D 340 -24.53 -0.38 24.35
CA ALA D 340 -23.81 0.89 24.37
C ALA D 340 -23.56 1.37 25.78
N VAL D 341 -24.54 1.20 26.67
CA VAL D 341 -24.34 1.54 28.07
C VAL D 341 -23.21 0.72 28.66
N CYS D 342 -23.21 -0.60 28.40
CA CYS D 342 -22.14 -1.46 28.89
C CYS D 342 -20.79 -1.08 28.30
N MET D 343 -20.76 -0.62 27.05
CA MET D 343 -19.52 -0.14 26.44
C MET D 343 -19.09 1.21 26.97
N ASP D 344 -19.88 1.79 27.89
CA ASP D 344 -19.61 3.10 28.48
C ASP D 344 -19.61 4.22 27.44
N LEU D 345 -20.47 4.12 26.43
CA LEU D 345 -20.62 5.17 25.46
C LEU D 345 -21.62 6.22 25.95
N ASP D 346 -21.50 7.43 25.42
CA ASP D 346 -22.36 8.53 25.82
C ASP D 346 -23.65 8.46 25.01
N THR D 347 -24.70 7.90 25.60
CA THR D 347 -25.95 7.66 24.90
C THR D 347 -26.92 8.85 24.96
N ARG D 348 -26.49 9.99 25.50
CA ARG D 348 -27.37 11.14 25.64
C ARG D 348 -27.28 12.11 24.47
N THR D 349 -26.29 11.96 23.59
CA THR D 349 -26.21 12.76 22.37
C THR D 349 -26.05 11.83 21.18
N THR D 350 -26.83 12.08 20.12
CA THR D 350 -26.70 11.30 18.90
C THR D 350 -25.34 11.47 18.25
N SER D 351 -24.69 12.63 18.46
CA SER D 351 -23.51 12.91 17.66
C SER D 351 -22.27 12.15 18.16
N SER D 352 -22.36 11.45 19.28
CA SER D 352 -21.26 10.56 19.65
C SER D 352 -21.24 9.30 18.79
N LEU D 353 -22.29 9.08 18.01
CA LEU D 353 -22.42 7.88 17.18
C LEU D 353 -22.34 6.60 18.03
N TRP D 354 -22.89 6.66 19.24
CA TRP D 354 -22.94 5.47 20.09
C TRP D 354 -23.74 4.35 19.45
N LYS D 355 -24.79 4.68 18.69
CA LYS D 355 -25.58 3.63 18.05
C LYS D 355 -24.73 2.87 17.03
N ASP D 356 -23.97 3.61 16.22
CA ASP D 356 -23.13 3.01 15.19
C ASP D 356 -22.04 2.14 15.82
N LYS D 357 -21.42 2.63 16.91
CA LYS D 357 -20.34 1.90 17.55
C LYS D 357 -20.82 0.61 18.20
N ALA D 358 -21.98 0.65 18.89
CA ALA D 358 -22.50 -0.55 19.50
C ALA D 358 -22.92 -1.56 18.45
N ALA D 359 -23.53 -1.09 17.36
CA ALA D 359 -24.00 -1.99 16.33
C ALA D 359 -22.83 -2.73 15.67
N VAL D 360 -21.74 -2.02 15.42
CA VAL D 360 -20.57 -2.69 14.84
C VAL D 360 -20.04 -3.77 15.78
N GLU D 361 -19.95 -3.48 17.08
CA GLU D 361 -19.44 -4.51 17.99
C GLU D 361 -20.39 -5.71 18.10
N ILE D 362 -21.70 -5.49 17.98
CA ILE D 362 -22.62 -6.63 18.03
C ILE D 362 -22.42 -7.50 16.80
N ASN D 363 -22.22 -6.88 15.64
CA ASN D 363 -21.93 -7.63 14.43
C ASN D 363 -20.62 -8.37 14.56
N VAL D 364 -19.61 -7.74 15.16
CA VAL D 364 -18.36 -8.45 15.42
C VAL D 364 -18.61 -9.66 16.30
N ALA D 365 -19.44 -9.53 17.34
CA ALA D 365 -19.67 -10.68 18.22
C ALA D 365 -20.32 -11.84 17.44
N VAL D 366 -21.29 -11.53 16.60
CA VAL D 366 -21.96 -12.57 15.82
C VAL D 366 -20.95 -13.32 14.96
N LEU D 367 -20.13 -12.57 14.19
CA LEU D 367 -19.13 -13.21 13.34
C LEU D 367 -18.15 -14.03 14.16
N HIS D 368 -17.59 -13.44 15.21
CA HIS D 368 -16.67 -14.19 16.06
C HIS D 368 -17.31 -15.45 16.62
N SER D 369 -18.57 -15.36 17.04
CA SER D 369 -19.20 -16.48 17.73
C SER D 369 -19.53 -17.63 16.77
N TYR D 370 -20.00 -17.31 15.57
CA TYR D 370 -20.26 -18.37 14.58
C TYR D 370 -18.95 -19.01 14.13
N GLN D 371 -17.91 -18.21 13.91
CA GLN D 371 -16.61 -18.76 13.54
C GLN D 371 -16.06 -19.65 14.64
N LEU D 372 -16.14 -19.20 15.90
CA LEU D 372 -15.71 -20.02 17.04
C LEU D 372 -16.44 -21.34 17.09
N ALA D 373 -17.75 -21.33 16.88
CA ALA D 373 -18.57 -22.55 16.92
C ALA D 373 -18.45 -23.38 15.65
N LYS D 374 -17.71 -22.90 14.64
CA LYS D 374 -17.56 -23.59 13.36
C LYS D 374 -18.91 -23.76 12.66
N VAL D 375 -19.68 -22.68 12.62
CA VAL D 375 -20.95 -22.62 11.90
C VAL D 375 -20.78 -21.61 10.79
N THR D 376 -21.07 -22.04 9.56
CA THR D 376 -20.98 -21.17 8.38
C THR D 376 -21.68 -19.84 8.61
N ILE D 377 -20.98 -18.76 8.29
CA ILE D 377 -21.56 -17.42 8.29
C ILE D 377 -20.76 -16.60 7.28
N VAL D 378 -21.40 -15.58 6.70
CA VAL D 378 -20.70 -14.68 5.79
C VAL D 378 -20.94 -13.24 6.23
N ASP D 379 -19.86 -12.42 6.24
CA ASP D 379 -20.06 -11.01 6.57
C ASP D 379 -20.59 -10.26 5.36
N HIS D 380 -21.08 -9.03 5.60
CA HIS D 380 -21.73 -8.27 4.54
C HIS D 380 -20.74 -7.78 3.48
N HIS D 381 -19.45 -7.65 3.83
CA HIS D 381 -18.48 -7.27 2.83
C HIS D 381 -18.22 -8.40 1.84
N ALA D 382 -18.00 -9.60 2.35
CA ALA D 382 -17.75 -10.73 1.46
C ALA D 382 -19.00 -11.06 0.65
N ALA D 383 -20.18 -10.97 1.27
CA ALA D 383 -21.43 -11.30 0.57
C ALA D 383 -21.71 -10.34 -0.59
N THR D 384 -21.55 -9.03 -0.35
CA THR D 384 -21.77 -8.08 -1.43
C THR D 384 -20.70 -8.16 -2.51
N ALA D 385 -19.46 -8.50 -2.14
CA ALA D 385 -18.43 -8.72 -3.15
C ALA D 385 -18.80 -9.90 -4.03
N SER D 386 -19.30 -10.98 -3.44
CA SER D 386 -19.68 -12.14 -4.24
C SER D 386 -20.90 -11.83 -5.10
N PHE D 387 -21.82 -11.02 -4.59
CA PHE D 387 -22.95 -10.64 -5.41
C PHE D 387 -22.52 -9.82 -6.63
N MET D 388 -21.48 -8.99 -6.49
CA MET D 388 -20.99 -8.26 -7.66
C MET D 388 -20.47 -9.22 -8.73
N LYS D 389 -19.76 -10.28 -8.31
CA LYS D 389 -19.35 -11.31 -9.25
C LYS D 389 -20.57 -12.00 -9.87
N HIS D 390 -21.64 -12.21 -9.10
CA HIS D 390 -22.88 -12.78 -9.64
C HIS D 390 -23.48 -11.88 -10.73
N LEU D 391 -23.54 -10.56 -10.47
CA LEU D 391 -24.07 -9.65 -11.49
C LEU D 391 -23.25 -9.76 -12.78
N GLU D 392 -21.94 -9.83 -12.65
CA GLU D 392 -21.09 -9.98 -13.83
C GLU D 392 -21.33 -11.31 -14.54
N ASN D 393 -21.46 -12.40 -13.79
CA ASN D 393 -21.77 -13.69 -14.42
C ASN D 393 -23.09 -13.60 -15.17
N GLU D 394 -24.11 -13.01 -14.53
CA GLU D 394 -25.46 -13.01 -15.10
C GLU D 394 -25.56 -12.07 -16.28
N GLN D 395 -24.83 -10.97 -16.28
CA GLN D 395 -24.82 -10.11 -17.44
C GLN D 395 -24.34 -10.86 -18.67
N LYS D 396 -23.28 -11.67 -18.52
CA LYS D 396 -22.83 -12.48 -19.65
C LYS D 396 -23.83 -13.59 -19.97
N ALA D 397 -24.39 -14.25 -18.95
CA ALA D 397 -25.17 -15.45 -19.24
C ALA D 397 -26.56 -15.13 -19.76
N ARG D 398 -27.19 -14.05 -19.26
CA ARG D 398 -28.58 -13.75 -19.55
C ARG D 398 -28.82 -12.30 -19.95
N GLY D 399 -27.82 -11.42 -19.87
CA GLY D 399 -28.04 -10.04 -20.24
C GLY D 399 -28.67 -9.20 -19.15
N GLY D 400 -28.60 -9.63 -17.90
CA GLY D 400 -29.09 -8.82 -16.81
C GLY D 400 -29.40 -9.70 -15.62
N CYS D 401 -29.83 -9.03 -14.56
CA CYS D 401 -30.10 -9.71 -13.29
C CYS D 401 -31.11 -8.89 -12.50
N PRO D 402 -32.27 -9.46 -12.16
CA PRO D 402 -33.24 -8.72 -11.34
C PRO D 402 -32.70 -8.54 -9.93
N ALA D 403 -32.72 -7.31 -9.44
CA ALA D 403 -32.10 -7.04 -8.15
C ALA D 403 -32.78 -5.83 -7.52
N ASP D 404 -33.10 -5.97 -6.23
CA ASP D 404 -33.79 -4.94 -5.43
C ASP D 404 -32.72 -4.22 -4.61
N TRP D 405 -32.33 -3.02 -5.05
CA TRP D 405 -31.21 -2.30 -4.43
C TRP D 405 -31.41 -2.16 -2.92
N ALA D 406 -32.61 -1.74 -2.53
CA ALA D 406 -32.88 -1.48 -1.10
C ALA D 406 -32.67 -2.71 -0.24
N TRP D 407 -32.87 -3.91 -0.80
CA TRP D 407 -32.66 -5.14 -0.05
C TRP D 407 -31.24 -5.71 -0.22
N ILE D 408 -30.58 -5.43 -1.34
CA ILE D 408 -29.24 -5.95 -1.56
C ILE D 408 -28.21 -5.18 -0.72
N VAL D 409 -28.38 -3.87 -0.60
CA VAL D 409 -27.46 -3.06 0.23
C VAL D 409 -27.68 -3.41 1.69
N PRO D 410 -26.63 -3.78 2.43
CA PRO D 410 -26.78 -4.22 3.82
C PRO D 410 -27.27 -3.10 4.73
N PRO D 411 -27.80 -3.44 5.91
CA PRO D 411 -28.39 -2.44 6.79
C PRO D 411 -27.41 -1.63 7.62
N ILE D 412 -26.13 -2.00 7.65
CA ILE D 412 -25.08 -1.12 8.16
C ILE D 412 -24.06 -0.97 7.06
N SER D 413 -23.34 0.15 7.07
CA SER D 413 -22.16 0.36 6.24
C SER D 413 -22.46 0.28 4.75
N GLY D 414 -23.65 0.71 4.34
CA GLY D 414 -24.10 0.49 2.96
C GLY D 414 -23.10 0.95 1.91
N SER D 415 -22.63 2.20 1.98
CA SER D 415 -21.74 2.69 0.94
C SER D 415 -20.32 2.15 1.07
N LEU D 416 -20.01 1.39 2.11
CA LEU D 416 -18.70 0.76 2.18
C LEU D 416 -18.68 -0.54 1.39
N THR D 417 -19.84 -0.95 0.84
CA THR D 417 -19.93 -2.16 0.05
C THR D 417 -20.09 -1.80 -1.42
N PRO D 418 -19.62 -2.65 -2.33
CA PRO D 418 -19.67 -2.29 -3.75
C PRO D 418 -21.08 -2.22 -4.32
N VAL D 419 -22.05 -2.92 -3.73
CA VAL D 419 -23.39 -2.93 -4.31
C VAL D 419 -24.06 -1.57 -4.17
N PHE D 420 -23.66 -0.76 -3.17
CA PHE D 420 -24.26 0.56 -3.00
C PHE D 420 -24.10 1.40 -4.26
N HIS D 421 -22.94 1.29 -4.91
CA HIS D 421 -22.56 2.12 -6.04
C HIS D 421 -23.00 1.52 -7.38
N GLN D 422 -23.75 0.42 -7.34
CA GLN D 422 -24.19 -0.30 -8.54
C GLN D 422 -25.68 -0.04 -8.77
N GLU D 423 -26.02 0.59 -9.88
CA GLU D 423 -27.43 0.72 -10.21
C GLU D 423 -28.00 -0.66 -10.52
N MET D 424 -29.28 -0.85 -10.21
CA MET D 424 -29.92 -2.15 -10.34
C MET D 424 -31.31 -1.98 -10.93
N VAL D 425 -31.76 -3.02 -11.64
CA VAL D 425 -33.08 -3.05 -12.27
C VAL D 425 -33.88 -4.16 -11.60
N ASN D 426 -35.06 -3.81 -11.08
CA ASN D 426 -35.88 -4.79 -10.36
C ASN D 426 -37.06 -5.21 -11.25
N TYR D 427 -37.24 -6.52 -11.41
CA TYR D 427 -38.35 -7.06 -12.18
C TYR D 427 -38.58 -8.51 -11.77
N PHE D 428 -39.71 -9.06 -12.20
CA PHE D 428 -40.17 -10.36 -11.75
C PHE D 428 -40.02 -11.37 -12.90
N LEU D 429 -39.16 -12.35 -12.70
CA LEU D 429 -39.07 -13.50 -13.60
C LEU D 429 -39.65 -14.74 -12.94
N SER D 430 -39.99 -15.74 -13.77
CA SER D 430 -40.46 -17.03 -13.33
C SER D 430 -39.56 -18.11 -13.92
N PRO D 431 -39.28 -19.21 -13.18
CA PRO D 431 -39.69 -19.62 -11.83
C PRO D 431 -39.39 -18.60 -10.73
N ALA D 432 -40.18 -18.61 -9.67
CA ALA D 432 -40.09 -17.56 -8.67
C ALA D 432 -40.49 -18.09 -7.30
N PHE D 433 -39.89 -17.51 -6.28
CA PHE D 433 -40.43 -17.57 -4.92
C PHE D 433 -41.31 -16.35 -4.71
N ARG D 434 -42.50 -16.58 -4.18
CA ARG D 434 -43.51 -15.55 -4.06
C ARG D 434 -44.03 -15.53 -2.63
N TYR D 435 -44.40 -14.33 -2.18
CA TYR D 435 -45.14 -14.23 -0.93
C TYR D 435 -46.57 -14.74 -1.12
N GLN D 436 -47.15 -15.24 -0.03
CA GLN D 436 -48.50 -15.77 -0.05
C GLN D 436 -49.14 -15.48 1.29
N PRO D 437 -50.47 -15.37 1.35
CA PRO D 437 -51.13 -15.04 2.61
C PRO D 437 -50.93 -16.14 3.65
N ASP D 438 -50.99 -15.72 4.91
CA ASP D 438 -50.90 -16.68 6.01
C ASP D 438 -52.13 -17.59 5.98
N PRO D 439 -51.94 -18.89 6.24
CA PRO D 439 -53.05 -19.85 6.04
C PRO D 439 -54.16 -19.72 7.07
N TRP D 440 -53.99 -18.93 8.12
CA TRP D 440 -55.04 -18.74 9.11
C TRP D 440 -55.81 -17.46 8.83
CHA HEM E . 32.23 -16.16 -3.07
CHB HEM E . 27.79 -17.43 -1.58
CHC HEM E . 29.40 -22.00 -1.15
CHD HEM E . 33.93 -20.64 -2.24
C1A HEM E . 30.88 -16.11 -2.79
C2A HEM E . 29.99 -14.99 -3.03
C3A HEM E . 28.77 -15.35 -2.62
C4A HEM E . 28.83 -16.70 -2.10
CMA HEM E . 27.48 -14.50 -2.65
CAA HEM E . 30.35 -13.61 -3.63
CBA HEM E . 30.81 -13.73 -5.08
CGA HEM E . 30.13 -12.71 -5.95
O1A HEM E . 29.26 -11.94 -5.45
O2A HEM E . 30.44 -12.65 -7.16
C1B HEM E . 27.83 -18.79 -1.32
C2B HEM E . 26.73 -19.60 -0.85
C3B HEM E . 27.16 -20.87 -0.71
C4B HEM E . 28.56 -20.90 -1.11
CMB HEM E . 25.31 -19.09 -0.53
CAB HEM E . 26.28 -22.06 -0.22
CBB HEM E . 26.77 -23.24 0.16
C1C HEM E . 30.75 -22.04 -1.44
C2C HEM E . 31.56 -23.25 -1.55
C3C HEM E . 32.81 -22.87 -1.86
C4C HEM E . 32.84 -21.42 -1.94
CMC HEM E . 31.00 -24.68 -1.34
CAC HEM E . 34.08 -23.73 -2.06
CBC HEM E . 34.20 -25.00 -1.67
C1D HEM E . 33.87 -19.31 -2.59
C2D HEM E . 34.95 -18.51 -3.11
C3D HEM E . 34.48 -17.27 -3.35
C4D HEM E . 33.07 -17.24 -2.97
CMD HEM E . 36.39 -19.02 -3.33
CAD HEM E . 35.31 -16.08 -3.86
CBD HEM E . 35.89 -15.65 -2.52
CGD HEM E . 37.29 -15.10 -2.51
O1D HEM E . 37.89 -14.84 -3.58
O2D HEM E . 37.80 -14.93 -1.36
NA HEM E . 30.14 -17.12 -2.22
NB HEM E . 28.93 -19.61 -1.47
NC HEM E . 31.56 -20.96 -1.69
ND HEM E . 32.74 -18.52 -2.53
FE HEM E . 30.92 -18.97 -1.69
N1 H4B F . 30.94 -7.94 -3.97
C2 H4B F . 30.56 -9.15 -4.45
N2 H4B F . 29.95 -10.04 -3.64
N3 H4B F . 30.78 -9.47 -5.75
C4 H4B F . 31.38 -8.59 -6.58
O4 H4B F . 31.58 -8.89 -7.78
C4A H4B F . 31.78 -7.36 -6.10
C8A H4B F . 31.55 -7.04 -4.77
N5 H4B F . 32.38 -6.45 -6.90
N8 H4B F . 31.93 -5.84 -4.26
C6 H4B F . 33.24 -5.46 -6.28
C7 H4B F . 32.57 -4.82 -5.07
C9 H4B F . 33.72 -4.40 -7.28
O9 H4B F . 32.64 -3.82 -8.00
C10 H4B F . 34.44 -3.27 -6.54
C11 H4B F . 34.98 -2.24 -7.53
O10 H4B F . 35.50 -3.81 -5.74
C02 OU1 G . 27.77 -18.85 -4.86
C03 OU1 G . 28.42 -20.05 -4.58
C04 OU1 G . 29.76 -20.18 -4.92
C05 OU1 G . 30.43 -19.11 -5.54
C06 OU1 G . 31.78 -19.23 -5.89
C07 OU1 G . 32.43 -18.16 -6.49
C08 OU1 G . 31.76 -16.98 -6.77
C09 OU1 G . 30.41 -16.87 -6.41
C10 OU1 G . 29.75 -17.94 -5.80
C11 OU1 G . 30.49 -21.46 -4.64
C21 OU1 G . 32.48 -15.85 -7.43
C22 OU1 G . 33.82 -15.59 -7.15
C23 OU1 G . 34.49 -14.53 -7.77
C24 OU1 G . 33.80 -13.74 -8.69
C25 OU1 G . 32.47 -14.00 -8.97
C26 OU1 G . 31.81 -15.05 -8.34
C27 OU1 G . 31.74 -13.12 -9.96
C30 OU1 G . 35.59 -12.86 -10.10
C31 OU1 G . 35.77 -11.63 -10.98
C32 OU1 G . 34.80 -11.73 -12.15
C33 OU1 G . 36.28 -12.05 -12.36
N01 OU1 G . 28.44 -17.84 -5.46
N02 OU1 G . 26.46 -18.69 -4.54
O29 OU1 G . 34.41 -12.68 -9.32
N28 OU1 G . 31.50 -11.80 -9.33
C1 BTB H . 4.49 -3.22 -20.22
O1 BTB H . 4.72 -3.92 -21.44
C2 BTB H . 3.07 -2.67 -20.10
C3 BTB H . 3.16 -1.46 -19.18
O3 BTB H . 1.95 -0.71 -18.91
C4 BTB H . 2.62 -2.25 -21.51
O4 BTB H . 1.40 -1.52 -21.54
N BTB H . 2.18 -3.70 -19.54
C5 BTB H . 2.78 -4.37 -18.37
C6 BTB H . 2.01 -4.02 -17.09
O6 BTB H . 0.63 -3.77 -17.37
C7 BTB H . 1.80 -4.72 -20.54
C8 BTB H . 0.67 -5.62 -20.01
O8 BTB H . -0.56 -4.90 -19.98
C1 BTB I . 16.54 5.82 -21.47
O1 BTB I . 17.91 6.23 -21.46
C2 BTB I . 15.66 7.05 -21.41
C3 BTB I . 16.46 8.21 -21.95
O3 BTB I . 17.17 7.72 -23.09
C4 BTB I . 14.46 6.83 -22.33
O4 BTB I . 13.95 8.07 -22.80
N BTB I . 15.23 7.37 -20.02
C5 BTB I . 15.88 6.51 -19.01
C6 BTB I . 16.79 7.35 -18.13
O6 BTB I . 17.52 8.27 -18.95
C7 BTB I . 13.77 7.27 -19.84
C8 BTB I . 13.24 8.62 -19.37
O8 BTB I . 14.21 9.63 -19.65
C1 BTB J . 46.92 -36.33 -31.54
O1 BTB J . 46.19 -35.71 -32.61
C2 BTB J . 47.28 -35.30 -30.47
C3 BTB J . 47.17 -33.88 -31.03
O3 BTB J . 47.64 -32.93 -30.07
C4 BTB J . 46.33 -35.45 -29.27
O4 BTB J . 44.97 -35.30 -29.69
N BTB J . 48.65 -35.57 -29.99
C5 BTB J . 49.64 -35.20 -31.02
C6 BTB J . 50.62 -34.18 -30.45
O6 BTB J . 51.08 -34.61 -29.17
C7 BTB J . 48.78 -37.00 -29.66
C8 BTB J . 49.48 -37.17 -28.32
O8 BTB J . 49.08 -36.09 -27.45
C1 GOL K . 33.31 -8.82 -10.98
O1 GOL K . 33.94 -8.83 -9.72
C2 GOL K . 32.74 -7.44 -11.24
O2 GOL K . 32.29 -6.92 -10.01
C3 GOL K . 31.58 -7.57 -12.22
O3 GOL K . 31.10 -6.28 -12.53
CL CL L . 26.80 -16.24 -10.92
GD GD M . -0.19 -2.16 -19.43
ZN ZN N . 43.19 -1.86 2.99
CHA HEM O . 30.92 12.68 4.47
CHB HEM O . 27.54 13.98 1.23
CHC HEM O . 29.08 18.57 1.58
CHD HEM O . 32.91 17.12 4.23
C1A HEM O . 29.82 12.67 3.66
C2A HEM O . 28.87 11.56 3.53
C3A HEM O . 27.94 11.91 2.65
C4A HEM O . 28.25 13.25 2.17
CMA HEM O . 26.72 11.05 2.22
CAA HEM O . 28.95 10.24 4.33
CBA HEM O . 28.39 10.51 5.72
CGA HEM O . 27.63 9.35 6.32
O1A HEM O . 27.46 8.34 5.64
O2A HEM O . 27.17 9.46 7.46
C1B HEM O . 27.62 15.35 1.04
C2B HEM O . 26.74 16.17 0.23
C3B HEM O . 27.16 17.44 0.31
C4B HEM O . 28.35 17.47 1.18
CMB HEM O . 25.53 15.67 -0.60
CAB HEM O . 26.48 18.63 -0.43
CBB HEM O . 27.10 19.77 -0.71
C1C HEM O . 30.24 18.56 2.34
C2C HEM O . 30.99 19.77 2.76
C3C HEM O . 32.04 19.38 3.50
C4C HEM O . 32.01 17.93 3.57
CMC HEM O . 30.55 21.19 2.37
CAC HEM O . 33.17 20.22 4.15
CBC HEM O . 33.49 21.46 3.75
C1D HEM O . 32.68 15.79 4.54
C2D HEM O . 33.51 14.97 5.39
C3D HEM O . 32.98 13.73 5.47
C4D HEM O . 31.79 13.75 4.66
CMD HEM O . 34.78 15.52 6.06
CAD HEM O . 33.47 12.46 6.24
CBD HEM O . 34.86 12.46 6.89
CGD HEM O . 35.89 11.49 6.34
O1D HEM O . 36.41 10.69 7.17
O2D HEM O . 36.23 11.52 5.11
NA HEM O . 29.40 13.65 2.80
NB HEM O . 28.57 16.17 1.61
NC HEM O . 30.90 17.50 2.88
ND HEM O . 31.62 14.99 4.10
FE HEM O . 30.35 15.50 2.56
N1 H4B P . 29.24 4.45 4.80
C2 H4B P . 28.71 5.67 5.09
N2 H4B P . 28.48 6.56 4.09
N3 H4B P . 28.41 5.98 6.37
C4 H4B P . 28.64 5.12 7.37
O4 H4B P . 28.34 5.45 8.53
C4A H4B P . 29.20 3.88 7.10
C8A H4B P . 29.50 3.55 5.78
N5 H4B P . 29.44 3.00 8.08
N8 H4B P . 30.04 2.35 5.48
C6 H4B P . 30.41 1.94 7.84
C7 H4B P . 30.24 1.29 6.47
C9 H4B P . 30.40 0.90 8.97
O9 H4B P . 29.08 0.45 9.25
C10 H4B P . 31.29 -0.29 8.62
C11 H4B P . 31.53 -1.15 9.86
O10 H4B P . 32.55 0.23 8.18
C02 OU1 Q . 26.12 15.52 4.34
C03 OU1 Q . 26.85 16.73 4.35
C04 OU1 Q . 27.94 16.84 5.19
C05 OU1 Q . 28.28 15.77 6.00
C06 OU1 Q . 29.37 15.85 6.84
C07 OU1 Q . 29.71 14.75 7.63
C08 OU1 Q . 28.96 13.59 7.61
C09 OU1 Q . 27.86 13.52 6.76
C10 OU1 Q . 27.53 14.60 5.96
C11 OU1 Q . 28.75 18.13 5.26
C21 OU1 Q . 29.35 12.45 8.50
C22 OU1 Q . 30.68 12.26 8.86
C23 OU1 Q . 31.03 11.22 9.70
C24 OU1 Q . 30.05 10.36 10.18
C25 OU1 Q . 28.73 10.53 9.84
C26 OU1 Q . 28.38 11.60 9.00
C27 OU1 Q . 27.69 9.57 10.39
C30 OU1 Q . 31.56 9.36 11.80
C31 OU1 Q . 31.52 8.19 12.77
C32 OU1 Q . 30.42 8.39 13.81
C33 OU1 Q . 31.86 8.73 14.15
N01 OU1 Q . 26.47 14.50 5.14
N02 OU1 Q . 25.02 15.32 3.56
O29 OU1 Q . 30.37 9.31 11.01
N28 OU1 Q . 27.70 8.29 9.65
C1 BTB R . -5.69 7.09 -4.74
O1 BTB R . -5.25 7.57 -6.01
C2 BTB R . -4.52 6.86 -3.78
C3 BTB R . -3.35 6.14 -4.48
O3 BTB R . -2.33 5.75 -3.55
C4 BTB R . -3.98 8.19 -3.27
O4 BTB R . -2.99 7.93 -2.28
N BTB R . -5.03 6.04 -2.66
C5 BTB R . -5.36 4.68 -3.14
C6 BTB R . -4.47 3.69 -2.43
O6 BTB R . -4.82 3.66 -1.04
C7 BTB R . -6.15 6.65 -1.92
C8 BTB R . -5.73 7.20 -0.55
O8 BTB R . -5.14 6.18 0.28
C1 BTB S . 36.40 32.91 35.34
O1 BTB S . 37.46 32.17 35.94
C2 BTB S . 35.71 32.07 34.24
C3 BTB S . 36.69 31.00 33.73
O3 BTB S . 37.89 31.51 33.16
C4 BTB S . 34.53 31.29 34.80
O4 BTB S . 34.56 31.32 36.24
N BTB S . 35.15 33.00 33.22
C5 BTB S . 36.21 33.85 32.63
C6 BTB S . 35.82 34.35 31.25
O6 BTB S . 35.08 35.58 31.38
C7 BTB S . 34.24 33.88 33.98
C8 BTB S . 32.98 34.34 33.26
O8 BTB S . 32.62 35.65 33.77
C1 BTB T . 7.23 -9.46 17.54
O1 BTB T . 6.17 -8.82 16.83
C2 BTB T . 8.59 -9.17 16.88
C3 BTB T . 8.62 -7.72 16.40
O3 BTB T . 8.08 -6.82 17.38
C4 BTB T . 9.67 -9.37 17.94
O4 BTB T . 10.77 -8.48 17.71
N BTB T . 8.83 -10.04 15.69
C5 BTB T . 7.79 -11.05 15.48
C6 BTB T . 6.97 -10.68 14.24
O6 BTB T . 7.83 -10.56 13.10
C7 BTB T . 10.13 -10.72 15.71
C8 BTB T . 11.11 -10.00 14.78
O8 BTB T . 12.20 -10.88 14.51
C1 GOL U . 29.53 4.69 12.17
O1 GOL U . 29.73 5.56 11.09
C2 GOL U . 28.32 3.80 11.89
O2 GOL U . 27.85 4.04 10.57
C3 GOL U . 27.20 4.11 12.87
O3 GOL U . 26.22 3.10 12.77
CL CL V . 22.89 12.91 9.74
GD GD W . -2.87 5.59 -1.00
GD GD X . 1.85 3.02 16.16
CHA HEM Y . -29.89 16.50 -1.64
CHB HEM Y . -29.21 17.31 3.11
CHC HEM Y . -30.61 21.92 2.33
CHD HEM Y . -32.11 20.83 -2.14
C1A HEM Y . -29.50 16.31 -0.31
C2A HEM Y . -28.80 15.17 0.28
C3A HEM Y . -28.63 15.41 1.58
C4A HEM Y . -29.20 16.70 1.88
CMA HEM Y . -27.95 14.50 2.63
CAA HEM Y . -28.34 13.89 -0.44
CBA HEM Y . -27.23 14.28 -1.42
CGA HEM Y . -26.18 13.21 -1.50
O1A HEM Y . -26.16 12.33 -0.61
O2A HEM Y . -25.36 13.25 -2.44
C1B HEM Y . -29.51 18.64 3.30
C2B HEM Y . -29.42 19.34 4.56
C3B HEM Y . -29.83 20.61 4.36
C4B HEM Y . -30.17 20.77 2.96
CMB HEM Y . -28.96 18.74 5.91
CAB HEM Y . -29.84 21.68 5.49
CBB HEM Y . -30.59 22.78 5.40
C1C HEM Y . -31.08 22.08 1.05
C2C HEM Y . -31.46 23.32 0.39
C3C HEM Y . -31.88 23.02 -0.86
C4C HEM Y . -31.78 21.57 -1.02
CMC HEM Y . -31.35 24.71 1.06
CAC HEM Y . -32.40 23.94 -1.98
CBC HEM Y . -32.96 25.14 -1.75
C1D HEM Y . -31.60 19.58 -2.42
C2D HEM Y . -31.62 18.90 -3.71
C3D HEM Y . -30.99 17.72 -3.57
C4D HEM Y . -30.56 17.57 -2.19
CMD HEM Y . -32.22 19.46 -5.01
CAD HEM Y . -30.82 16.70 -4.71
CBD HEM Y . -32.13 15.93 -4.63
CGD HEM Y . -32.70 15.45 -5.95
O1D HEM Y . -31.94 15.31 -6.94
O2D HEM Y . -33.94 15.21 -5.97
NA HEM Y . -29.70 17.22 0.71
NB HEM Y . -29.97 19.54 2.34
NC HEM Y . -31.29 21.05 0.16
ND HEM Y . -30.95 18.74 -1.52
FE HEM Y . -30.81 19.03 0.51
N1 H4B Z . -27.93 8.35 -1.56
C2 H4B Z . -27.48 9.61 -1.36
N2 H4B Z . -27.95 10.35 -0.34
N3 H4B Z . -26.56 10.14 -2.20
C4 H4B Z . -26.08 9.42 -3.24
O4 H4B Z . -25.23 9.91 -4.02
C4A H4B Z . -26.56 8.13 -3.46
C8A H4B Z . -27.50 7.60 -2.59
N5 H4B Z . -26.11 7.40 -4.49
N8 H4B Z . -27.98 6.34 -2.77
C6 H4B Z . -26.94 6.32 -4.97
C7 H4B Z . -27.50 5.47 -3.83
C9 H4B Z . -26.21 5.45 -5.99
O9 H4B Z . -25.02 4.88 -5.46
C10 H4B Z . -27.15 4.31 -6.39
C11 H4B Z . -26.50 3.43 -7.43
O10 H4B Z . -28.33 4.92 -6.88
C02 OU1 AA . -26.41 19.19 1.42
C03 OU1 AA . -27.05 20.37 1.09
C04 OU1 AA . -27.41 20.58 -0.23
C05 OU1 AA . -27.14 19.61 -1.20
C06 OU1 AA . -27.49 19.79 -2.53
C07 OU1 AA . -27.21 18.81 -3.47
C08 OU1 AA . -26.55 17.63 -3.11
C09 OU1 AA . -26.19 17.45 -1.78
C10 OU1 AA . -26.49 18.44 -0.83
C11 OU1 AA . -28.10 21.86 -0.61
C21 OU1 AA . -26.25 16.59 -4.16
C22 OU1 AA . -27.09 16.48 -5.28
C23 OU1 AA . -26.82 15.52 -6.26
C24 OU1 AA . -25.73 14.67 -6.15
C25 OU1 AA . -24.89 14.78 -5.05
C26 OU1 AA . -25.16 15.74 -4.06
C27 OU1 AA . -23.70 13.86 -4.93
C30 OU1 AA . -25.88 13.89 -8.46
C31 OU1 AA . -24.92 13.18 -9.42
C32 OU1 AA . -23.57 12.95 -8.72
C33 OU1 AA . -23.74 14.10 -9.72
N01 OU1 AA . -26.15 18.27 0.47
N02 OU1 AA . -26.05 18.94 2.70
O29 OU1 AA . -25.46 13.73 -7.11
N28 OU1 AA . -24.10 12.56 -4.30
C1 BTB BA . -0.08 4.47 12.07
O1 BTB BA . 0.66 5.44 11.32
C2 BTB BA . 0.71 3.92 13.24
C3 BTB BA . 0.10 2.55 13.51
O3 BTB BA . 0.33 1.90 14.81
C4 BTB BA . 2.15 3.79 12.78
O4 BTB BA . 2.95 3.00 13.67
N BTB BA . 0.58 4.85 14.39
C5 BTB BA . -0.83 5.08 14.74
C6 BTB BA . -1.11 4.46 16.10
O6 BTB BA . -0.09 4.87 17.01
C7 BTB BA . 1.28 6.14 14.22
C8 BTB BA . 2.46 6.24 15.20
O8 BTB BA . 2.08 5.77 16.50
C1 BTB CA . -4.33 -4.36 -1.51
O1 BTB CA . -3.63 -3.15 -1.82
C2 BTB CA . -4.68 -4.39 -0.04
C3 BTB CA . -3.97 -3.23 0.64
O3 BTB CA . -2.61 -3.57 0.91
C4 BTB CA . -6.17 -4.09 0.16
O4 BTB CA . -6.38 -3.49 1.45
N BTB CA . -4.22 -5.65 0.55
C5 BTB CA . -4.55 -6.87 -0.26
C6 BTB CA . -5.99 -7.24 -0.63
O6 BTB CA . -6.86 -7.28 0.52
C7 BTB CA . -4.61 -5.72 1.97
C8 BTB CA . -4.53 -7.13 2.54
O8 BTB CA . -3.22 -7.68 2.39
C1 BTB DA . -19.05 42.47 -25.64
O1 BTB DA . -19.97 43.33 -24.96
C2 BTB DA . -19.56 42.20 -27.06
C3 BTB DA . -21.07 42.01 -26.98
O3 BTB DA . -21.72 42.63 -28.11
C4 BTB DA . -19.24 43.43 -27.91
O4 BTB DA . -19.41 44.63 -27.13
N BTB DA . -18.87 40.98 -27.58
C5 BTB DA . -18.02 41.28 -28.75
C6 BTB DA . -16.56 40.98 -28.42
O6 BTB DA . -16.39 39.57 -28.21
C7 BTB DA . -19.80 39.90 -27.95
C8 BTB DA . -19.55 38.68 -27.07
O8 BTB DA . -18.16 38.32 -27.11
C1 GOL EA . -23.94 9.63 -7.64
O1 GOL EA . -24.99 10.22 -6.92
C2 GOL EA . -23.20 8.66 -6.74
O2 GOL EA . -23.44 8.98 -5.38
C3 GOL EA . -21.70 8.78 -7.02
O3 GOL EA . -21.02 7.77 -6.31
CL CL FA . -20.56 17.26 -0.98
ZN ZN GA . -39.79 2.00 -9.17
CHA HEM HA . -33.47 -13.08 0.76
CHB HEM HA . -28.81 -14.15 1.79
CHC HEM HA . -29.50 -18.63 0.17
CHD HEM HA . -33.84 -17.36 -1.52
C1A HEM HA . -32.18 -13.03 1.25
C2A HEM HA . -31.66 -11.98 2.10
C3A HEM HA . -30.38 -12.26 2.38
C4A HEM HA . -30.04 -13.52 1.75
CMA HEM HA . -29.39 -11.43 3.27
CAA HEM HA . -32.50 -10.75 2.56
CBA HEM HA . -33.31 -11.23 3.75
CGA HEM HA . -33.62 -10.13 4.72
O1A HEM HA . -33.02 -9.05 4.60
O2A HEM HA . -34.44 -10.33 5.64
C1B HEM HA . -28.57 -15.45 1.48
C2B HEM HA . -27.35 -16.21 1.72
C3B HEM HA . -27.54 -17.46 1.26
C4B HEM HA . -28.88 -17.52 0.72
CMB HEM HA . -26.05 -15.69 2.39
CAB HEM HA . -26.47 -18.58 1.35
CBB HEM HA . -26.47 -19.66 0.56
C1C HEM HA . -30.74 -18.69 -0.40
C2C HEM HA . -31.36 -19.89 -0.94
C3C HEM HA . -32.58 -19.54 -1.41
C4C HEM HA . -32.75 -18.11 -1.18
CMC HEM HA . -30.71 -21.29 -0.92
CAC HEM HA . -33.65 -20.40 -2.12
CBC HEM HA . -33.36 -21.61 -2.65
C1D HEM HA . -34.12 -16.10 -1.03
C2D HEM HA . -35.36 -15.41 -1.24
C3D HEM HA . -35.29 -14.21 -0.60
C4D HEM HA . -33.97 -14.10 0.00
CMD HEM HA . -36.55 -15.98 -2.05
CAD HEM HA . -36.42 -13.17 -0.62
CBD HEM HA . -36.23 -12.57 -2.01
CGD HEM HA . -37.39 -11.81 -2.60
O1D HEM HA . -38.47 -11.61 -1.94
O2D HEM HA . -37.18 -11.37 -3.77
NA HEM HA . -31.16 -13.96 1.06
NB HEM HA . -29.49 -16.29 0.86
NC HEM HA . -31.62 -17.63 -0.58
ND HEM HA . -33.28 -15.28 -0.27
FE HEM HA . -31.28 -15.66 -0.06
N1 H4B IA . -33.50 -4.94 3.10
C2 H4B IA . -33.36 -6.18 3.58
N2 H4B IA . -32.28 -6.90 3.17
N3 H4B IA . -34.24 -6.69 4.46
C4 H4B IA . -35.32 -5.98 4.86
O4 H4B IA . -36.14 -6.48 5.66
C4A H4B IA . -35.49 -4.69 4.36
C8A H4B IA . -34.55 -4.17 3.47
N5 H4B IA . -36.54 -3.92 4.71
N8 H4B IA . -34.66 -2.95 2.94
C6 H4B IA . -36.93 -2.84 3.84
C7 H4B IA . -35.73 -2.04 3.30
C9 H4B IA . -37.96 -1.96 4.52
O9 H4B IA . -37.51 -1.61 5.83
C10 H4B IA . -38.23 -0.72 3.67
C11 H4B IA . -39.37 0.12 4.25
O10 H4B IA . -38.56 -1.19 2.36
C02 OU1 JA . -30.55 -16.12 4.48
C03 OU1 JA . -30.81 -17.31 3.79
C04 OU1 JA . -32.05 -17.53 3.24
C05 OU1 JA . -33.03 -16.56 3.38
C06 OU1 JA . -34.29 -16.75 2.82
C07 OU1 JA . -35.25 -15.75 2.95
C08 OU1 JA . -34.99 -14.59 3.68
C09 OU1 JA . -33.73 -14.42 4.23
C10 OU1 JA . -32.75 -15.39 4.07
C11 OU1 JA . -32.33 -18.82 2.49
C21 OU1 JA . -36.03 -13.54 3.85
C22 OU1 JA . -36.94 -13.23 2.84
C23 OU1 JA . -37.91 -12.24 3.03
C24 OU1 JA . -37.96 -11.58 4.26
C25 OU1 JA . -37.06 -11.88 5.26
C26 OU1 JA . -36.11 -12.86 5.07
C27 OU1 JA . -37.15 -11.12 6.57
C30 OU1 JA . -40.27 -10.76 4.47
C31 OU1 JA . -40.83 -9.57 5.22
C32 OU1 JA . -41.81 -10.05 6.28
C33 OU1 JA . -42.33 -9.50 4.97
N01 OU1 JA . -31.52 -15.20 4.61
N02 OU1 JA . -29.34 -15.89 5.03
O29 OU1 JA . -38.86 -10.58 4.50
N28 OU1 JA . -36.65 -9.74 6.39
C1 BTB KA . -7.13 -8.74 26.95
O1 BTB KA . -6.09 -7.90 26.44
C2 BTB KA . -8.47 -8.03 26.78
C3 BTB KA . -8.40 -7.01 25.65
O3 BTB KA . -9.74 -6.58 25.40
C4 BTB KA . -9.54 -9.02 26.31
O4 BTB KA . -10.42 -9.46 27.35
N BTB KA . -8.86 -7.39 28.08
C5 BTB KA . -8.40 -5.99 28.20
C6 BTB KA . -9.66 -5.14 28.16
O6 BTB KA . -10.46 -5.43 29.30
C7 BTB KA . -8.57 -8.17 29.30
C8 BTB KA . -9.87 -8.73 29.85
O8 BTB KA . -10.87 -7.71 29.96
C1 BTB LA . -59.91 -34.17 10.89
O1 BTB LA . -60.84 -33.09 10.77
C2 BTB LA . -60.22 -35.17 9.78
C3 BTB LA . -61.68 -35.59 9.87
O3 BTB LA . -62.45 -34.63 9.15
C4 BTB LA . -60.07 -34.48 8.44
O4 BTB LA . -60.19 -33.06 8.66
N BTB LA . -59.29 -36.34 9.81
C5 BTB LA . -60.04 -37.61 9.69
C6 BTB LA . -59.39 -38.52 8.65
O6 BTB LA . -58.01 -38.71 9.01
C7 BTB LA . -58.42 -36.35 11.01
C8 BTB LA . -58.79 -37.43 12.01
O8 BTB LA . -57.72 -37.58 12.96
C1 GOL MA . -39.72 -6.64 6.85
O1 GOL MA . -39.08 -6.67 5.58
C2 GOL MA . -39.33 -5.36 7.57
O2 GOL MA . -38.10 -4.90 7.05
C3 GOL MA . -39.20 -5.62 9.06
O3 GOL MA . -39.05 -4.39 9.75
CL CL NA . -33.75 -14.27 10.15
GD GD OA . -11.49 -6.96 27.38
#